data_6SVO
#
_entry.id   6SVO
#
_cell.length_a   152.848
_cell.length_b   152.848
_cell.length_c   165.413
_cell.angle_alpha   90.000
_cell.angle_beta   90.000
_cell.angle_gamma   90.000
#
_symmetry.space_group_name_H-M   'P 41 21 2'
#
loop_
_entity.id
_entity.type
_entity.pdbx_description
1 polymer 'Glutamine--fructose-6-phosphate aminotransferase [isomerizing] 1'
2 non-polymer '2-DEOXY-2-AMINO GLUCITOL-6-PHOSPHATE'
3 non-polymer 'GLUTAMIC ACID'
4 water water
#
_entity_poly.entity_id   1
_entity_poly.type   'polypeptide(L)'
_entity_poly.pdbx_seq_one_letter_code
;MCGIFAYLNYHVPRTRREILETLIKGLQRLEYRGYDSAGVGFDGGNDKDWEANACKIQLIKKKGKVKALDEEVHKQQDMD
LDIEFDVHLGIAHTRWATHGEPSPVNSHPQRSDKNNEFIVIHNGIITNYKDLKKFLESKGYDFESETDTETIAKLVKYMY
DNRESQDTSFTTLVERVIQQLEGAFALVFKSVHFPGQAVGTRRGSPLLIGVRSEHKLSTDHIPILYRTGKDKKGSCNLSR
VD(SEP)TTCLFPVEEKAVEYYFASDASAVIEHTNRVIFLEDDDVAAVVDGRLSIHRIKRTAGHHHHHHDHPGRAVQTLQ
MELQQIMKGNFSSFMQKEIFEQPESVVNTMRGRVNFDDYTVNLGGLKDHIKEIQRCRRLILIACGTSYHAGVATRQVLEE
LTELPVMVELASDFLDRNTPVFRDDVCFFLSQSGETADTLMGLRYCKERGALTVGITNTVGSSISRETDCGVHINAGPEI
GVASTKAYTSQFVSLVMFALMMCDDRISMQERRKEIMLGLKRLPDLIKEVLSMDDEIQKLATELYHQKSVLIMGRGYHYA
TCLEGALKIKEITYMHSEGILAGELKHGPLALVDKLMPVIMIIMRDHTYAKCQNALQQVVARQGRPVVICDKEDTETIKN
TKRTIKVPHSVDCLQGILSVIPLQLLAFHLAVLRGYDVDFPRNLAKSVTVE
;
_entity_poly.pdbx_strand_id   A,B
#
loop_
_chem_comp.id
_chem_comp.type
_chem_comp.name
_chem_comp.formula
AGP non-polymer '2-DEOXY-2-AMINO GLUCITOL-6-PHOSPHATE' 'C6 H16 N O8 P'
#
# COMPACT_ATOMS: atom_id res chain seq x y z
N CYS A 2 13.91 -26.62 13.71
CA CYS A 2 13.74 -25.17 13.86
C CYS A 2 14.89 -24.58 14.67
N GLY A 3 15.27 -25.28 15.73
CA GLY A 3 16.39 -24.87 16.55
C GLY A 3 17.40 -26.00 16.72
N ILE A 4 18.67 -25.70 16.48
CA ILE A 4 19.75 -26.69 16.58
C ILE A 4 20.75 -26.22 17.63
N PHE A 5 21.19 -27.15 18.47
CA PHE A 5 22.24 -26.87 19.43
C PHE A 5 22.97 -28.18 19.74
N ALA A 6 24.29 -28.16 19.63
CA ALA A 6 25.12 -29.30 20.00
C ALA A 6 26.33 -28.79 20.77
N TYR A 7 26.71 -29.52 21.82
CA TYR A 7 27.79 -29.14 22.71
C TYR A 7 28.83 -30.24 22.71
N LEU A 8 30.06 -29.91 22.32
CA LEU A 8 31.17 -30.86 22.26
C LEU A 8 32.24 -30.41 23.24
N ASN A 9 32.39 -31.15 24.32
CA ASN A 9 33.48 -30.94 25.27
C ASN A 9 34.59 -31.93 24.96
N TYR A 10 35.78 -31.41 24.64
CA TYR A 10 36.93 -32.23 24.28
C TYR A 10 38.01 -32.04 25.32
N HIS A 11 38.26 -33.07 26.13
CA HIS A 11 39.23 -33.00 27.22
C HIS A 11 38.92 -31.84 28.16
N VAL A 12 37.65 -31.48 28.24
CA VAL A 12 37.11 -30.63 29.29
C VAL A 12 36.12 -31.45 30.09
N PRO A 13 36.54 -32.04 31.22
CA PRO A 13 35.66 -32.98 31.93
C PRO A 13 34.31 -32.36 32.29
N ARG A 14 33.25 -33.08 31.94
CA ARG A 14 31.89 -32.69 32.29
C ARG A 14 31.11 -33.93 32.67
N THR A 15 30.28 -33.80 33.70
CA THR A 15 29.39 -34.88 34.06
C THR A 15 28.20 -34.94 33.10
N ARG A 16 27.50 -36.07 33.11
CA ARG A 16 26.31 -36.21 32.28
C ARG A 16 25.27 -35.16 32.64
N ARG A 17 25.12 -34.87 33.94
CA ARG A 17 24.22 -33.80 34.36
C ARG A 17 24.58 -32.49 33.69
N GLU A 18 25.85 -32.09 33.79
CA GLU A 18 26.27 -30.81 33.23
C GLU A 18 26.06 -30.77 31.72
N ILE A 19 26.29 -31.88 31.04
CA ILE A 19 26.09 -31.92 29.59
C ILE A 19 24.61 -31.73 29.27
N LEU A 20 23.74 -32.46 29.98
CA LEU A 20 22.31 -32.36 29.73
C LEU A 20 21.78 -30.97 30.09
N GLU A 21 22.24 -30.40 31.21
CA GLU A 21 21.84 -29.04 31.55
C GLU A 21 22.28 -28.05 30.49
N THR A 22 23.42 -28.30 29.84
CA THR A 22 23.88 -27.41 28.78
C THR A 22 23.01 -27.53 27.55
N LEU A 23 22.62 -28.75 27.18
CA LEU A 23 21.75 -28.93 26.03
C LEU A 23 20.39 -28.28 26.25
N ILE A 24 19.79 -28.53 27.42
CA ILE A 24 18.49 -27.92 27.73
C ILE A 24 18.59 -26.41 27.68
N LYS A 25 19.59 -25.85 28.36
CA LYS A 25 19.77 -24.41 28.36
C LYS A 25 19.93 -23.87 26.94
N GLY A 26 20.57 -24.64 26.06
CA GLY A 26 20.70 -24.22 24.67
C GLY A 26 19.35 -24.11 23.98
N LEU A 27 18.49 -25.10 24.17
CA LEU A 27 17.18 -25.06 23.54
C LEU A 27 16.32 -23.95 24.12
N GLN A 28 16.53 -23.58 25.38
CA GLN A 28 15.76 -22.50 25.98
C GLN A 28 16.01 -21.18 25.26
N ARG A 29 17.22 -20.99 24.72
CA ARG A 29 17.51 -19.79 23.93
C ARG A 29 16.87 -19.83 22.55
N LEU A 30 16.31 -20.98 22.15
CA LEU A 30 15.74 -21.14 20.82
C LEU A 30 14.22 -21.24 20.83
N GLU A 31 13.60 -21.27 22.00
CA GLU A 31 12.15 -21.44 22.07
C GLU A 31 11.40 -20.31 21.40
N TYR A 32 11.97 -19.10 21.41
CA TYR A 32 11.24 -17.93 20.92
C TYR A 32 10.88 -18.06 19.44
N ARG A 33 11.54 -18.96 18.71
CA ARG A 33 11.21 -19.19 17.31
C ARG A 33 9.95 -20.03 17.13
N GLY A 34 9.45 -20.67 18.19
CA GLY A 34 8.28 -21.51 18.10
C GLY A 34 8.64 -22.95 17.80
N TYR A 35 7.90 -23.90 18.36
CA TYR A 35 8.21 -25.32 18.21
C TYR A 35 7.08 -26.12 18.84
N ASP A 36 7.03 -27.40 18.48
CA ASP A 36 6.02 -28.32 19.00
C ASP A 36 6.62 -29.54 19.69
N SER A 37 7.95 -29.68 19.67
CA SER A 37 8.60 -30.85 20.26
C SER A 37 10.10 -30.60 20.27
N ALA A 38 10.79 -31.35 21.14
CA ALA A 38 12.22 -31.23 21.27
C ALA A 38 12.80 -32.56 21.74
N GLY A 39 14.10 -32.72 21.53
CA GLY A 39 14.78 -33.94 21.95
C GLY A 39 16.27 -33.71 22.05
N VAL A 40 16.94 -34.67 22.70
CA VAL A 40 18.37 -34.63 22.88
C VAL A 40 18.96 -36.01 22.55
N GLY A 41 20.23 -36.00 22.18
CA GLY A 41 20.96 -37.22 21.94
C GLY A 41 22.32 -37.19 22.62
N PHE A 42 22.64 -38.26 23.36
CA PHE A 42 23.85 -38.28 24.16
C PHE A 42 24.28 -39.72 24.38
N ASP A 43 25.52 -39.87 24.85
CA ASP A 43 26.06 -41.19 25.13
C ASP A 43 25.39 -41.79 26.37
N GLY A 44 24.87 -43.00 26.22
CA GLY A 44 24.29 -43.74 27.33
C GLY A 44 25.33 -44.58 28.04
N GLY A 45 24.83 -45.56 28.79
CA GLY A 45 25.71 -46.43 29.55
C GLY A 45 26.19 -45.80 30.83
N ASN A 46 26.43 -46.62 31.86
CA ASN A 46 26.82 -46.13 33.18
C ASN A 46 28.15 -46.74 33.62
N ASP A 47 29.02 -47.06 32.66
CA ASP A 47 30.37 -47.48 33.00
C ASP A 47 31.19 -46.26 33.44
N LYS A 48 31.82 -46.38 34.61
CA LYS A 48 32.52 -45.23 35.16
C LYS A 48 33.59 -44.69 34.22
N ASP A 49 34.15 -45.55 33.36
CA ASP A 49 35.13 -45.11 32.37
C ASP A 49 34.39 -44.60 31.15
N TRP A 50 34.46 -43.29 30.91
CA TRP A 50 33.73 -42.68 29.80
C TRP A 50 34.11 -43.27 28.45
N GLU A 51 35.28 -43.90 28.35
CA GLU A 51 35.75 -44.39 27.07
C GLU A 51 34.95 -45.58 26.57
N ALA A 52 34.37 -46.37 27.49
CA ALA A 52 33.61 -47.55 27.10
C ALA A 52 32.16 -47.25 26.76
N ASN A 53 31.63 -46.12 27.23
CA ASN A 53 30.24 -45.76 26.97
C ASN A 53 30.04 -45.08 25.63
N ALA A 54 31.08 -44.97 24.81
CA ALA A 54 31.00 -44.25 23.54
C ALA A 54 30.31 -45.06 22.45
N CYS A 55 29.80 -46.25 22.75
CA CYS A 55 29.14 -47.10 21.77
C CYS A 55 27.64 -47.27 22.08
N LYS A 56 27.07 -46.40 22.89
CA LYS A 56 25.67 -46.52 23.31
C LYS A 56 25.06 -45.12 23.29
N ILE A 57 24.38 -44.79 22.20
CA ILE A 57 23.74 -43.48 22.05
C ILE A 57 22.32 -43.56 22.61
N GLN A 58 22.01 -42.70 23.57
CA GLN A 58 20.69 -42.61 24.16
C GLN A 58 19.95 -41.41 23.60
N LEU A 59 18.65 -41.55 23.40
CA LEU A 59 17.80 -40.49 22.90
C LEU A 59 16.67 -40.24 23.88
N ILE A 60 16.33 -38.97 24.08
CA ILE A 60 15.18 -38.57 24.89
C ILE A 60 14.47 -37.48 24.10
N LYS A 61 13.38 -37.86 23.43
CA LYS A 61 12.60 -36.94 22.62
C LYS A 61 11.17 -36.92 23.16
N LYS A 62 10.49 -35.79 22.98
CA LYS A 62 9.17 -35.64 23.55
C LYS A 62 8.43 -34.50 22.85
N LYS A 63 7.12 -34.68 22.71
CA LYS A 63 6.26 -33.62 22.22
C LYS A 63 5.87 -32.71 23.37
N GLY A 64 6.04 -31.41 23.18
CA GLY A 64 5.70 -30.43 24.18
C GLY A 64 6.80 -29.39 24.30
N LYS A 65 6.80 -28.69 25.42
CA LYS A 65 7.75 -27.63 25.67
C LYS A 65 9.04 -28.19 26.28
N VAL A 66 10.11 -27.41 26.12
CA VAL A 66 11.44 -27.84 26.59
C VAL A 66 11.40 -28.16 28.08
N LYS A 67 10.57 -27.43 28.85
CA LYS A 67 10.46 -27.72 30.28
C LYS A 67 10.07 -29.17 30.52
N ALA A 68 9.08 -29.66 29.76
CA ALA A 68 8.68 -31.06 29.90
C ALA A 68 9.83 -31.99 29.53
N LEU A 69 10.61 -31.63 28.52
CA LEU A 69 11.77 -32.43 28.16
C LEU A 69 12.78 -32.49 29.31
N ASP A 70 13.01 -31.35 29.97
CA ASP A 70 13.93 -31.32 31.10
C ASP A 70 13.45 -32.26 32.21
N GLU A 71 12.15 -32.27 32.49
CA GLU A 71 11.60 -33.17 33.49
C GLU A 71 11.82 -34.63 33.09
N GLU A 72 11.65 -34.94 31.81
CA GLU A 72 11.87 -36.30 31.34
C GLU A 72 13.32 -36.72 31.48
N VAL A 73 14.26 -35.78 31.33
CA VAL A 73 15.67 -36.11 31.44
C VAL A 73 16.00 -36.57 32.86
N HIS A 74 15.75 -35.70 33.85
CA HIS A 74 16.01 -36.04 35.23
C HIS A 74 15.10 -37.15 35.75
N LYS A 75 14.09 -37.55 34.98
CA LYS A 75 13.17 -38.61 35.38
C LYS A 75 13.54 -39.92 34.67
N GLN A 76 14.76 -40.38 34.94
CA GLN A 76 15.30 -41.60 34.33
C GLN A 76 15.94 -42.43 35.44
N GLN A 77 15.29 -43.53 35.82
CA GLN A 77 15.79 -44.34 36.91
C GLN A 77 17.04 -45.12 36.52
N ASP A 78 17.18 -45.48 35.25
CA ASP A 78 18.30 -46.28 34.77
C ASP A 78 19.46 -45.45 34.25
N MET A 79 19.49 -44.15 34.54
CA MET A 79 20.52 -43.25 34.03
C MET A 79 21.24 -42.59 35.20
N ASP A 80 22.56 -42.72 35.23
CA ASP A 80 23.39 -42.11 36.25
C ASP A 80 23.95 -40.80 35.71
N LEU A 81 23.62 -39.70 36.37
CA LEU A 81 23.99 -38.37 35.90
C LEU A 81 25.39 -37.95 36.36
N ASP A 82 26.08 -38.78 37.13
CA ASP A 82 27.35 -38.40 37.73
C ASP A 82 28.57 -38.88 36.95
N ILE A 83 28.38 -39.68 35.89
CA ILE A 83 29.53 -40.14 35.12
C ILE A 83 30.22 -38.95 34.48
N GLU A 84 31.53 -38.87 34.64
CA GLU A 84 32.33 -37.79 34.07
C GLU A 84 32.84 -38.20 32.70
N PHE A 85 32.63 -37.34 31.72
CA PHE A 85 33.09 -37.55 30.35
C PHE A 85 34.21 -36.56 30.04
N ASP A 86 35.41 -37.09 29.78
CA ASP A 86 36.49 -36.22 29.30
C ASP A 86 36.18 -35.72 27.90
N VAL A 87 35.60 -36.58 27.06
CA VAL A 87 35.19 -36.23 25.71
C VAL A 87 33.75 -36.67 25.52
N HIS A 88 32.94 -35.81 24.90
CA HIS A 88 31.54 -36.15 24.67
C HIS A 88 30.94 -35.16 23.69
N LEU A 89 29.97 -35.65 22.91
CA LEU A 89 29.17 -34.82 22.01
C LEU A 89 27.70 -35.05 22.31
N GLY A 90 27.01 -33.99 22.70
CA GLY A 90 25.56 -34.00 22.87
C GLY A 90 24.92 -33.09 21.85
N ILE A 91 23.75 -33.49 21.36
CA ILE A 91 23.02 -32.71 20.36
C ILE A 91 21.58 -32.55 20.83
N ALA A 92 20.97 -31.43 20.43
CA ALA A 92 19.63 -31.09 20.87
C ALA A 92 18.91 -30.36 19.74
N HIS A 93 17.58 -30.38 19.80
CA HIS A 93 16.79 -29.86 18.69
C HIS A 93 15.39 -29.51 19.15
N THR A 94 14.89 -28.38 18.67
CA THR A 94 13.48 -28.02 18.78
C THR A 94 12.87 -28.08 17.38
N ARG A 95 11.71 -28.72 17.27
CA ARG A 95 11.11 -29.04 15.99
C ARG A 95 9.88 -28.18 15.74
N TRP A 96 9.76 -27.67 14.51
CA TRP A 96 8.52 -27.08 14.01
C TRP A 96 8.02 -28.01 12.91
N ALA A 97 7.05 -28.85 13.25
CA ALA A 97 6.66 -29.95 12.38
C ALA A 97 6.25 -29.46 10.99
N THR A 98 6.73 -30.15 9.97
CA THR A 98 6.31 -29.93 8.60
C THR A 98 5.87 -31.26 7.98
N HIS A 99 6.71 -32.28 8.08
CA HIS A 99 6.42 -33.62 7.59
C HIS A 99 6.26 -34.55 8.78
N GLY A 100 5.06 -35.09 8.96
CA GLY A 100 4.76 -35.90 10.11
C GLY A 100 4.24 -35.08 11.27
N GLU A 101 3.17 -35.54 11.91
CA GLU A 101 2.57 -34.77 13.00
C GLU A 101 3.49 -34.76 14.21
N PRO A 102 3.36 -33.75 15.08
CA PRO A 102 4.18 -33.72 16.29
C PRO A 102 3.96 -34.96 17.14
N SER A 103 5.06 -35.59 17.55
CA SER A 103 5.01 -36.82 18.31
C SER A 103 6.42 -37.18 18.74
N PRO A 104 6.57 -38.10 19.70
CA PRO A 104 7.92 -38.53 20.08
C PRO A 104 8.68 -39.17 18.93
N VAL A 105 8.02 -40.00 18.13
CA VAL A 105 8.69 -40.68 17.03
C VAL A 105 9.12 -39.69 15.95
N ASN A 106 8.31 -38.67 15.70
CA ASN A 106 8.63 -37.66 14.69
C ASN A 106 9.52 -36.55 15.22
N SER A 107 9.97 -36.63 16.46
CA SER A 107 10.87 -35.63 17.02
C SER A 107 12.32 -35.99 16.69
N HIS A 108 13.20 -34.99 16.82
CA HIS A 108 14.61 -35.17 16.58
C HIS A 108 15.36 -35.38 17.89
N PRO A 109 16.53 -36.03 17.87
CA PRO A 109 17.25 -36.55 16.69
C PRO A 109 16.59 -37.77 16.05
N GLN A 110 16.64 -37.84 14.72
CA GLN A 110 16.23 -39.05 14.02
C GLN A 110 17.41 -40.01 13.95
N ARG A 111 17.11 -41.31 14.07
CA ARG A 111 18.13 -42.35 14.14
C ARG A 111 18.18 -43.15 12.85
N SER A 112 19.27 -43.87 12.67
CA SER A 112 19.47 -44.69 11.49
C SER A 112 19.04 -46.14 11.67
N ASP A 113 18.86 -46.59 12.90
CA ASP A 113 18.46 -47.97 13.18
C ASP A 113 18.10 -48.07 14.65
N LYS A 114 17.62 -49.25 15.06
CA LYS A 114 17.19 -49.46 16.43
C LYS A 114 18.35 -49.38 17.43
N ASN A 115 19.59 -49.45 16.96
CA ASN A 115 20.75 -49.32 17.82
C ASN A 115 21.37 -47.93 17.80
N ASN A 116 20.78 -46.99 17.06
CA ASN A 116 21.22 -45.59 17.06
C ASN A 116 22.67 -45.46 16.61
N GLU A 117 23.04 -46.16 15.53
CA GLU A 117 24.40 -46.04 15.02
C GLU A 117 24.66 -44.63 14.51
N PHE A 118 23.65 -43.99 13.91
CA PHE A 118 23.76 -42.61 13.46
C PHE A 118 22.51 -41.86 13.87
N ILE A 119 22.69 -40.63 14.34
CA ILE A 119 21.58 -39.74 14.65
C ILE A 119 21.86 -38.37 14.07
N VAL A 120 20.80 -37.62 13.78
CA VAL A 120 20.93 -36.34 13.10
C VAL A 120 19.78 -35.44 13.54
N ILE A 121 20.08 -34.16 13.71
CA ILE A 121 19.09 -33.12 13.94
C ILE A 121 19.07 -32.22 12.73
N HIS A 122 17.88 -31.75 12.35
CA HIS A 122 17.68 -31.13 11.05
C HIS A 122 16.75 -29.93 11.17
N ASN A 123 17.18 -28.81 10.58
CA ASN A 123 16.31 -27.65 10.38
C ASN A 123 16.06 -27.50 8.88
N GLY A 124 14.80 -27.61 8.48
CA GLY A 124 14.45 -27.42 7.09
C GLY A 124 13.61 -28.55 6.51
N ILE A 125 13.67 -28.72 5.20
CA ILE A 125 12.84 -29.68 4.49
C ILE A 125 13.66 -30.29 3.36
N ILE A 126 13.67 -31.61 3.27
CA ILE A 126 14.29 -32.33 2.15
C ILE A 126 13.20 -32.57 1.11
N THR A 127 13.32 -31.90 -0.04
CA THR A 127 12.28 -31.96 -1.05
C THR A 127 12.12 -33.37 -1.60
N ASN A 128 13.23 -34.00 -1.98
CA ASN A 128 13.18 -35.32 -2.62
C ASN A 128 13.16 -36.45 -1.61
N TYR A 129 12.57 -36.21 -0.43
CA TYR A 129 12.53 -37.26 0.59
C TYR A 129 11.67 -38.44 0.15
N LYS A 130 10.73 -38.25 -0.77
CA LYS A 130 9.96 -39.36 -1.30
C LYS A 130 10.85 -40.33 -2.07
N ASP A 131 11.56 -39.82 -3.08
CA ASP A 131 12.44 -40.67 -3.88
C ASP A 131 13.48 -41.36 -2.99
N LEU A 132 14.08 -40.62 -2.07
CA LEU A 132 15.12 -41.19 -1.22
C LEU A 132 14.57 -42.29 -0.33
N LYS A 133 13.34 -42.13 0.18
CA LYS A 133 12.75 -43.16 1.01
C LYS A 133 12.54 -44.46 0.23
N LYS A 134 12.01 -44.34 -1.00
CA LYS A 134 11.81 -45.53 -1.83
C LYS A 134 13.13 -46.28 -2.04
N PHE A 135 14.19 -45.53 -2.38
CA PHE A 135 15.47 -46.17 -2.66
C PHE A 135 15.99 -46.92 -1.43
N LEU A 136 15.94 -46.27 -0.26
CA LEU A 136 16.46 -46.92 0.94
C LEU A 136 15.60 -48.10 1.38
N GLU A 137 14.30 -48.06 1.07
CA GLU A 137 13.45 -49.21 1.37
C GLU A 137 13.76 -50.38 0.45
N SER A 138 14.13 -50.11 -0.81
CA SER A 138 14.48 -51.18 -1.73
C SER A 138 15.80 -51.83 -1.34
N LYS A 139 16.70 -51.07 -0.71
CA LYS A 139 17.97 -51.61 -0.24
C LYS A 139 17.87 -52.23 1.16
N GLY A 140 16.67 -52.29 1.74
CA GLY A 140 16.46 -52.99 2.98
C GLY A 140 16.60 -52.13 4.23
N TYR A 141 16.02 -50.93 4.19
CA TYR A 141 16.00 -50.04 5.35
C TYR A 141 14.56 -49.71 5.67
N ASP A 142 14.16 -49.97 6.92
CA ASP A 142 12.79 -49.77 7.35
C ASP A 142 12.66 -48.46 8.10
N PHE A 143 11.67 -47.66 7.72
CA PHE A 143 11.42 -46.35 8.31
C PHE A 143 10.35 -46.45 9.38
N GLU A 144 10.51 -45.67 10.45
CA GLU A 144 9.58 -45.68 11.58
C GLU A 144 8.85 -44.35 11.78
N SER A 145 9.25 -43.29 11.06
CA SER A 145 8.64 -41.98 11.23
C SER A 145 8.13 -41.48 9.88
N GLU A 146 7.24 -40.48 9.94
CA GLU A 146 6.73 -39.81 8.76
C GLU A 146 7.52 -38.55 8.42
N THR A 147 8.69 -38.35 9.01
CA THR A 147 9.46 -37.15 8.78
C THR A 147 10.40 -37.33 7.60
N ASP A 148 10.57 -36.26 6.82
CA ASP A 148 11.59 -36.26 5.78
C ASP A 148 12.98 -36.44 6.38
N THR A 149 13.18 -36.03 7.64
CA THR A 149 14.50 -36.08 8.26
C THR A 149 15.03 -37.51 8.34
N GLU A 150 14.15 -38.49 8.54
CA GLU A 150 14.61 -39.86 8.74
C GLU A 150 15.42 -40.36 7.55
N THR A 151 15.10 -39.89 6.35
CA THR A 151 15.87 -40.30 5.17
C THR A 151 17.34 -39.91 5.31
N ILE A 152 17.63 -38.84 6.05
CA ILE A 152 19.00 -38.41 6.24
C ILE A 152 19.76 -39.39 7.12
N ALA A 153 19.12 -39.84 8.21
CA ALA A 153 19.77 -40.79 9.10
C ALA A 153 19.96 -42.15 8.42
N LYS A 154 18.96 -42.60 7.68
CA LYS A 154 19.07 -43.89 6.99
C LYS A 154 20.08 -43.82 5.87
N LEU A 155 20.20 -42.68 5.19
CA LEU A 155 21.10 -42.59 4.04
C LEU A 155 22.55 -42.57 4.47
N VAL A 156 22.86 -41.91 5.59
CA VAL A 156 24.26 -41.86 6.03
C VAL A 156 24.72 -43.24 6.46
N LYS A 157 23.81 -44.08 6.98
CA LYS A 157 24.18 -45.46 7.26
C LYS A 157 24.33 -46.28 5.99
N TYR A 158 23.57 -45.94 4.94
CA TYR A 158 23.75 -46.60 3.66
C TYR A 158 25.14 -46.34 3.10
N MET A 159 25.61 -45.09 3.19
CA MET A 159 26.96 -44.78 2.75
C MET A 159 27.99 -45.48 3.63
N TYR A 160 27.76 -45.51 4.93
CA TYR A 160 28.66 -46.23 5.83
C TYR A 160 28.68 -47.72 5.51
N ASP A 161 27.49 -48.32 5.33
CA ASP A 161 27.41 -49.74 5.02
C ASP A 161 28.05 -50.07 3.68
N ASN A 162 28.18 -49.10 2.77
CA ASN A 162 28.75 -49.32 1.46
C ASN A 162 30.05 -48.54 1.27
N ARG A 163 30.79 -48.34 2.36
CA ARG A 163 32.08 -47.67 2.27
C ARG A 163 33.13 -48.61 1.68
N GLU A 164 34.07 -48.03 0.93
CA GLU A 164 35.08 -48.84 0.25
C GLU A 164 36.16 -49.32 1.21
N SER A 165 36.62 -48.45 2.10
CA SER A 165 37.65 -48.79 3.07
C SER A 165 37.07 -48.71 4.48
N GLN A 166 37.67 -49.49 5.39
CA GLN A 166 37.20 -49.52 6.77
C GLN A 166 37.39 -48.19 7.48
N ASP A 167 38.19 -47.27 6.92
CA ASP A 167 38.53 -46.03 7.59
C ASP A 167 38.13 -44.81 6.75
N THR A 168 36.96 -44.86 6.13
CA THR A 168 36.43 -43.69 5.45
C THR A 168 35.96 -42.67 6.47
N SER A 169 36.27 -41.40 6.22
CA SER A 169 36.04 -40.36 7.21
C SER A 169 34.55 -40.08 7.37
N PHE A 170 34.18 -39.62 8.58
CA PHE A 170 32.81 -39.17 8.81
C PHE A 170 32.42 -38.09 7.81
N THR A 171 33.35 -37.20 7.47
CA THR A 171 33.08 -36.14 6.51
C THR A 171 32.70 -36.72 5.16
N THR A 172 33.48 -37.68 4.66
CA THR A 172 33.20 -38.25 3.35
C THR A 172 31.79 -38.82 3.29
N LEU A 173 31.36 -39.51 4.35
CA LEU A 173 30.01 -40.05 4.38
C LEU A 173 28.97 -38.93 4.24
N VAL A 174 29.12 -37.86 5.01
CA VAL A 174 28.15 -36.77 4.98
C VAL A 174 28.17 -36.08 3.63
N GLU A 175 29.35 -35.90 3.04
CA GLU A 175 29.43 -35.32 1.71
C GLU A 175 28.56 -36.10 0.72
N ARG A 176 28.67 -37.43 0.75
CA ARG A 176 27.87 -38.26 -0.14
C ARG A 176 26.38 -38.15 0.17
N VAL A 177 26.03 -37.92 1.43
CA VAL A 177 24.62 -37.74 1.79
C VAL A 177 24.09 -36.46 1.16
N ILE A 178 24.74 -35.32 1.43
CA ILE A 178 24.22 -34.03 0.96
C ILE A 178 24.20 -33.96 -0.55
N GLN A 179 25.11 -34.67 -1.22
CA GLN A 179 25.09 -34.71 -2.68
C GLN A 179 23.85 -35.40 -3.23
N GLN A 180 23.10 -36.11 -2.39
CA GLN A 180 21.85 -36.74 -2.80
C GLN A 180 20.62 -36.01 -2.26
N LEU A 181 20.79 -35.08 -1.33
CA LEU A 181 19.68 -34.34 -0.75
C LEU A 181 19.32 -33.15 -1.62
N GLU A 182 18.04 -32.80 -1.62
CA GLU A 182 17.55 -31.63 -2.34
C GLU A 182 16.67 -30.81 -1.41
N GLY A 183 16.88 -29.50 -1.43
CA GLY A 183 16.09 -28.61 -0.60
C GLY A 183 16.92 -27.74 0.32
N ALA A 184 16.42 -27.49 1.52
CA ALA A 184 17.13 -26.67 2.50
C ALA A 184 17.36 -27.49 3.76
N PHE A 185 18.51 -27.29 4.40
CA PHE A 185 18.80 -28.06 5.59
C PHE A 185 19.97 -27.46 6.35
N ALA A 186 19.92 -27.58 7.67
CA ALA A 186 21.08 -27.45 8.54
C ALA A 186 21.13 -28.71 9.39
N LEU A 187 22.31 -29.34 9.44
CA LEU A 187 22.43 -30.68 10.00
C LEU A 187 23.61 -30.77 10.97
N VAL A 188 23.43 -31.61 11.99
CA VAL A 188 24.50 -32.03 12.88
C VAL A 188 24.39 -33.54 13.04
N PHE A 189 25.48 -34.24 12.80
CA PHE A 189 25.51 -35.70 12.85
C PHE A 189 26.29 -36.19 14.07
N LYS A 190 25.90 -37.35 14.56
CA LYS A 190 26.63 -38.06 15.62
C LYS A 190 26.52 -39.55 15.33
N SER A 191 27.57 -40.30 15.68
CA SER A 191 27.60 -41.73 15.38
C SER A 191 28.50 -42.46 16.36
N VAL A 192 28.12 -43.70 16.68
CA VAL A 192 28.95 -44.55 17.52
C VAL A 192 30.24 -44.95 16.82
N HIS A 193 30.26 -44.94 15.48
CA HIS A 193 31.45 -45.31 14.73
C HIS A 193 32.47 -44.19 14.66
N PHE A 194 32.13 -42.99 15.13
CA PHE A 194 33.05 -41.86 15.18
C PHE A 194 32.89 -41.15 16.53
N PRO A 195 33.21 -41.85 17.62
CA PRO A 195 32.91 -41.31 18.96
C PRO A 195 33.64 -40.01 19.21
N GLY A 196 32.92 -39.05 19.77
CA GLY A 196 33.46 -37.74 20.07
C GLY A 196 33.54 -36.79 18.90
N GLN A 197 33.23 -37.24 17.70
CA GLN A 197 33.32 -36.42 16.50
C GLN A 197 31.96 -35.81 16.18
N ALA A 198 31.99 -34.66 15.51
CA ALA A 198 30.79 -33.98 15.06
C ALA A 198 30.99 -33.55 13.61
N VAL A 199 29.90 -33.58 12.85
CA VAL A 199 29.89 -33.06 11.49
C VAL A 199 28.68 -32.16 11.33
N GLY A 200 28.92 -30.93 10.91
CA GLY A 200 27.85 -29.98 10.63
C GLY A 200 27.92 -29.50 9.19
N THR A 201 26.74 -29.36 8.58
CA THR A 201 26.67 -28.87 7.21
C THR A 201 25.32 -28.17 7.00
N ARG A 202 25.28 -27.27 6.04
CA ARG A 202 24.09 -26.49 5.77
C ARG A 202 23.93 -26.26 4.28
N ARG A 203 22.68 -26.00 3.88
CA ARG A 203 22.37 -25.51 2.54
C ARG A 203 21.05 -24.77 2.64
N GLY A 204 21.09 -23.44 2.60
CA GLY A 204 19.89 -22.65 2.72
C GLY A 204 19.34 -22.52 4.11
N SER A 205 20.15 -22.79 5.14
CA SER A 205 19.69 -22.64 6.51
C SER A 205 20.90 -22.30 7.39
N PRO A 206 20.74 -21.41 8.37
CA PRO A 206 21.92 -20.96 9.14
C PRO A 206 22.48 -22.05 10.04
N LEU A 207 23.81 -22.13 10.08
CA LEU A 207 24.51 -22.98 11.03
C LEU A 207 25.85 -22.34 11.36
N LEU A 208 26.12 -22.17 12.65
CA LEU A 208 27.36 -21.57 13.12
C LEU A 208 27.99 -22.48 14.17
N ILE A 209 29.26 -22.19 14.49
CA ILE A 209 30.03 -22.95 15.47
C ILE A 209 30.72 -21.98 16.39
N GLY A 210 30.40 -22.04 17.68
CA GLY A 210 31.17 -21.33 18.68
C GLY A 210 32.31 -22.18 19.22
N VAL A 211 33.34 -21.50 19.73
CA VAL A 211 34.54 -22.17 20.23
C VAL A 211 35.02 -21.47 21.49
N ARG A 212 35.48 -22.26 22.46
CA ARG A 212 36.04 -21.73 23.69
C ARG A 212 37.18 -22.63 24.16
N SER A 213 38.29 -22.01 24.55
CA SER A 213 39.40 -22.74 25.13
C SER A 213 40.24 -21.77 25.94
N GLU A 214 40.74 -22.22 27.08
CA GLU A 214 41.66 -21.39 27.86
C GLU A 214 43.04 -21.30 27.22
N HIS A 215 43.27 -22.04 26.13
CA HIS A 215 44.55 -22.06 25.45
C HIS A 215 44.46 -21.31 24.13
N LYS A 216 45.61 -20.88 23.63
CA LYS A 216 45.66 -20.19 22.35
C LYS A 216 45.17 -21.11 21.24
N LEU A 217 44.41 -20.54 20.32
CA LEU A 217 43.92 -21.30 19.17
C LEU A 217 44.88 -21.15 17.99
N SER A 218 44.90 -22.16 17.13
CA SER A 218 45.87 -22.23 16.06
C SER A 218 45.69 -21.12 15.03
N THR A 219 44.48 -20.60 14.89
CA THR A 219 44.21 -19.63 13.84
C THR A 219 42.87 -18.97 14.11
N ASP A 220 42.65 -17.82 13.45
CA ASP A 220 41.35 -17.17 13.40
C ASP A 220 40.74 -17.19 12.01
N HIS A 221 41.31 -17.98 11.10
CA HIS A 221 40.82 -18.07 9.73
C HIS A 221 41.02 -19.51 9.26
N ILE A 222 39.95 -20.30 9.28
CA ILE A 222 40.01 -21.71 8.93
C ILE A 222 40.05 -21.84 7.41
N PRO A 223 41.11 -22.39 6.83
CA PRO A 223 41.13 -22.59 5.37
C PRO A 223 40.26 -23.77 4.96
N ILE A 224 39.66 -23.64 3.78
CA ILE A 224 38.82 -24.70 3.23
C ILE A 224 39.72 -25.80 2.66
N LEU A 225 39.24 -27.03 2.78
CA LEU A 225 39.94 -28.20 2.24
C LEU A 225 39.07 -28.84 1.16
N TYR A 226 39.67 -29.13 0.01
CA TYR A 226 38.97 -29.68 -1.13
C TYR A 226 39.37 -31.13 -1.35
N ARG A 227 38.49 -31.87 -2.00
CA ARG A 227 38.73 -33.28 -2.30
C ARG A 227 39.30 -33.44 -3.71
N ARG A 240 44.81 -32.89 2.58
CA ARG A 240 45.57 -33.25 3.77
C ARG A 240 45.11 -32.43 4.97
N VAL A 241 44.68 -33.12 6.03
CA VAL A 241 44.22 -32.49 7.25
C VAL A 241 45.36 -32.57 8.26
N ASP A 242 46.15 -31.50 8.34
CA ASP A 242 47.26 -31.43 9.28
C ASP A 242 47.19 -30.15 10.11
N SEP A 243 48.20 -29.93 10.95
CA SEP A 243 48.17 -28.86 11.94
CB SEP A 243 49.41 -28.97 12.84
OG SEP A 243 49.41 -30.21 13.55
C SEP A 243 48.12 -27.45 11.35
O SEP A 243 47.88 -26.48 12.08
P SEP A 243 50.84 -30.93 13.44
O1P SEP A 243 50.79 -32.35 14.21
O2P SEP A 243 51.22 -31.17 11.90
O3P SEP A 243 51.96 -29.98 14.12
H SEP A 243 48.92 -30.39 10.96
HA SEP A 243 47.38 -28.98 12.51
HB2 SEP A 243 49.41 -28.25 13.48
HB3 SEP A 243 50.20 -28.93 12.30
N THR A 244 48.33 -27.32 10.05
CA THR A 244 48.35 -26.01 9.40
C THR A 244 47.03 -25.69 8.70
N THR A 245 46.04 -26.55 8.86
CA THR A 245 44.81 -26.47 8.08
C THR A 245 43.54 -26.46 8.92
N CYS A 246 43.60 -26.58 10.24
CA CYS A 246 42.41 -26.69 11.05
C CYS A 246 42.56 -25.87 12.33
N LEU A 247 41.46 -25.76 13.06
CA LEU A 247 41.39 -24.99 14.28
C LEU A 247 41.51 -25.91 15.48
N PHE A 248 42.36 -25.54 16.44
CA PHE A 248 42.58 -26.36 17.62
C PHE A 248 43.41 -25.60 18.65
N PRO A 249 43.29 -25.95 19.94
CA PRO A 249 44.21 -25.38 20.92
C PRO A 249 45.64 -25.87 20.69
N VAL A 250 46.59 -24.96 20.81
CA VAL A 250 47.96 -25.21 20.37
C VAL A 250 48.67 -26.16 21.33
N GLU A 251 48.94 -25.71 22.55
CA GLU A 251 49.79 -26.46 23.47
C GLU A 251 49.05 -27.54 24.23
N GLU A 252 47.72 -27.54 24.22
CA GLU A 252 46.95 -28.52 24.98
C GLU A 252 45.71 -28.91 24.17
N LYS A 253 45.01 -29.94 24.66
CA LYS A 253 43.86 -30.49 23.95
C LYS A 253 42.54 -29.80 24.31
N ALA A 254 42.43 -29.29 25.53
CA ALA A 254 41.14 -28.83 26.05
C ALA A 254 40.50 -27.79 25.13
N VAL A 255 39.24 -28.03 24.78
CA VAL A 255 38.50 -27.10 23.92
C VAL A 255 37.03 -27.49 23.99
N GLU A 256 36.16 -26.52 23.71
CA GLU A 256 34.72 -26.75 23.65
C GLU A 256 34.17 -26.15 22.36
N TYR A 257 33.29 -26.91 21.70
CA TYR A 257 32.63 -26.46 20.48
C TYR A 257 31.13 -26.40 20.70
N TYR A 258 30.49 -25.40 20.10
CA TYR A 258 29.04 -25.22 20.18
C TYR A 258 28.49 -25.04 18.78
N PHE A 259 27.83 -26.07 18.26
CA PHE A 259 27.05 -25.92 17.03
C PHE A 259 25.70 -25.31 17.36
N ALA A 260 25.21 -24.42 16.49
CA ALA A 260 23.92 -23.81 16.72
C ALA A 260 23.41 -23.18 15.43
N SER A 261 22.09 -23.13 15.29
CA SER A 261 21.43 -22.45 14.20
C SER A 261 21.14 -20.99 14.52
N ASP A 262 21.43 -20.55 15.75
CA ASP A 262 21.16 -19.19 16.19
C ASP A 262 22.19 -18.83 17.24
N ALA A 263 22.86 -17.68 17.07
CA ALA A 263 23.91 -17.29 18.00
C ALA A 263 23.40 -17.09 19.41
N SER A 264 22.08 -16.92 19.59
CA SER A 264 21.52 -16.72 20.91
C SER A 264 21.76 -17.90 21.84
N ALA A 265 22.00 -19.09 21.29
CA ALA A 265 22.28 -20.27 22.10
C ALA A 265 23.76 -20.44 22.42
N VAL A 266 24.63 -19.62 21.82
CA VAL A 266 26.06 -19.74 22.01
C VAL A 266 26.64 -18.60 22.86
N ILE A 267 26.01 -17.43 22.85
CA ILE A 267 26.69 -16.21 23.28
C ILE A 267 27.06 -16.26 24.76
N GLU A 268 26.28 -16.98 25.58
CA GLU A 268 26.58 -17.05 27.00
C GLU A 268 27.85 -17.84 27.29
N HIS A 269 28.23 -18.76 26.40
CA HIS A 269 29.45 -19.54 26.59
C HIS A 269 30.65 -18.88 25.93
N THR A 270 30.46 -18.33 24.73
CA THR A 270 31.56 -17.75 23.97
C THR A 270 30.99 -16.78 22.95
N ASN A 271 31.81 -15.81 22.55
CA ASN A 271 31.47 -14.88 21.47
C ASN A 271 32.34 -15.08 20.25
N ARG A 272 33.11 -16.17 20.19
CA ARG A 272 33.92 -16.51 19.02
C ARG A 272 33.19 -17.56 18.21
N VAL A 273 32.76 -17.20 17.00
CA VAL A 273 31.90 -18.05 16.20
C VAL A 273 32.41 -18.14 14.77
N ILE A 274 32.07 -19.24 14.11
CA ILE A 274 32.32 -19.44 12.68
C ILE A 274 30.98 -19.66 12.00
N PHE A 275 30.64 -18.79 11.05
CA PHE A 275 29.42 -18.93 10.27
C PHE A 275 29.71 -19.78 9.05
N LEU A 276 29.12 -20.96 9.00
CA LEU A 276 29.27 -21.84 7.84
C LEU A 276 28.46 -21.31 6.67
N GLU A 277 28.90 -21.66 5.46
CA GLU A 277 28.24 -21.27 4.23
C GLU A 277 27.70 -22.51 3.52
N ASP A 278 26.91 -22.28 2.48
CA ASP A 278 26.26 -23.37 1.76
C ASP A 278 27.27 -24.42 1.32
N ASP A 279 26.95 -25.68 1.61
CA ASP A 279 27.73 -26.85 1.21
C ASP A 279 29.04 -26.99 1.97
N ASP A 280 29.28 -26.17 2.99
CA ASP A 280 30.38 -26.44 3.91
C ASP A 280 30.08 -27.69 4.72
N VAL A 281 31.10 -28.52 4.91
CA VAL A 281 31.02 -29.69 5.78
C VAL A 281 32.07 -29.50 6.86
N ALA A 282 31.63 -29.05 8.04
CA ALA A 282 32.53 -28.82 9.16
C ALA A 282 32.60 -30.08 10.01
N ALA A 283 33.81 -30.48 10.39
CA ALA A 283 34.03 -31.70 11.14
C ALA A 283 34.97 -31.44 12.31
N VAL A 284 34.68 -32.07 13.45
CA VAL A 284 35.55 -32.06 14.61
C VAL A 284 36.09 -33.48 14.77
N VAL A 285 37.39 -33.65 14.52
CA VAL A 285 38.06 -34.94 14.65
C VAL A 285 39.22 -34.75 15.61
N ASP A 286 39.25 -35.55 16.68
CA ASP A 286 40.26 -35.42 17.73
C ASP A 286 40.30 -34.00 18.26
N GLY A 287 39.12 -33.40 18.43
CA GLY A 287 39.03 -32.06 18.98
C GLY A 287 39.52 -30.95 18.08
N ARG A 288 39.73 -31.23 16.79
CA ARG A 288 40.21 -30.24 15.84
C ARG A 288 39.15 -29.99 14.78
N LEU A 289 38.86 -28.72 14.52
CA LEU A 289 37.79 -28.32 13.62
C LEU A 289 38.36 -28.01 12.24
N SER A 290 37.88 -28.72 11.23
CA SER A 290 38.25 -28.48 9.85
C SER A 290 36.99 -28.34 9.01
N ILE A 291 37.10 -27.60 7.92
CA ILE A 291 35.97 -27.29 7.05
C ILE A 291 36.31 -27.78 5.65
N HIS A 292 35.51 -28.72 5.15
CA HIS A 292 35.75 -29.36 3.87
C HIS A 292 34.73 -28.87 2.85
N ARG A 293 35.09 -29.02 1.57
CA ARG A 293 34.26 -28.52 0.48
C ARG A 293 34.60 -29.30 -0.78
N ILE A 294 33.58 -29.63 -1.55
CA ILE A 294 33.79 -30.38 -2.79
C ILE A 294 34.23 -29.43 -3.90
N ASP A 306 46.21 -16.64 -3.04
CA ASP A 306 44.89 -16.56 -2.41
C ASP A 306 44.48 -17.92 -1.86
N HIS A 307 43.44 -17.93 -1.04
CA HIS A 307 42.96 -19.16 -0.42
C HIS A 307 41.68 -18.89 0.37
N PRO A 308 40.53 -19.40 -0.07
CA PRO A 308 39.30 -19.13 0.68
C PRO A 308 39.30 -19.82 2.04
N GLY A 309 38.60 -19.21 2.98
CA GLY A 309 38.50 -19.76 4.33
C GLY A 309 37.35 -19.13 5.08
N ARG A 310 37.15 -19.61 6.30
CA ARG A 310 36.08 -19.15 7.17
C ARG A 310 36.69 -18.48 8.40
N ALA A 311 36.24 -17.27 8.70
CA ALA A 311 36.81 -16.48 9.77
C ALA A 311 36.20 -16.86 11.12
N VAL A 312 37.05 -16.88 12.15
CA VAL A 312 36.60 -16.88 13.53
C VAL A 312 36.42 -15.44 13.94
N GLN A 313 35.17 -15.01 14.11
CA GLN A 313 34.88 -13.60 14.38
C GLN A 313 34.23 -13.45 15.75
N THR A 314 34.29 -12.23 16.27
CA THR A 314 33.79 -11.89 17.58
C THR A 314 32.43 -11.22 17.43
N LEU A 315 31.40 -11.80 18.07
CA LEU A 315 30.09 -11.18 18.11
C LEU A 315 30.02 -10.23 19.29
N GLN A 316 29.38 -9.07 19.07
CA GLN A 316 29.15 -8.09 20.12
C GLN A 316 27.84 -8.34 20.86
N MET A 317 27.27 -9.53 20.72
CA MET A 317 26.02 -9.89 21.35
C MET A 317 26.24 -10.30 22.81
N GLU A 318 25.27 -9.99 23.66
CA GLU A 318 25.34 -10.31 25.08
C GLU A 318 24.06 -11.03 25.50
N LEU A 319 24.21 -11.94 26.47
CA LEU A 319 23.06 -12.70 26.96
C LEU A 319 21.95 -11.77 27.42
N GLN A 320 22.30 -10.66 28.07
CA GLN A 320 21.30 -9.73 28.57
C GLN A 320 20.41 -9.22 27.45
N GLN A 321 20.92 -9.19 26.21
CA GLN A 321 20.13 -8.68 25.09
C GLN A 321 19.00 -9.61 24.67
N ILE A 322 18.97 -10.85 25.15
CA ILE A 322 17.93 -11.80 24.79
C ILE A 322 17.14 -12.26 26.02
N MET A 323 17.17 -11.48 27.09
CA MET A 323 16.44 -11.78 28.32
C MET A 323 15.40 -10.69 28.55
N LYS A 324 14.25 -11.09 29.10
CA LYS A 324 13.19 -10.13 29.34
C LYS A 324 13.61 -9.07 30.37
N GLY A 325 14.43 -9.47 31.34
CA GLY A 325 14.78 -8.54 32.41
C GLY A 325 13.63 -8.39 33.38
N ASN A 326 13.29 -7.14 33.69
CA ASN A 326 12.14 -6.85 34.55
C ASN A 326 10.84 -6.75 33.78
N PHE A 327 10.88 -6.76 32.44
CA PHE A 327 9.68 -6.67 31.64
C PHE A 327 8.96 -8.01 31.62
N SER A 328 7.63 -7.95 31.48
CA SER A 328 6.81 -9.14 31.47
C SER A 328 6.73 -9.81 30.10
N SER A 329 7.20 -9.14 29.06
CA SER A 329 7.21 -9.71 27.72
C SER A 329 8.35 -9.11 26.92
N PHE A 330 8.75 -9.82 25.86
CA PHE A 330 9.77 -9.28 24.97
C PHE A 330 9.23 -8.13 24.13
N MET A 331 7.94 -8.15 23.80
CA MET A 331 7.34 -7.02 23.10
C MET A 331 7.44 -5.75 23.95
N GLN A 332 7.08 -5.86 25.22
CA GLN A 332 7.16 -4.70 26.11
C GLN A 332 8.59 -4.19 26.23
N LYS A 333 9.54 -5.11 26.46
CA LYS A 333 10.94 -4.73 26.56
C LYS A 333 11.40 -3.99 25.31
N GLU A 334 11.20 -4.60 24.15
CA GLU A 334 11.77 -4.05 22.92
C GLU A 334 11.10 -2.76 22.50
N ILE A 335 9.87 -2.51 22.94
CA ILE A 335 9.26 -1.19 22.73
C ILE A 335 9.90 -0.16 23.65
N PHE A 336 9.95 -0.47 24.96
CA PHE A 336 10.36 0.52 25.95
C PHE A 336 11.86 0.76 25.96
N GLU A 337 12.67 -0.15 25.40
CA GLU A 337 14.11 0.06 25.29
C GLU A 337 14.49 0.81 24.02
N GLN A 338 13.51 1.26 23.24
CA GLN A 338 13.84 1.95 21.99
C GLN A 338 14.68 3.21 22.18
N PRO A 339 14.60 3.93 23.30
CA PRO A 339 15.59 5.01 23.51
C PRO A 339 17.01 4.49 23.46
N GLU A 340 17.24 3.30 24.01
CA GLU A 340 18.58 2.71 24.00
C GLU A 340 18.94 2.14 22.63
N SER A 341 18.00 1.46 21.97
CA SER A 341 18.31 0.85 20.68
C SER A 341 18.59 1.90 19.61
N VAL A 342 17.86 3.01 19.65
CA VAL A 342 18.16 4.11 18.72
C VAL A 342 19.58 4.62 18.97
N VAL A 343 19.98 4.76 20.23
CA VAL A 343 21.34 5.20 20.54
C VAL A 343 22.36 4.20 20.03
N ASN A 344 22.09 2.91 20.22
CA ASN A 344 23.01 1.88 19.73
C ASN A 344 23.14 1.94 18.21
N THR A 345 22.04 2.25 17.51
CA THR A 345 22.09 2.35 16.06
C THR A 345 23.00 3.48 15.60
N MET A 346 23.09 4.56 16.36
CA MET A 346 23.88 5.73 15.98
C MET A 346 25.31 5.68 16.49
N ARG A 347 25.63 4.79 17.42
CA ARG A 347 26.93 4.82 18.07
C ARG A 347 28.06 4.65 17.05
N GLY A 348 29.09 5.47 17.19
CA GLY A 348 30.23 5.42 16.28
C GLY A 348 29.94 5.88 14.87
N ARG A 349 28.74 6.37 14.60
CA ARG A 349 28.34 6.75 13.25
C ARG A 349 27.92 8.20 13.13
N VAL A 350 27.44 8.81 14.21
CA VAL A 350 27.04 10.22 14.21
C VAL A 350 27.94 10.96 15.19
N ASN A 351 28.51 12.06 14.73
CA ASN A 351 29.32 12.94 15.57
C ASN A 351 28.54 14.26 15.66
N PHE A 352 27.86 14.46 16.79
CA PHE A 352 27.17 15.73 17.01
C PHE A 352 28.14 16.86 17.29
N ASP A 353 29.40 16.54 17.61
CA ASP A 353 30.39 17.57 17.89
C ASP A 353 30.65 18.43 16.66
N ASP A 354 30.65 17.82 15.47
CA ASP A 354 30.90 18.56 14.24
C ASP A 354 29.92 18.21 13.12
N TYR A 355 28.79 17.60 13.46
CA TYR A 355 27.70 17.35 12.51
C TYR A 355 28.20 16.55 11.30
N THR A 356 28.79 15.39 11.58
CA THR A 356 29.24 14.47 10.55
C THR A 356 28.63 13.10 10.77
N VAL A 357 28.49 12.36 9.68
CA VAL A 357 27.91 11.02 9.71
C VAL A 357 28.86 10.08 8.96
N ASN A 358 29.14 8.92 9.56
CA ASN A 358 30.07 7.96 8.97
C ASN A 358 29.53 6.56 9.21
N LEU A 359 29.08 5.91 8.15
CA LEU A 359 28.68 4.50 8.20
C LEU A 359 29.84 3.68 7.68
N GLY A 360 30.62 3.11 8.59
CA GLY A 360 31.82 2.39 8.21
C GLY A 360 31.59 1.30 7.19
N GLY A 361 30.41 0.69 7.22
CA GLY A 361 30.09 -0.38 6.28
C GLY A 361 29.99 0.07 4.83
N LEU A 362 29.96 1.37 4.58
CA LEU A 362 29.82 1.90 3.23
C LEU A 362 31.07 2.67 2.76
N LYS A 363 32.15 2.61 3.53
CA LYS A 363 33.32 3.43 3.22
C LYS A 363 33.84 3.15 1.82
N ASP A 364 33.97 1.87 1.45
CA ASP A 364 34.55 1.47 0.18
C ASP A 364 33.55 1.49 -0.97
N HIS A 365 32.33 1.96 -0.74
CA HIS A 365 31.31 1.99 -1.78
C HIS A 365 30.52 3.29 -1.86
N ILE A 366 30.66 4.19 -0.89
CA ILE A 366 29.89 5.44 -0.93
C ILE A 366 30.20 6.21 -2.20
N LYS A 367 31.44 6.13 -2.70
CA LYS A 367 31.81 6.85 -3.92
C LYS A 367 31.01 6.35 -5.10
N GLU A 368 30.97 5.02 -5.30
CA GLU A 368 30.19 4.46 -6.39
C GLU A 368 28.70 4.78 -6.23
N ILE A 369 28.19 4.68 -5.00
CA ILE A 369 26.75 4.88 -4.77
C ILE A 369 26.34 6.28 -5.21
N GLN A 370 27.20 7.27 -4.98
CA GLN A 370 26.86 8.64 -5.33
C GLN A 370 26.90 8.88 -6.84
N ARG A 371 27.54 8.00 -7.60
CA ARG A 371 27.54 8.08 -9.06
C ARG A 371 26.35 7.35 -9.68
N CYS A 372 25.57 6.62 -8.90
CA CYS A 372 24.42 5.91 -9.44
C CYS A 372 23.25 6.87 -9.63
N ARG A 373 22.21 6.37 -10.30
CA ARG A 373 21.11 7.21 -10.77
C ARG A 373 19.76 6.85 -10.16
N ARG A 374 19.66 5.80 -9.36
CA ARG A 374 18.37 5.45 -8.77
C ARG A 374 18.59 4.59 -7.54
N LEU A 375 17.77 4.83 -6.51
CA LEU A 375 17.72 4.00 -5.33
C LEU A 375 16.46 3.14 -5.38
N ILE A 376 16.61 1.85 -5.11
CA ILE A 376 15.48 0.93 -5.00
C ILE A 376 15.54 0.27 -3.64
N LEU A 377 14.47 0.41 -2.86
CA LEU A 377 14.37 -0.22 -1.55
C LEU A 377 13.43 -1.42 -1.67
N ILE A 378 13.92 -2.59 -1.27
CA ILE A 378 13.22 -3.86 -1.46
C ILE A 378 13.14 -4.57 -0.11
N ALA A 379 11.93 -4.94 0.29
CA ALA A 379 11.72 -5.54 1.61
C ALA A 379 10.31 -6.08 1.71
N CYS A 380 10.04 -6.80 2.80
CA CYS A 380 8.73 -7.33 3.12
C CYS A 380 8.21 -6.75 4.43
N GLY A 381 6.89 -6.65 4.53
CA GLY A 381 6.26 -6.34 5.82
C GLY A 381 6.74 -5.03 6.41
N THR A 382 7.05 -5.06 7.71
CA THR A 382 7.45 -3.84 8.41
C THR A 382 8.74 -3.26 7.84
N SER A 383 9.67 -4.11 7.40
CA SER A 383 10.88 -3.60 6.77
C SER A 383 10.54 -2.77 5.53
N TYR A 384 9.51 -3.18 4.79
CA TYR A 384 9.04 -2.35 3.66
C TYR A 384 8.53 -1.00 4.15
N HIS A 385 7.77 -1.00 5.25
CA HIS A 385 7.30 0.26 5.81
C HIS A 385 8.45 1.19 6.18
N ALA A 386 9.59 0.63 6.59
CA ALA A 386 10.76 1.47 6.88
C ALA A 386 11.19 2.22 5.63
N GLY A 387 11.08 1.59 4.46
CA GLY A 387 11.39 2.29 3.22
C GLY A 387 10.39 3.40 2.94
N VAL A 388 9.10 3.10 3.07
CA VAL A 388 8.06 4.12 2.88
C VAL A 388 8.28 5.28 3.84
N ALA A 389 8.72 4.97 5.06
CA ALA A 389 8.88 6.00 6.09
C ALA A 389 10.04 6.94 5.80
N THR A 390 11.01 6.52 5.00
CA THR A 390 12.18 7.34 4.70
C THR A 390 12.30 7.69 3.23
N ARG A 391 11.32 7.30 2.40
CA ARG A 391 11.41 7.59 0.97
C ARG A 391 11.57 9.08 0.71
N GLN A 392 10.80 9.91 1.41
CA GLN A 392 10.80 11.34 1.12
C GLN A 392 12.15 11.98 1.43
N VAL A 393 12.70 11.70 2.61
CA VAL A 393 13.97 12.32 2.97
C VAL A 393 15.09 11.79 2.09
N LEU A 394 15.00 10.54 1.64
CA LEU A 394 15.98 10.02 0.69
C LEU A 394 15.90 10.75 -0.64
N GLU A 395 14.68 10.98 -1.14
CA GLU A 395 14.51 11.78 -2.36
C GLU A 395 15.07 13.19 -2.17
N GLU A 396 14.77 13.81 -1.04
CA GLU A 396 15.20 15.19 -0.79
C GLU A 396 16.72 15.30 -0.77
N LEU A 397 17.37 14.45 0.03
CA LEU A 397 18.80 14.61 0.28
C LEU A 397 19.67 13.97 -0.80
N THR A 398 19.20 12.91 -1.47
CA THR A 398 19.96 12.36 -2.59
C THR A 398 19.59 13.00 -3.91
N GLU A 399 18.37 13.53 -4.03
CA GLU A 399 17.84 14.08 -5.28
C GLU A 399 17.70 13.02 -6.36
N LEU A 400 17.84 11.76 -6.02
CA LEU A 400 17.69 10.66 -6.95
C LEU A 400 16.27 10.11 -6.89
N PRO A 401 15.80 9.48 -7.97
CA PRO A 401 14.56 8.70 -7.87
C PRO A 401 14.70 7.61 -6.82
N VAL A 402 13.68 7.49 -5.96
CA VAL A 402 13.65 6.48 -4.91
C VAL A 402 12.39 5.64 -5.12
N MET A 403 12.59 4.36 -5.40
CA MET A 403 11.49 3.42 -5.63
C MET A 403 11.47 2.42 -4.48
N VAL A 404 10.30 2.25 -3.86
CA VAL A 404 10.12 1.33 -2.74
C VAL A 404 9.24 0.18 -3.20
N GLU A 405 9.74 -1.04 -3.03
CA GLU A 405 9.12 -2.22 -3.63
C GLU A 405 8.88 -3.30 -2.57
N LEU A 406 7.69 -3.87 -2.58
CA LEU A 406 7.43 -5.09 -1.83
C LEU A 406 8.09 -6.26 -2.56
N ALA A 407 8.92 -7.01 -1.84
CA ALA A 407 9.79 -8.00 -2.48
C ALA A 407 8.99 -9.01 -3.30
N SER A 408 7.85 -9.47 -2.77
CA SER A 408 7.08 -10.49 -3.48
C SER A 408 6.58 -9.98 -4.82
N ASP A 409 6.11 -8.72 -4.86
CA ASP A 409 5.63 -8.13 -6.10
C ASP A 409 6.79 -7.76 -7.03
N PHE A 410 7.90 -7.30 -6.46
CA PHE A 410 9.10 -7.04 -7.23
C PHE A 410 9.49 -8.24 -8.07
N LEU A 411 9.40 -9.44 -7.49
CA LEU A 411 9.77 -10.65 -8.22
C LEU A 411 8.73 -11.02 -9.26
N ASP A 412 7.44 -10.91 -8.91
CA ASP A 412 6.38 -11.32 -9.83
C ASP A 412 6.43 -10.54 -11.13
N ARG A 413 6.86 -9.28 -11.10
CA ARG A 413 6.77 -8.42 -12.27
C ARG A 413 8.04 -8.44 -13.13
N ASN A 414 9.12 -9.08 -12.68
CA ASN A 414 10.39 -9.02 -13.36
C ASN A 414 10.82 -7.57 -13.57
N THR A 415 10.86 -6.85 -12.46
CA THR A 415 11.05 -5.41 -12.50
C THR A 415 12.37 -5.07 -13.22
N PRO A 416 12.38 -4.07 -14.11
CA PRO A 416 13.64 -3.68 -14.75
C PRO A 416 14.64 -3.12 -13.75
N VAL A 417 15.85 -3.67 -13.78
CA VAL A 417 16.97 -3.21 -12.96
C VAL A 417 18.18 -3.03 -13.86
N PHE A 418 19.02 -2.05 -13.52
CA PHE A 418 20.13 -1.67 -14.36
C PHE A 418 21.42 -1.58 -13.55
N ARG A 419 22.54 -1.49 -14.27
CA ARG A 419 23.86 -1.50 -13.62
C ARG A 419 24.08 -0.29 -12.75
N ASP A 420 23.42 0.84 -13.03
CA ASP A 420 23.59 2.04 -12.24
C ASP A 420 22.47 2.23 -11.22
N ASP A 421 21.76 1.16 -10.88
CA ASP A 421 20.81 1.17 -9.77
C ASP A 421 21.53 0.81 -8.49
N VAL A 422 21.16 1.47 -7.39
CA VAL A 422 21.57 1.09 -6.05
C VAL A 422 20.35 0.47 -5.37
N CYS A 423 20.47 -0.81 -5.01
CA CYS A 423 19.35 -1.56 -4.46
C CYS A 423 19.62 -1.86 -3.00
N PHE A 424 18.70 -1.42 -2.13
CA PHE A 424 18.77 -1.66 -0.70
C PHE A 424 17.83 -2.79 -0.32
N PHE A 425 18.29 -3.66 0.57
CA PHE A 425 17.52 -4.82 1.00
C PHE A 425 17.39 -4.76 2.52
N LEU A 426 16.19 -4.40 2.98
CA LEU A 426 15.93 -4.18 4.39
C LEU A 426 15.38 -5.47 4.99
N SER A 427 16.05 -5.98 6.01
CA SER A 427 15.66 -7.27 6.59
C SER A 427 16.27 -7.39 7.98
N GLN A 428 15.42 -7.40 9.00
CA GLN A 428 15.90 -7.65 10.37
C GLN A 428 16.64 -8.97 10.45
N SER A 429 16.02 -10.05 9.95
CA SER A 429 16.61 -11.38 10.04
C SER A 429 17.71 -11.59 9.02
N GLY A 430 17.66 -10.89 7.89
CA GLY A 430 18.60 -11.12 6.81
C GLY A 430 18.43 -12.45 6.11
N GLU A 431 17.26 -13.09 6.24
CA GLU A 431 17.02 -14.39 5.63
C GLU A 431 15.69 -14.49 4.90
N THR A 432 14.86 -13.46 4.94
CA THR A 432 13.54 -13.52 4.31
C THR A 432 13.66 -13.91 2.85
N ALA A 433 12.92 -14.96 2.46
CA ALA A 433 13.12 -15.59 1.17
C ALA A 433 12.96 -14.60 0.02
N ASP A 434 11.82 -13.90 -0.02
CA ASP A 434 11.55 -13.01 -1.14
C ASP A 434 12.57 -11.88 -1.21
N THR A 435 12.92 -11.30 -0.07
CA THR A 435 13.94 -10.25 -0.06
C THR A 435 15.27 -10.79 -0.55
N LEU A 436 15.65 -11.98 -0.09
CA LEU A 436 16.92 -12.58 -0.52
C LEU A 436 16.91 -12.88 -2.02
N MET A 437 15.79 -13.39 -2.53
CA MET A 437 15.70 -13.66 -3.97
C MET A 437 15.68 -12.37 -4.77
N GLY A 438 15.08 -11.31 -4.24
CA GLY A 438 15.22 -10.01 -4.88
C GLY A 438 16.65 -9.54 -4.94
N LEU A 439 17.42 -9.81 -3.88
CA LEU A 439 18.84 -9.48 -3.89
C LEU A 439 19.57 -10.20 -5.02
N ARG A 440 19.38 -11.52 -5.12
CA ARG A 440 20.06 -12.27 -6.17
C ARG A 440 19.58 -11.86 -7.55
N TYR A 441 18.30 -11.48 -7.67
CA TYR A 441 17.81 -10.93 -8.93
C TYR A 441 18.61 -9.68 -9.33
N CYS A 442 18.79 -8.75 -8.38
CA CYS A 442 19.46 -7.49 -8.70
C CYS A 442 20.95 -7.70 -8.97
N LYS A 443 21.58 -8.64 -8.27
CA LYS A 443 23.00 -8.90 -8.52
C LYS A 443 23.23 -9.40 -9.94
N GLU A 444 22.35 -10.28 -10.43
CA GLU A 444 22.52 -10.81 -11.78
C GLU A 444 22.47 -9.70 -12.82
N ARG A 445 21.78 -8.60 -12.53
CA ARG A 445 21.64 -7.50 -13.47
C ARG A 445 22.68 -6.40 -13.26
N GLY A 446 23.65 -6.62 -12.39
CA GLY A 446 24.77 -5.72 -12.24
C GLY A 446 24.54 -4.55 -11.31
N ALA A 447 23.45 -4.54 -10.53
CA ALA A 447 23.17 -3.44 -9.63
C ALA A 447 24.10 -3.49 -8.42
N LEU A 448 24.38 -2.32 -7.86
CA LEU A 448 25.09 -2.21 -6.60
C LEU A 448 24.11 -2.51 -5.47
N THR A 449 24.42 -3.52 -4.65
CA THR A 449 23.49 -4.01 -3.64
C THR A 449 23.98 -3.65 -2.25
N VAL A 450 23.05 -3.25 -1.39
CA VAL A 450 23.34 -2.76 -0.05
C VAL A 450 22.39 -3.44 0.92
N GLY A 451 22.95 -4.02 1.98
CA GLY A 451 22.18 -4.73 2.99
C GLY A 451 21.97 -3.90 4.23
N ILE A 452 20.72 -3.75 4.64
CA ILE A 452 20.37 -3.11 5.90
C ILE A 452 19.78 -4.18 6.81
N THR A 453 20.62 -4.77 7.65
CA THR A 453 20.26 -5.97 8.39
C THR A 453 20.51 -5.77 9.87
N ASN A 454 20.03 -6.76 10.65
CA ASN A 454 20.22 -6.77 12.10
C ASN A 454 20.70 -8.13 12.60
N THR A 455 21.24 -8.96 11.70
CA THR A 455 21.68 -10.31 12.05
C THR A 455 23.02 -10.58 11.38
N VAL A 456 24.09 -10.60 12.18
CA VAL A 456 25.41 -10.85 11.65
C VAL A 456 25.47 -12.26 11.09
N GLY A 457 26.16 -12.41 9.96
CA GLY A 457 26.27 -13.70 9.30
C GLY A 457 25.09 -14.08 8.45
N SER A 458 24.03 -13.27 8.41
CA SER A 458 22.84 -13.63 7.66
C SER A 458 23.12 -13.56 6.16
N SER A 459 22.24 -14.21 5.39
CA SER A 459 22.45 -14.33 3.96
C SER A 459 22.50 -12.96 3.28
N ILE A 460 21.63 -12.04 3.69
CA ILE A 460 21.54 -10.75 3.00
C ILE A 460 22.75 -9.87 3.33
N SER A 461 23.32 -10.02 4.53
CA SER A 461 24.51 -9.24 4.86
C SER A 461 25.74 -9.77 4.13
N ARG A 462 25.76 -11.07 3.83
CA ARG A 462 26.91 -11.66 3.13
C ARG A 462 26.90 -11.38 1.65
N GLU A 463 25.74 -11.52 1.01
CA GLU A 463 25.65 -11.50 -0.44
C GLU A 463 25.52 -10.09 -1.04
N THR A 464 25.31 -9.07 -0.22
CA THR A 464 25.31 -7.71 -0.71
C THR A 464 26.74 -7.20 -0.84
N ASP A 465 26.93 -6.28 -1.79
CA ASP A 465 28.26 -5.70 -2.00
C ASP A 465 28.74 -5.01 -0.72
N CYS A 466 27.83 -4.38 0.00
CA CYS A 466 28.15 -3.71 1.26
C CYS A 466 26.86 -3.67 2.09
N GLY A 467 26.97 -3.18 3.31
CA GLY A 467 25.79 -3.15 4.16
C GLY A 467 26.02 -2.37 5.43
N VAL A 468 24.94 -2.22 6.19
CA VAL A 468 24.94 -1.54 7.47
C VAL A 468 24.22 -2.43 8.46
N HIS A 469 24.89 -2.78 9.56
CA HIS A 469 24.25 -3.47 10.66
C HIS A 469 23.57 -2.45 11.55
N ILE A 470 22.23 -2.54 11.67
CA ILE A 470 21.50 -1.50 12.38
C ILE A 470 21.75 -1.56 13.88
N ASN A 471 22.27 -2.68 14.38
CA ASN A 471 22.77 -2.76 15.75
C ASN A 471 21.70 -2.38 16.78
N ALA A 472 20.49 -2.87 16.57
CA ALA A 472 19.41 -2.69 17.54
C ALA A 472 19.39 -3.76 18.61
N GLY A 473 20.31 -4.72 18.56
CA GLY A 473 20.25 -5.89 19.39
C GLY A 473 19.30 -6.91 18.80
N PRO A 474 19.37 -8.15 19.25
CA PRO A 474 18.46 -9.17 18.73
C PRO A 474 17.02 -8.81 19.03
N GLU A 475 16.13 -9.12 18.07
CA GLU A 475 14.70 -8.89 18.24
C GLU A 475 14.05 -10.23 18.53
N ILE A 476 13.72 -10.45 19.81
CA ILE A 476 13.15 -11.72 20.24
C ILE A 476 11.62 -11.69 20.16
N GLY A 477 11.00 -10.52 20.25
CA GLY A 477 9.56 -10.44 20.12
C GLY A 477 9.08 -10.83 18.74
N VAL A 478 7.80 -11.22 18.68
CA VAL A 478 7.24 -11.71 17.42
C VAL A 478 7.15 -10.59 16.39
N ALA A 479 6.84 -9.37 16.83
CA ALA A 479 6.63 -8.24 15.94
C ALA A 479 7.85 -7.33 15.93
N SER A 480 8.06 -6.69 14.79
CA SER A 480 9.17 -5.74 14.63
C SER A 480 8.81 -4.43 15.33
N THR A 481 9.57 -4.09 16.37
CA THR A 481 9.37 -2.82 17.06
C THR A 481 10.62 -1.97 16.92
N LYS A 482 11.67 -2.31 17.69
CA LYS A 482 12.90 -1.55 17.61
C LYS A 482 13.58 -1.71 16.25
N ALA A 483 13.37 -2.85 15.58
CA ALA A 483 13.97 -3.04 14.27
C ALA A 483 13.46 -2.00 13.27
N TYR A 484 12.16 -1.68 13.33
CA TYR A 484 11.59 -0.67 12.45
C TYR A 484 12.25 0.70 12.70
N THR A 485 12.27 1.14 13.95
CA THR A 485 12.83 2.46 14.25
C THR A 485 14.33 2.49 14.01
N SER A 486 15.04 1.39 14.23
CA SER A 486 16.46 1.36 13.95
C SER A 486 16.73 1.37 12.44
N GLN A 487 15.91 0.68 11.66
CA GLN A 487 16.00 0.79 10.20
C GLN A 487 15.74 2.23 9.77
N PHE A 488 14.67 2.83 10.31
CA PHE A 488 14.36 4.23 10.06
C PHE A 488 15.58 5.11 10.27
N VAL A 489 16.21 5.01 11.44
CA VAL A 489 17.37 5.85 11.74
C VAL A 489 18.53 5.52 10.80
N SER A 490 18.72 4.25 10.47
CA SER A 490 19.85 3.87 9.61
C SER A 490 19.72 4.48 8.22
N LEU A 491 18.50 4.50 7.67
CA LEU A 491 18.31 5.07 6.35
C LEU A 491 18.44 6.60 6.37
N VAL A 492 18.02 7.25 7.46
CA VAL A 492 18.24 8.67 7.60
C VAL A 492 19.72 8.98 7.63
N MET A 493 20.50 8.17 8.36
CA MET A 493 21.94 8.39 8.42
C MET A 493 22.57 8.23 7.04
N PHE A 494 22.14 7.22 6.28
CA PHE A 494 22.63 7.08 4.91
C PHE A 494 22.27 8.31 4.08
N ALA A 495 21.04 8.81 4.22
CA ALA A 495 20.65 10.02 3.51
C ALA A 495 21.57 11.18 3.87
N LEU A 496 21.97 11.27 5.14
CA LEU A 496 22.86 12.34 5.56
C LEU A 496 24.25 12.21 4.96
N MET A 497 24.71 10.99 4.71
CA MET A 497 25.99 10.80 4.04
C MET A 497 25.92 11.26 2.59
N MET A 498 24.81 10.96 1.91
CA MET A 498 24.71 11.22 0.47
C MET A 498 24.75 12.70 0.13
N CYS A 499 24.44 13.59 1.07
CA CYS A 499 24.40 15.02 0.81
C CYS A 499 25.46 15.78 1.60
N ASP A 500 26.47 15.09 2.12
CA ASP A 500 27.46 15.76 2.97
C ASP A 500 28.39 16.69 2.21
N ASP A 501 28.30 16.75 0.87
CA ASP A 501 29.13 17.63 0.08
C ASP A 501 28.36 18.79 -0.52
N ARG A 502 27.11 19.00 -0.10
CA ARG A 502 26.23 20.02 -0.66
C ARG A 502 26.14 21.20 0.30
N ILE A 503 26.66 22.36 -0.14
CA ILE A 503 26.60 23.56 0.68
C ILE A 503 25.15 23.91 1.00
N SER A 504 24.27 23.82 0.02
CA SER A 504 22.89 24.25 0.19
C SER A 504 22.13 23.42 1.21
N MET A 505 22.62 22.22 1.56
CA MET A 505 21.92 21.33 2.48
C MET A 505 22.58 21.27 3.85
N GLN A 506 23.59 22.09 4.12
CA GLN A 506 24.25 22.07 5.42
C GLN A 506 23.26 22.34 6.54
N GLU A 507 22.45 23.39 6.40
CA GLU A 507 21.46 23.71 7.44
C GLU A 507 20.50 22.55 7.66
N ARG A 508 19.97 22.00 6.57
CA ARG A 508 19.02 20.90 6.70
C ARG A 508 19.65 19.70 7.40
N ARG A 509 20.92 19.42 7.11
CA ARG A 509 21.61 18.32 7.78
C ARG A 509 21.76 18.60 9.27
N LYS A 510 22.15 19.81 9.63
CA LYS A 510 22.28 20.17 11.04
C LYS A 510 20.94 20.00 11.76
N GLU A 511 19.87 20.50 11.17
CA GLU A 511 18.54 20.35 11.77
C GLU A 511 18.22 18.89 12.04
N ILE A 512 18.46 18.03 11.06
CA ILE A 512 18.14 16.61 11.22
C ILE A 512 19.00 15.99 12.31
N MET A 513 20.29 16.34 12.35
CA MET A 513 21.19 15.68 13.28
C MET A 513 20.94 16.14 14.71
N LEU A 514 20.58 17.41 14.91
CA LEU A 514 20.12 17.84 16.23
C LEU A 514 18.82 17.13 16.61
N GLY A 515 18.01 16.76 15.63
CA GLY A 515 16.85 15.94 15.91
C GLY A 515 17.24 14.56 16.40
N LEU A 516 18.21 13.93 15.74
CA LEU A 516 18.70 12.64 16.18
C LEU A 516 19.33 12.74 17.57
N LYS A 517 19.99 13.85 17.87
CA LYS A 517 20.58 14.05 19.19
C LYS A 517 19.50 14.03 20.26
N ARG A 518 18.36 14.66 20.00
CA ARG A 518 17.27 14.77 20.95
C ARG A 518 16.29 13.61 20.88
N LEU A 519 16.42 12.75 19.86
CA LEU A 519 15.41 11.72 19.64
C LEU A 519 15.29 10.75 20.80
N PRO A 520 16.38 10.23 21.38
CA PRO A 520 16.21 9.28 22.49
C PRO A 520 15.40 9.84 23.64
N ASP A 521 15.60 11.10 24.00
CA ASP A 521 14.82 11.71 25.07
C ASP A 521 13.36 11.91 24.65
N LEU A 522 13.14 12.25 23.37
CA LEU A 522 11.77 12.40 22.90
C LEU A 522 11.02 11.08 22.90
N ILE A 523 11.72 9.98 22.66
CA ILE A 523 11.09 8.67 22.75
C ILE A 523 10.66 8.38 24.18
N LYS A 524 11.52 8.70 25.15
CA LYS A 524 11.15 8.53 26.55
C LYS A 524 9.92 9.35 26.89
N GLU A 525 9.83 10.56 26.36
CA GLU A 525 8.65 11.39 26.61
C GLU A 525 7.40 10.72 26.07
N VAL A 526 7.47 10.13 24.88
CA VAL A 526 6.33 9.40 24.33
C VAL A 526 6.00 8.20 25.21
N LEU A 527 7.02 7.44 25.60
CA LEU A 527 6.80 6.28 26.44
C LEU A 527 6.19 6.64 27.79
N SER A 528 6.39 7.87 28.26
CA SER A 528 5.80 8.30 29.53
C SER A 528 4.30 8.52 29.43
N MET A 529 3.75 8.60 28.23
CA MET A 529 2.31 8.69 28.03
C MET A 529 1.65 7.32 27.91
N ASP A 530 2.32 6.26 28.37
CA ASP A 530 1.75 4.92 28.29
C ASP A 530 0.36 4.87 28.90
N ASP A 531 0.15 5.57 30.02
CA ASP A 531 -1.16 5.58 30.65
C ASP A 531 -2.23 6.09 29.70
N GLU A 532 -1.95 7.17 28.97
CA GLU A 532 -2.92 7.69 28.03
C GLU A 532 -3.25 6.69 26.94
N ILE A 533 -2.27 5.85 26.55
CA ILE A 533 -2.52 4.86 25.51
C ILE A 533 -3.39 3.73 26.04
N GLN A 534 -3.21 3.36 27.31
CA GLN A 534 -4.06 2.35 27.92
C GLN A 534 -5.51 2.78 27.91
N LYS A 535 -5.77 4.03 28.29
CA LYS A 535 -7.13 4.57 28.21
C LYS A 535 -7.70 4.40 26.82
N LEU A 536 -6.88 4.62 25.79
CA LEU A 536 -7.36 4.43 24.42
C LEU A 536 -7.59 2.95 24.12
N ALA A 537 -6.74 2.08 24.67
CA ALA A 537 -6.94 0.65 24.45
C ALA A 537 -8.28 0.19 25.02
N THR A 538 -8.64 0.66 26.21
CA THR A 538 -9.93 0.27 26.78
C THR A 538 -11.08 0.80 25.93
N GLU A 539 -10.93 1.97 25.32
CA GLU A 539 -11.97 2.49 24.44
C GLU A 539 -12.14 1.61 23.20
N LEU A 540 -11.06 1.03 22.70
CA LEU A 540 -11.10 0.16 21.53
C LEU A 540 -11.17 -1.32 21.90
N TYR A 541 -11.23 -1.65 23.19
CA TYR A 541 -11.20 -3.04 23.63
C TYR A 541 -12.22 -3.89 22.89
N HIS A 542 -13.44 -3.38 22.73
CA HIS A 542 -14.55 -4.13 22.15
C HIS A 542 -14.69 -3.91 20.64
N GLN A 543 -13.83 -3.09 20.04
CA GLN A 543 -14.01 -2.70 18.65
C GLN A 543 -13.41 -3.73 17.71
N LYS A 544 -14.02 -3.86 16.53
CA LYS A 544 -13.60 -4.82 15.53
C LYS A 544 -12.79 -4.20 14.41
N SER A 545 -12.92 -2.90 14.17
CA SER A 545 -12.15 -2.22 13.14
C SER A 545 -11.67 -0.88 13.66
N VAL A 546 -10.60 -0.39 13.04
CA VAL A 546 -10.12 0.97 13.28
C VAL A 546 -9.38 1.43 12.02
N LEU A 547 -9.69 2.64 11.56
CA LEU A 547 -9.01 3.24 10.43
C LEU A 547 -7.95 4.21 10.93
N ILE A 548 -6.74 4.07 10.41
CA ILE A 548 -5.61 4.92 10.80
C ILE A 548 -5.22 5.74 9.59
N MET A 549 -5.37 7.07 9.69
CA MET A 549 -5.29 7.97 8.56
C MET A 549 -4.12 8.93 8.73
N GLY A 550 -3.34 9.09 7.67
CA GLY A 550 -2.23 10.03 7.66
C GLY A 550 -1.73 10.20 6.25
N ARG A 551 -0.81 11.15 6.08
CA ARG A 551 -0.21 11.38 4.78
C ARG A 551 1.23 11.85 4.96
N GLY A 552 1.96 11.90 3.83
CA GLY A 552 3.32 12.38 3.85
C GLY A 552 4.21 11.50 4.72
N TYR A 553 4.98 12.16 5.60
CA TYR A 553 5.90 11.45 6.46
C TYR A 553 5.22 10.38 7.32
N HIS A 554 3.90 10.46 7.48
CA HIS A 554 3.17 9.56 8.38
C HIS A 554 2.28 8.58 7.63
N TYR A 555 2.38 8.52 6.30
CA TYR A 555 1.77 7.42 5.57
C TYR A 555 2.29 6.08 6.11
N ALA A 556 3.61 5.95 6.22
CA ALA A 556 4.21 4.73 6.75
C ALA A 556 3.73 4.46 8.16
N THR A 557 3.55 5.50 8.97
CA THR A 557 3.05 5.32 10.32
C THR A 557 1.68 4.64 10.32
N CYS A 558 0.80 5.06 9.41
CA CYS A 558 -0.51 4.44 9.31
C CYS A 558 -0.40 2.98 8.91
N LEU A 559 0.38 2.69 7.87
CA LEU A 559 0.53 1.31 7.42
C LEU A 559 1.16 0.44 8.49
N GLU A 560 2.19 0.95 9.16
CA GLU A 560 2.89 0.14 10.17
C GLU A 560 2.03 -0.05 11.41
N GLY A 561 1.33 1.01 11.84
CA GLY A 561 0.40 0.86 12.95
C GLY A 561 -0.70 -0.13 12.64
N ALA A 562 -1.28 -0.04 11.43
CA ALA A 562 -2.34 -0.97 11.04
C ALA A 562 -1.83 -2.40 11.03
N LEU A 563 -0.59 -2.61 10.56
CA LEU A 563 -0.05 -3.96 10.54
C LEU A 563 0.15 -4.50 11.95
N LYS A 564 0.67 -3.66 12.86
CA LYS A 564 0.89 -4.09 14.24
C LYS A 564 -0.41 -4.52 14.90
N ILE A 565 -1.45 -3.71 14.76
CA ILE A 565 -2.72 -4.00 15.41
C ILE A 565 -3.34 -5.25 14.80
N LYS A 566 -3.16 -5.45 13.49
CA LYS A 566 -3.59 -6.70 12.88
C LYS A 566 -2.82 -7.88 13.46
N GLU A 567 -1.49 -7.77 13.51
CA GLU A 567 -0.64 -8.90 13.85
C GLU A 567 -0.76 -9.28 15.32
N ILE A 568 -0.89 -8.30 16.21
CA ILE A 568 -0.82 -8.51 17.64
C ILE A 568 -2.20 -8.59 18.28
N THR A 569 -3.14 -7.76 17.80
CA THR A 569 -4.47 -7.67 18.39
C THR A 569 -5.51 -8.49 17.66
N TYR A 570 -5.29 -8.82 16.39
CA TYR A 570 -6.22 -9.62 15.59
C TYR A 570 -7.50 -8.87 15.27
N MET A 571 -7.48 -7.54 15.30
CA MET A 571 -8.62 -6.74 14.83
C MET A 571 -8.28 -6.12 13.48
N HIS A 572 -9.32 -5.69 12.77
CA HIS A 572 -9.16 -5.20 11.40
C HIS A 572 -8.81 -3.71 11.44
N SER A 573 -7.52 -3.46 11.62
CA SER A 573 -6.96 -2.11 11.49
C SER A 573 -6.42 -1.93 10.08
N GLU A 574 -6.66 -0.76 9.50
CA GLU A 574 -6.25 -0.47 8.14
C GLU A 574 -5.68 0.94 8.05
N GLY A 575 -4.55 1.07 7.36
CA GLY A 575 -3.96 2.37 7.09
C GLY A 575 -4.52 2.95 5.81
N ILE A 576 -4.97 4.19 5.89
CA ILE A 576 -5.59 4.89 4.77
C ILE A 576 -4.83 6.18 4.53
N LEU A 577 -4.33 6.36 3.31
CA LEU A 577 -3.71 7.61 2.92
C LEU A 577 -4.74 8.72 2.95
N ALA A 578 -4.49 9.74 3.77
CA ALA A 578 -5.48 10.78 4.02
C ALA A 578 -5.92 11.45 2.71
N GLY A 579 -4.98 11.69 1.81
CA GLY A 579 -5.32 12.32 0.54
C GLY A 579 -6.30 11.54 -0.32
N GLU A 580 -6.54 10.27 0.01
CA GLU A 580 -7.41 9.42 -0.78
C GLU A 580 -8.83 9.34 -0.24
N LEU A 581 -9.11 9.96 0.91
CA LEU A 581 -10.42 9.83 1.54
C LEU A 581 -11.55 10.16 0.57
N LYS A 582 -11.49 11.34 -0.05
CA LYS A 582 -12.58 11.78 -0.91
C LYS A 582 -12.72 10.94 -2.17
N HIS A 583 -11.81 10.00 -2.42
CA HIS A 583 -11.86 9.15 -3.60
C HIS A 583 -12.52 7.80 -3.32
N GLY A 584 -13.18 7.64 -2.18
CA GLY A 584 -13.92 6.43 -1.90
C GLY A 584 -13.94 6.02 -0.45
N PRO A 585 -12.75 5.83 0.15
CA PRO A 585 -12.70 5.29 1.51
C PRO A 585 -13.45 6.11 2.55
N LEU A 586 -13.71 7.39 2.29
CA LEU A 586 -14.42 8.22 3.27
C LEU A 586 -15.84 7.69 3.52
N ALA A 587 -16.35 6.81 2.66
CA ALA A 587 -17.68 6.25 2.87
C ALA A 587 -17.76 5.39 4.12
N LEU A 588 -16.63 4.91 4.64
CA LEU A 588 -16.64 4.09 5.85
C LEU A 588 -16.85 4.91 7.11
N VAL A 589 -16.69 6.22 7.05
CA VAL A 589 -16.77 7.06 8.25
C VAL A 589 -18.24 7.23 8.65
N ASP A 590 -18.51 7.01 9.93
CA ASP A 590 -19.78 7.37 10.55
C ASP A 590 -19.54 7.45 12.05
N LYS A 591 -20.61 7.53 12.84
CA LYS A 591 -20.45 7.68 14.28
C LYS A 591 -19.94 6.42 14.96
N LEU A 592 -19.91 5.28 14.26
CA LEU A 592 -19.52 4.02 14.87
C LEU A 592 -18.11 3.57 14.54
N MET A 593 -17.56 3.96 13.39
CA MET A 593 -16.27 3.46 12.96
C MET A 593 -15.15 4.15 13.74
N PRO A 594 -14.36 3.43 14.53
CA PRO A 594 -13.20 4.07 15.18
C PRO A 594 -12.18 4.55 14.17
N VAL A 595 -11.64 5.74 14.41
CA VAL A 595 -10.66 6.35 13.52
C VAL A 595 -9.53 6.93 14.35
N ILE A 596 -8.30 6.77 13.87
CA ILE A 596 -7.13 7.42 14.43
C ILE A 596 -6.47 8.24 13.32
N MET A 597 -6.33 9.54 13.55
CA MET A 597 -5.70 10.44 12.58
C MET A 597 -4.39 10.96 13.14
N ILE A 598 -3.40 11.10 12.26
CA ILE A 598 -2.09 11.63 12.61
C ILE A 598 -1.99 13.01 11.98
N ILE A 599 -1.81 14.03 12.82
CA ILE A 599 -1.72 15.42 12.39
C ILE A 599 -0.51 16.01 13.10
N MET A 600 0.60 16.17 12.37
CA MET A 600 1.82 16.72 12.93
C MET A 600 2.10 18.10 12.32
N ARG A 601 3.09 18.78 12.90
CA ARG A 601 3.46 20.13 12.47
C ARG A 601 4.55 20.03 11.41
N ASP A 602 4.13 19.66 10.20
CA ASP A 602 5.01 19.72 9.03
C ASP A 602 4.26 20.43 7.90
N HIS A 603 4.78 20.35 6.67
CA HIS A 603 4.19 21.13 5.58
C HIS A 603 2.83 20.60 5.14
N THR A 604 2.44 19.40 5.55
CA THR A 604 1.12 18.87 5.22
C THR A 604 0.09 19.13 6.31
N TYR A 605 0.39 20.05 7.24
CA TYR A 605 -0.50 20.28 8.37
C TYR A 605 -1.89 20.72 7.92
N ALA A 606 -1.94 21.72 7.03
CA ALA A 606 -3.24 22.20 6.57
C ALA A 606 -4.02 21.11 5.85
N LYS A 607 -3.33 20.30 5.04
CA LYS A 607 -4.01 19.21 4.35
C LYS A 607 -4.54 18.17 5.33
N CYS A 608 -3.80 17.92 6.41
CA CYS A 608 -4.28 16.99 7.43
C CYS A 608 -5.50 17.56 8.15
N GLN A 609 -5.47 18.85 8.49
CA GLN A 609 -6.65 19.48 9.08
C GLN A 609 -7.86 19.32 8.16
N ASN A 610 -7.66 19.49 6.86
CA ASN A 610 -8.75 19.31 5.91
C ASN A 610 -9.35 17.91 6.03
N ALA A 611 -8.49 16.89 6.03
CA ALA A 611 -8.96 15.51 6.19
C ALA A 611 -9.74 15.35 7.49
N LEU A 612 -9.31 16.02 8.56
CA LEU A 612 -10.03 15.92 9.82
C LEU A 612 -11.43 16.53 9.71
N GLN A 613 -11.55 17.68 9.06
CA GLN A 613 -12.87 18.28 8.88
C GLN A 613 -13.76 17.38 8.02
N GLN A 614 -13.17 16.71 7.03
CA GLN A 614 -13.95 15.79 6.20
C GLN A 614 -14.51 14.64 7.03
N VAL A 615 -13.70 14.10 7.96
CA VAL A 615 -14.16 13.00 8.79
C VAL A 615 -15.26 13.47 9.74
N VAL A 616 -15.03 14.59 10.43
CA VAL A 616 -16.00 15.09 11.40
C VAL A 616 -17.32 15.39 10.72
N ALA A 617 -17.28 16.01 9.53
CA ALA A 617 -18.51 16.36 8.83
C ALA A 617 -19.41 15.15 8.60
N ARG A 618 -18.85 13.95 8.59
CA ARG A 618 -19.60 12.72 8.38
C ARG A 618 -19.82 11.94 9.68
N GLN A 619 -19.89 12.65 10.80
CA GLN A 619 -20.17 12.09 12.13
C GLN A 619 -19.01 11.28 12.69
N GLY A 620 -17.84 11.33 12.06
CA GLY A 620 -16.68 10.66 12.63
C GLY A 620 -16.14 11.43 13.82
N ARG A 621 -15.74 10.68 14.86
CA ARG A 621 -15.19 11.25 16.10
C ARG A 621 -13.83 10.61 16.34
N PRO A 622 -12.80 11.07 15.63
CA PRO A 622 -11.51 10.37 15.64
C PRO A 622 -10.62 10.75 16.81
N VAL A 623 -9.71 9.82 17.12
CA VAL A 623 -8.60 10.08 18.04
C VAL A 623 -7.43 10.60 17.22
N VAL A 624 -6.82 11.68 17.68
CA VAL A 624 -5.78 12.38 16.92
C VAL A 624 -4.47 12.25 17.65
N ILE A 625 -3.44 11.80 16.94
CA ILE A 625 -2.06 11.88 17.40
C ILE A 625 -1.48 13.16 16.84
N CYS A 626 -1.07 14.08 17.72
CA CYS A 626 -0.66 15.41 17.30
C CYS A 626 0.49 15.91 18.18
N ASP A 627 1.00 17.08 17.82
CA ASP A 627 2.07 17.72 18.58
C ASP A 627 1.55 18.23 19.92
N LYS A 628 2.42 18.23 20.92
CA LYS A 628 2.05 18.69 22.25
C LYS A 628 1.45 20.09 22.23
N GLU A 629 1.94 20.95 21.34
CA GLU A 629 1.62 22.37 21.36
C GLU A 629 0.58 22.76 20.32
N ASP A 630 -0.02 21.79 19.63
CA ASP A 630 -1.09 22.06 18.68
C ASP A 630 -2.37 22.32 19.48
N THR A 631 -2.46 23.54 20.01
CA THR A 631 -3.57 23.88 20.90
C THR A 631 -4.91 23.80 20.20
N GLU A 632 -4.96 24.13 18.91
CA GLU A 632 -6.23 24.17 18.20
C GLU A 632 -6.87 22.79 18.14
N THR A 633 -6.12 21.78 17.69
CA THR A 633 -6.69 20.45 17.52
C THR A 633 -6.95 19.78 18.86
N ILE A 634 -6.17 20.11 19.89
CA ILE A 634 -6.39 19.53 21.21
C ILE A 634 -7.71 20.00 21.80
N LYS A 635 -8.10 21.25 21.53
CA LYS A 635 -9.36 21.76 22.05
C LYS A 635 -10.55 21.23 21.27
N ASN A 636 -10.42 21.12 19.95
CA ASN A 636 -11.51 20.69 19.09
C ASN A 636 -11.64 19.18 18.97
N THR A 637 -10.70 18.43 19.55
CA THR A 637 -10.74 16.97 19.52
C THR A 637 -10.76 16.45 20.95
N LYS A 638 -11.68 15.52 21.22
CA LYS A 638 -11.84 15.00 22.57
C LYS A 638 -10.57 14.32 23.05
N ARG A 639 -10.22 13.18 22.47
CA ARG A 639 -9.06 12.40 22.89
C ARG A 639 -7.92 12.63 21.91
N THR A 640 -6.80 13.15 22.42
CA THR A 640 -5.61 13.37 21.62
C THR A 640 -4.41 12.77 22.31
N ILE A 641 -3.57 12.09 21.53
CA ILE A 641 -2.27 11.60 22.00
C ILE A 641 -1.24 12.63 21.58
N LYS A 642 -0.63 13.29 22.56
CA LYS A 642 0.15 14.51 22.32
C LYS A 642 1.63 14.16 22.42
N VAL A 643 2.28 13.98 21.27
CA VAL A 643 3.69 13.60 21.23
C VAL A 643 4.53 14.86 21.05
N PRO A 644 5.81 14.83 21.43
CA PRO A 644 6.64 16.02 21.27
C PRO A 644 7.05 16.24 19.83
N HIS A 645 7.32 17.50 19.51
CA HIS A 645 7.69 17.89 18.14
C HIS A 645 9.16 17.55 17.87
N SER A 646 9.42 17.08 16.66
CA SER A 646 10.78 16.80 16.20
C SER A 646 10.88 17.24 14.74
N VAL A 647 12.05 17.00 14.14
CA VAL A 647 12.22 17.28 12.73
C VAL A 647 11.18 16.49 11.93
N ASP A 648 10.69 17.09 10.85
CA ASP A 648 9.58 16.48 10.12
C ASP A 648 9.94 15.09 9.63
N CYS A 649 11.17 14.89 9.14
CA CYS A 649 11.59 13.59 8.65
C CYS A 649 11.94 12.61 9.76
N LEU A 650 11.77 13.00 11.02
CA LEU A 650 11.93 12.09 12.16
C LEU A 650 10.66 11.83 12.94
N GLN A 651 9.62 12.66 12.75
CA GLN A 651 8.39 12.51 13.53
C GLN A 651 7.80 11.12 13.39
N GLY A 652 8.01 10.46 12.25
CA GLY A 652 7.45 9.13 12.06
C GLY A 652 7.83 8.17 13.17
N ILE A 653 9.02 8.34 13.74
CA ILE A 653 9.45 7.46 14.83
C ILE A 653 8.61 7.70 16.07
N LEU A 654 8.28 8.97 16.34
CA LEU A 654 7.52 9.29 17.55
C LEU A 654 6.04 8.98 17.38
N SER A 655 5.49 9.14 16.19
CA SER A 655 4.07 8.91 15.98
C SER A 655 3.71 7.44 15.85
N VAL A 656 4.69 6.57 15.60
CA VAL A 656 4.40 5.14 15.47
C VAL A 656 4.45 4.44 16.82
N ILE A 657 5.23 4.95 17.77
CA ILE A 657 5.37 4.29 19.06
C ILE A 657 4.03 4.20 19.78
N PRO A 658 3.20 5.24 19.82
CA PRO A 658 1.88 5.09 20.46
C PRO A 658 1.05 3.98 19.84
N LEU A 659 1.22 3.70 18.55
CA LEU A 659 0.51 2.61 17.91
C LEU A 659 1.11 1.26 18.26
N GLN A 660 2.43 1.20 18.45
CA GLN A 660 3.04 -0.02 18.98
C GLN A 660 2.45 -0.35 20.36
N LEU A 661 2.40 0.64 21.24
CA LEU A 661 1.85 0.43 22.58
C LEU A 661 0.38 0.09 22.52
N LEU A 662 -0.37 0.74 21.64
CA LEU A 662 -1.80 0.46 21.51
C LEU A 662 -2.02 -1.01 21.17
N ALA A 663 -1.31 -1.50 20.15
CA ALA A 663 -1.41 -2.91 19.80
C ALA A 663 -1.05 -3.80 20.98
N PHE A 664 -0.02 -3.42 21.74
CA PHE A 664 0.41 -4.20 22.89
C PHE A 664 -0.68 -4.25 23.96
N HIS A 665 -1.25 -3.09 24.30
CA HIS A 665 -2.20 -3.03 25.40
C HIS A 665 -3.52 -3.69 25.04
N LEU A 666 -3.97 -3.52 23.79
CA LEU A 666 -5.20 -4.19 23.35
C LEU A 666 -5.06 -5.70 23.47
N ALA A 667 -3.91 -6.24 23.06
CA ALA A 667 -3.70 -7.69 23.15
C ALA A 667 -3.71 -8.15 24.60
N VAL A 668 -3.07 -7.40 25.49
CA VAL A 668 -3.07 -7.78 26.90
C VAL A 668 -4.48 -7.76 27.46
N LEU A 669 -5.25 -6.72 27.14
CA LEU A 669 -6.62 -6.64 27.63
C LEU A 669 -7.46 -7.83 27.15
N ARG A 670 -7.21 -8.30 25.93
CA ARG A 670 -7.98 -9.40 25.36
C ARG A 670 -7.40 -10.76 25.70
N GLY A 671 -6.42 -10.82 26.61
CA GLY A 671 -5.92 -12.09 27.10
C GLY A 671 -4.96 -12.81 26.18
N TYR A 672 -4.39 -12.13 25.20
CA TYR A 672 -3.47 -12.76 24.27
C TYR A 672 -2.05 -12.73 24.82
N ASP A 673 -1.24 -13.67 24.34
CA ASP A 673 0.18 -13.72 24.65
C ASP A 673 0.94 -13.03 23.53
N VAL A 674 1.46 -11.83 23.82
CA VAL A 674 2.12 -11.03 22.79
C VAL A 674 3.41 -11.66 22.31
N ASP A 675 3.98 -12.60 23.07
CA ASP A 675 5.19 -13.31 22.66
C ASP A 675 4.89 -14.64 21.99
N PHE A 676 3.60 -14.94 21.74
CA PHE A 676 3.19 -16.16 21.05
C PHE A 676 3.03 -15.86 19.56
N PRO A 677 3.69 -16.61 18.67
CA PRO A 677 3.58 -16.29 17.23
C PRO A 677 2.17 -16.35 16.66
N ARG A 678 1.50 -17.49 16.83
CA ARG A 678 0.23 -17.79 16.17
C ARG A 678 0.41 -18.00 14.68
N ASN A 679 0.85 -16.96 13.97
CA ASN A 679 1.00 -17.03 12.52
C ASN A 679 1.81 -18.25 12.11
N LEU A 680 1.13 -19.36 11.84
CA LEU A 680 1.77 -20.61 11.44
C LEU A 680 1.72 -20.77 9.93
N ALA A 681 2.63 -21.59 9.41
CA ALA A 681 2.70 -21.85 7.98
C ALA A 681 1.59 -22.83 7.59
N LYS A 682 1.68 -23.38 6.39
CA LYS A 682 0.71 -24.36 5.93
C LYS A 682 0.64 -25.54 6.90
N SER A 683 -0.43 -26.31 6.78
CA SER A 683 -0.66 -27.41 7.69
C SER A 683 0.44 -28.46 7.56
N VAL A 684 0.38 -29.46 8.44
CA VAL A 684 1.36 -30.54 8.48
C VAL A 684 0.95 -31.62 7.49
N THR A 685 1.88 -32.00 6.61
CA THR A 685 1.63 -33.06 5.65
C THR A 685 1.79 -34.41 6.34
N VAL A 686 0.70 -35.16 6.44
CA VAL A 686 0.73 -36.43 7.16
C VAL A 686 1.15 -37.58 6.26
N GLU A 687 0.87 -37.50 4.95
CA GLU A 687 1.24 -38.56 4.01
C GLU A 687 0.64 -39.89 4.42
N CYS B 2 -19.72 19.46 -7.22
CA CYS B 2 -20.77 20.47 -7.19
C CYS B 2 -21.30 20.71 -8.61
N GLY B 3 -22.48 21.31 -8.71
CA GLY B 3 -23.11 21.54 -10.00
C GLY B 3 -23.75 22.90 -10.13
N ILE B 4 -23.66 23.48 -11.32
CA ILE B 4 -24.24 24.78 -11.63
C ILE B 4 -25.21 24.62 -12.78
N PHE B 5 -26.36 25.29 -12.69
CA PHE B 5 -27.35 25.27 -13.76
C PHE B 5 -28.24 26.48 -13.62
N ALA B 6 -28.49 27.17 -14.74
CA ALA B 6 -29.39 28.31 -14.77
C ALA B 6 -30.14 28.31 -16.09
N TYR B 7 -31.36 28.86 -16.06
CA TYR B 7 -32.24 28.88 -17.22
C TYR B 7 -32.68 30.31 -17.47
N LEU B 8 -32.28 30.86 -18.61
CA LEU B 8 -32.63 32.23 -19.00
C LEU B 8 -33.48 32.15 -20.26
N ASN B 9 -34.78 32.40 -20.12
CA ASN B 9 -35.71 32.42 -21.24
C ASN B 9 -36.01 33.88 -21.58
N TYR B 10 -35.51 34.35 -22.72
CA TYR B 10 -35.68 35.73 -23.14
C TYR B 10 -36.79 35.77 -24.20
N HIS B 11 -37.92 36.37 -23.84
CA HIS B 11 -39.08 36.47 -24.74
C HIS B 11 -39.56 35.09 -25.19
N VAL B 12 -39.39 34.09 -24.33
CA VAL B 12 -39.95 32.76 -24.54
C VAL B 12 -40.87 32.48 -23.36
N PRO B 13 -42.17 32.82 -23.45
CA PRO B 13 -43.06 32.71 -22.28
C PRO B 13 -43.00 31.36 -21.60
N ARG B 14 -42.55 31.36 -20.35
CA ARG B 14 -42.58 30.17 -19.49
C ARG B 14 -43.27 30.53 -18.19
N THR B 15 -44.20 29.68 -17.76
CA THR B 15 -44.83 29.87 -16.46
C THR B 15 -43.83 29.54 -15.36
N ARG B 16 -44.15 30.00 -14.14
CA ARG B 16 -43.25 29.79 -13.02
C ARG B 16 -43.02 28.31 -12.72
N ARG B 17 -43.91 27.44 -13.18
CA ARG B 17 -43.71 26.00 -13.00
C ARG B 17 -42.76 25.44 -14.06
N GLU B 18 -42.91 25.89 -15.31
CA GLU B 18 -42.01 25.43 -16.37
C GLU B 18 -40.55 25.78 -16.06
N ILE B 19 -40.33 26.87 -15.32
CA ILE B 19 -38.96 27.29 -15.01
C ILE B 19 -38.39 26.46 -13.87
N LEU B 20 -39.15 26.28 -12.79
CA LEU B 20 -38.66 25.51 -11.65
C LEU B 20 -38.41 24.06 -12.03
N GLU B 21 -39.30 23.48 -12.85
CA GLU B 21 -39.09 22.11 -13.32
C GLU B 21 -37.89 22.01 -14.25
N THR B 22 -37.45 23.13 -14.82
CA THR B 22 -36.23 23.13 -15.63
C THR B 22 -34.98 23.27 -14.77
N LEU B 23 -35.07 24.01 -13.66
CA LEU B 23 -33.94 24.11 -12.74
C LEU B 23 -33.70 22.78 -12.02
N ILE B 24 -34.78 22.16 -11.52
CA ILE B 24 -34.66 20.86 -10.86
C ILE B 24 -34.14 19.83 -11.85
N LYS B 25 -34.73 19.77 -13.04
CA LYS B 25 -34.30 18.80 -14.03
C LYS B 25 -32.85 19.04 -14.44
N GLY B 26 -32.37 20.28 -14.33
CA GLY B 26 -30.97 20.56 -14.61
C GLY B 26 -30.05 20.06 -13.51
N LEU B 27 -30.49 20.20 -12.25
CA LEU B 27 -29.69 19.68 -11.14
C LEU B 27 -29.68 18.15 -11.12
N GLN B 28 -30.78 17.52 -11.55
CA GLN B 28 -30.80 16.06 -11.62
C GLN B 28 -29.71 15.55 -12.57
N ARG B 29 -29.46 16.28 -13.66
CA ARG B 29 -28.37 15.91 -14.56
C ARG B 29 -27.00 16.11 -13.93
N LEU B 30 -26.89 16.98 -12.94
CA LEU B 30 -25.62 17.27 -12.27
C LEU B 30 -25.54 16.69 -10.87
N GLU B 31 -26.58 16.01 -10.39
CA GLU B 31 -26.62 15.58 -9.00
C GLU B 31 -25.43 14.70 -8.64
N TYR B 32 -24.93 13.91 -9.59
CA TYR B 32 -23.83 12.98 -9.30
C TYR B 32 -22.54 13.72 -8.93
N ARG B 33 -22.46 15.02 -9.16
CA ARG B 33 -21.29 15.80 -8.78
C ARG B 33 -21.38 16.37 -7.36
N GLY B 34 -22.49 16.14 -6.67
CA GLY B 34 -22.70 16.66 -5.34
C GLY B 34 -24.17 16.63 -4.96
N TYR B 35 -24.51 15.84 -3.94
CA TYR B 35 -25.90 15.61 -3.57
C TYR B 35 -26.11 15.73 -2.06
N ASP B 36 -25.34 16.59 -1.40
CA ASP B 36 -25.55 16.86 0.01
C ASP B 36 -26.62 17.92 0.26
N SER B 37 -26.78 18.87 -0.66
CA SER B 37 -27.81 19.89 -0.54
C SER B 37 -28.04 20.47 -1.93
N ALA B 38 -29.08 21.29 -2.03
CA ALA B 38 -29.46 21.90 -3.30
C ALA B 38 -30.19 23.20 -3.03
N GLY B 39 -30.37 23.99 -4.07
CA GLY B 39 -31.08 25.25 -3.95
C GLY B 39 -31.33 25.87 -5.31
N VAL B 40 -32.32 26.75 -5.35
CA VAL B 40 -32.68 27.48 -6.57
C VAL B 40 -32.90 28.95 -6.22
N GLY B 41 -32.78 29.80 -7.24
CA GLY B 41 -33.00 31.22 -7.09
C GLY B 41 -33.73 31.82 -8.26
N PHE B 42 -34.95 32.29 -8.03
CA PHE B 42 -35.82 32.82 -9.09
C PHE B 42 -36.46 34.11 -8.61
N ASP B 43 -37.32 34.66 -9.46
CA ASP B 43 -38.01 35.92 -9.18
C ASP B 43 -39.31 35.65 -8.45
N GLY B 44 -39.57 36.41 -7.40
CA GLY B 44 -40.78 36.29 -6.61
C GLY B 44 -41.88 37.21 -7.08
N GLY B 45 -42.77 37.58 -6.16
CA GLY B 45 -43.89 38.44 -6.48
C GLY B 45 -44.96 37.72 -7.30
N ASN B 46 -46.21 38.17 -7.15
CA ASN B 46 -47.35 37.55 -7.84
C ASN B 46 -48.13 38.63 -8.60
N ASP B 47 -47.44 39.29 -9.53
CA ASP B 47 -48.05 40.30 -10.39
C ASP B 47 -48.20 39.73 -11.79
N LYS B 48 -49.41 39.85 -12.35
CA LYS B 48 -49.66 39.32 -13.69
C LYS B 48 -48.61 39.85 -14.68
N ASP B 49 -48.36 41.15 -14.66
CA ASP B 49 -47.31 41.74 -15.48
C ASP B 49 -45.95 41.29 -14.94
N TRP B 50 -45.26 40.43 -15.70
CA TRP B 50 -43.98 39.89 -15.26
C TRP B 50 -42.93 40.97 -15.04
N GLU B 51 -43.16 42.20 -15.52
CA GLU B 51 -42.16 43.25 -15.38
C GLU B 51 -42.06 43.75 -13.94
N ALA B 52 -43.18 43.79 -13.23
CA ALA B 52 -43.21 44.28 -11.85
C ALA B 52 -42.82 43.20 -10.84
N ASN B 53 -42.14 42.13 -11.28
CA ASN B 53 -41.74 41.05 -10.39
C ASN B 53 -40.23 40.81 -10.37
N ALA B 54 -39.47 41.40 -11.30
CA ALA B 54 -38.03 41.20 -11.34
C ALA B 54 -37.29 41.91 -10.21
N CYS B 55 -38.00 42.63 -9.34
CA CYS B 55 -37.40 43.31 -8.21
C CYS B 55 -37.48 42.50 -6.91
N LYS B 56 -37.85 41.22 -7.01
CA LYS B 56 -38.05 40.38 -5.83
C LYS B 56 -37.44 39.02 -6.11
N ILE B 57 -36.41 38.66 -5.37
CA ILE B 57 -35.67 37.41 -5.55
C ILE B 57 -36.10 36.43 -4.48
N GLN B 58 -36.46 35.21 -4.91
CA GLN B 58 -36.86 34.14 -4.01
C GLN B 58 -35.79 33.07 -4.00
N LEU B 59 -35.43 32.60 -2.80
CA LEU B 59 -34.45 31.52 -2.64
C LEU B 59 -35.11 30.37 -1.92
N ILE B 60 -35.05 29.18 -2.53
CA ILE B 60 -35.55 27.95 -1.94
C ILE B 60 -34.37 27.00 -1.85
N LYS B 61 -33.83 26.81 -0.64
CA LYS B 61 -32.70 25.94 -0.42
C LYS B 61 -33.04 24.95 0.69
N LYS B 62 -32.65 23.68 0.48
CA LYS B 62 -32.96 22.64 1.45
C LYS B 62 -31.85 21.61 1.47
N LYS B 63 -31.71 20.95 2.62
CA LYS B 63 -30.71 19.90 2.79
C LYS B 63 -31.21 18.60 2.18
N GLY B 64 -30.27 17.78 1.73
CA GLY B 64 -30.56 16.51 1.10
C GLY B 64 -30.22 16.53 -0.38
N LYS B 65 -30.64 15.48 -1.06
CA LYS B 65 -30.46 15.38 -2.51
C LYS B 65 -31.36 16.39 -3.20
N VAL B 66 -31.45 16.29 -4.53
CA VAL B 66 -32.29 17.21 -5.29
C VAL B 66 -33.76 16.88 -5.06
N LYS B 67 -34.09 15.61 -4.83
CA LYS B 67 -35.48 15.24 -4.62
C LYS B 67 -36.03 15.82 -3.33
N ALA B 68 -35.17 16.21 -2.39
CA ALA B 68 -35.64 16.92 -1.20
C ALA B 68 -35.97 18.37 -1.51
N LEU B 69 -35.26 18.97 -2.46
CA LEU B 69 -35.57 20.33 -2.89
C LEU B 69 -36.76 20.35 -3.84
N ASP B 70 -36.88 19.34 -4.70
CA ASP B 70 -37.98 19.28 -5.64
C ASP B 70 -39.33 19.34 -4.92
N GLU B 71 -39.41 18.76 -3.73
CA GLU B 71 -40.64 18.79 -2.95
C GLU B 71 -40.76 20.06 -2.11
N GLU B 72 -39.64 20.63 -1.67
CA GLU B 72 -39.69 21.90 -0.95
C GLU B 72 -40.18 23.02 -1.84
N VAL B 73 -39.78 22.99 -3.12
CA VAL B 73 -40.24 24.00 -4.07
C VAL B 73 -41.76 23.92 -4.24
N HIS B 74 -42.27 22.71 -4.48
CA HIS B 74 -43.70 22.51 -4.62
C HIS B 74 -44.38 22.63 -3.26
N LYS B 75 -45.70 22.48 -3.27
CA LYS B 75 -46.54 22.57 -2.08
C LYS B 75 -46.12 23.73 -1.18
N GLN B 76 -45.87 24.90 -1.77
CA GLN B 76 -45.64 26.12 -1.02
C GLN B 76 -46.87 27.01 -1.12
N GLN B 77 -47.13 27.75 -0.04
CA GLN B 77 -48.37 28.51 0.09
C GLN B 77 -48.26 29.94 -0.41
N ASP B 78 -47.06 30.39 -0.79
CA ASP B 78 -46.85 31.78 -1.21
C ASP B 78 -46.54 31.92 -2.68
N MET B 79 -45.92 30.92 -3.31
CA MET B 79 -45.50 31.00 -4.70
C MET B 79 -46.63 30.52 -5.60
N ASP B 80 -47.11 31.41 -6.47
CA ASP B 80 -48.11 31.05 -7.49
C ASP B 80 -47.35 30.61 -8.74
N LEU B 81 -47.46 29.33 -9.07
CA LEU B 81 -46.69 28.74 -10.16
C LEU B 81 -47.30 28.99 -11.54
N ASP B 82 -48.20 29.98 -11.67
CA ASP B 82 -48.91 30.22 -12.92
C ASP B 82 -48.52 31.53 -13.59
N ILE B 83 -47.66 32.34 -12.98
CA ILE B 83 -47.30 33.62 -13.56
C ILE B 83 -46.48 33.38 -14.83
N GLU B 84 -46.95 33.93 -15.95
CA GLU B 84 -46.24 33.81 -17.20
C GLU B 84 -45.13 34.85 -17.27
N PHE B 85 -43.90 34.38 -17.51
CA PHE B 85 -42.73 35.25 -17.62
C PHE B 85 -42.25 35.23 -19.07
N ASP B 86 -42.27 36.40 -19.72
CA ASP B 86 -41.70 36.52 -21.05
C ASP B 86 -40.18 36.58 -20.98
N VAL B 87 -39.64 37.23 -19.95
CA VAL B 87 -38.21 37.27 -19.69
C VAL B 87 -37.99 36.89 -18.23
N HIS B 88 -37.03 36.02 -17.98
CA HIS B 88 -36.77 35.56 -16.62
C HIS B 88 -35.43 34.85 -16.57
N LEU B 89 -34.77 34.94 -15.42
CA LEU B 89 -33.52 34.26 -15.16
C LEU B 89 -33.63 33.49 -13.85
N GLY B 90 -33.18 32.24 -13.86
CA GLY B 90 -33.19 31.42 -12.65
C GLY B 90 -31.91 30.62 -12.52
N ILE B 91 -31.34 30.60 -11.32
CA ILE B 91 -30.07 29.92 -11.06
C ILE B 91 -30.29 28.82 -10.05
N ALA B 92 -29.55 27.72 -10.22
CA ALA B 92 -29.68 26.55 -9.36
C ALA B 92 -28.29 26.04 -9.03
N HIS B 93 -28.22 25.14 -8.03
CA HIS B 93 -26.93 24.62 -7.60
C HIS B 93 -27.14 23.42 -6.68
N THR B 94 -26.32 22.39 -6.87
CA THR B 94 -26.21 21.27 -5.95
C THR B 94 -24.80 21.26 -5.36
N ARG B 95 -24.71 21.01 -4.06
CA ARG B 95 -23.49 21.24 -3.30
C ARG B 95 -22.94 19.92 -2.75
N TRP B 96 -21.61 19.79 -2.79
CA TRP B 96 -20.90 18.71 -2.11
C TRP B 96 -20.30 19.32 -0.85
N ALA B 97 -20.96 19.09 0.29
CA ALA B 97 -20.55 19.69 1.56
C ALA B 97 -19.40 18.88 2.15
N THR B 98 -18.19 19.18 1.69
CA THR B 98 -17.01 18.51 2.21
C THR B 98 -16.68 18.96 3.64
N HIS B 99 -17.11 20.17 4.01
CA HIS B 99 -16.89 20.72 5.34
C HIS B 99 -18.21 21.11 5.97
N GLY B 100 -18.16 21.37 7.28
CA GLY B 100 -19.32 21.85 8.01
C GLY B 100 -20.58 21.05 7.78
N GLU B 101 -21.73 21.62 8.17
CA GLU B 101 -23.01 20.96 7.99
C GLU B 101 -23.59 21.31 6.62
N PRO B 102 -24.31 20.37 5.97
CA PRO B 102 -24.98 20.65 4.69
C PRO B 102 -26.32 21.36 4.88
N SER B 103 -26.32 22.43 5.68
CA SER B 103 -27.53 23.13 6.03
C SER B 103 -27.98 24.04 4.89
N PRO B 104 -29.26 24.45 4.87
CA PRO B 104 -29.71 25.37 3.83
C PRO B 104 -28.98 26.69 3.84
N VAL B 105 -28.50 27.14 5.00
CA VAL B 105 -27.80 28.42 5.07
C VAL B 105 -26.45 28.34 4.36
N ASN B 106 -25.88 27.13 4.28
CA ASN B 106 -24.60 26.95 3.59
C ASN B 106 -24.76 26.58 2.13
N SER B 107 -25.94 26.13 1.71
CA SER B 107 -26.18 25.81 0.32
C SER B 107 -26.24 27.08 -0.52
N HIS B 108 -26.12 26.90 -1.83
CA HIS B 108 -26.19 28.00 -2.77
C HIS B 108 -27.56 28.04 -3.45
N PRO B 109 -27.95 29.19 -4.03
CA PRO B 109 -27.21 30.46 -4.16
C PRO B 109 -27.04 31.21 -2.84
N GLN B 110 -25.89 31.86 -2.68
CA GLN B 110 -25.67 32.77 -1.57
C GLN B 110 -26.31 34.12 -1.88
N ARG B 111 -26.42 34.95 -0.86
CA ARG B 111 -27.01 36.28 -1.00
C ARG B 111 -26.08 37.32 -0.39
N SER B 112 -26.32 38.58 -0.75
CA SER B 112 -25.51 39.69 -0.29
C SER B 112 -26.18 40.53 0.80
N ASP B 113 -27.44 40.26 1.10
CA ASP B 113 -28.17 41.04 2.09
C ASP B 113 -29.52 40.38 2.33
N LYS B 114 -30.25 40.90 3.31
CA LYS B 114 -31.55 40.36 3.67
C LYS B 114 -32.64 40.67 2.65
N ASN B 115 -32.31 41.34 1.54
CA ASN B 115 -33.28 41.63 0.49
C ASN B 115 -32.91 41.00 -0.84
N ASN B 116 -31.79 40.27 -0.91
CA ASN B 116 -31.39 39.54 -2.11
C ASN B 116 -31.24 40.49 -3.30
N GLU B 117 -30.27 41.41 -3.19
CA GLU B 117 -29.93 42.25 -4.32
C GLU B 117 -28.97 41.55 -5.27
N PHE B 118 -28.13 40.65 -4.75
CA PHE B 118 -27.21 39.87 -5.56
C PHE B 118 -27.16 38.45 -5.01
N ILE B 119 -27.35 37.47 -5.89
CA ILE B 119 -27.24 36.06 -5.52
C ILE B 119 -26.31 35.38 -6.51
N VAL B 120 -25.42 34.53 -5.99
CA VAL B 120 -24.37 33.91 -6.78
C VAL B 120 -24.30 32.43 -6.43
N ILE B 121 -24.00 31.61 -7.45
CA ILE B 121 -23.74 30.19 -7.27
C ILE B 121 -22.30 29.93 -7.67
N HIS B 122 -21.58 29.20 -6.82
CA HIS B 122 -20.13 29.08 -6.93
C HIS B 122 -19.71 27.62 -6.90
N ASN B 123 -18.81 27.25 -7.81
CA ASN B 123 -18.14 25.95 -7.81
C ASN B 123 -16.64 26.19 -7.68
N GLY B 124 -16.06 25.72 -6.59
CA GLY B 124 -14.63 25.88 -6.35
C GLY B 124 -14.31 26.32 -4.94
N ILE B 125 -13.21 27.04 -4.78
CA ILE B 125 -12.78 27.53 -3.47
C ILE B 125 -12.11 28.88 -3.65
N ILE B 126 -12.35 29.77 -2.69
CA ILE B 126 -11.68 31.06 -2.62
C ILE B 126 -10.62 30.95 -1.52
N THR B 127 -9.35 31.05 -1.91
CA THR B 127 -8.25 30.83 -0.98
C THR B 127 -7.96 32.03 -0.08
N ASN B 128 -8.72 33.12 -0.21
CA ASN B 128 -8.52 34.29 0.64
C ASN B 128 -9.84 34.86 1.14
N TYR B 129 -10.88 34.03 1.23
CA TYR B 129 -12.17 34.52 1.69
C TYR B 129 -12.10 35.04 3.11
N LYS B 130 -11.15 34.54 3.90
CA LYS B 130 -11.00 35.03 5.27
C LYS B 130 -10.60 36.50 5.29
N ASP B 131 -9.65 36.89 4.44
CA ASP B 131 -9.29 38.29 4.33
C ASP B 131 -10.45 39.12 3.80
N LEU B 132 -11.16 38.60 2.80
CA LEU B 132 -12.32 39.31 2.26
C LEU B 132 -13.43 39.42 3.30
N LYS B 133 -13.56 38.44 4.19
CA LYS B 133 -14.61 38.48 5.19
C LYS B 133 -14.35 39.60 6.21
N LYS B 134 -13.09 39.82 6.58
CA LYS B 134 -12.78 40.87 7.55
C LYS B 134 -12.90 42.26 6.93
N PHE B 135 -12.58 42.39 5.64
CA PHE B 135 -12.71 43.69 4.98
C PHE B 135 -14.18 44.08 4.83
N LEU B 136 -15.04 43.11 4.50
CA LEU B 136 -16.44 43.42 4.28
C LEU B 136 -17.18 43.66 5.60
N GLU B 137 -16.73 43.03 6.69
CA GLU B 137 -17.40 43.22 7.97
C GLU B 137 -17.14 44.60 8.55
N SER B 138 -15.98 45.20 8.24
CA SER B 138 -15.68 46.53 8.74
C SER B 138 -16.46 47.61 8.02
N LYS B 139 -16.81 47.39 6.75
CA LYS B 139 -17.54 48.37 5.98
C LYS B 139 -19.04 48.38 6.28
N GLY B 140 -19.55 47.37 6.98
CA GLY B 140 -20.94 47.36 7.40
C GLY B 140 -21.74 46.17 6.90
N TYR B 141 -21.06 45.10 6.50
CA TYR B 141 -21.72 43.90 5.98
C TYR B 141 -21.70 42.81 7.04
N ASP B 142 -22.85 42.16 7.22
CA ASP B 142 -23.01 41.10 8.21
C ASP B 142 -23.09 39.76 7.50
N PHE B 143 -22.26 38.81 7.95
CA PHE B 143 -22.21 37.47 7.37
C PHE B 143 -23.11 36.51 8.14
N GLU B 144 -23.71 35.58 7.41
CA GLU B 144 -24.62 34.59 7.99
C GLU B 144 -24.10 33.17 7.90
N SER B 145 -23.47 32.80 6.80
CA SER B 145 -23.00 31.43 6.59
C SER B 145 -21.49 31.34 6.79
N GLU B 146 -21.01 30.10 6.85
CA GLU B 146 -19.59 29.82 7.01
C GLU B 146 -18.90 29.48 5.69
N THR B 147 -19.62 29.55 4.57
CA THR B 147 -19.05 29.18 3.28
C THR B 147 -18.21 30.32 2.72
N ASP B 148 -17.23 29.94 1.88
CA ASP B 148 -16.43 30.92 1.17
C ASP B 148 -17.21 31.62 0.07
N THR B 149 -18.37 31.09 -0.31
CA THR B 149 -19.15 31.69 -1.38
C THR B 149 -19.79 33.01 -0.95
N GLU B 150 -20.09 33.14 0.35
CA GLU B 150 -20.78 34.35 0.82
C GLU B 150 -19.90 35.59 0.64
N THR B 151 -18.58 35.44 0.74
CA THR B 151 -17.69 36.57 0.51
C THR B 151 -17.70 37.04 -0.94
N ILE B 152 -18.25 36.24 -1.85
CA ILE B 152 -18.39 36.67 -3.24
C ILE B 152 -19.68 37.48 -3.41
N ALA B 153 -20.72 37.18 -2.63
CA ALA B 153 -21.97 37.92 -2.71
C ALA B 153 -21.87 39.26 -1.97
N LYS B 154 -21.31 39.24 -0.77
CA LYS B 154 -21.13 40.47 -0.02
C LYS B 154 -20.13 41.42 -0.67
N LEU B 155 -19.35 40.95 -1.65
CA LEU B 155 -18.36 41.78 -2.32
C LEU B 155 -18.87 42.37 -3.62
N VAL B 156 -19.63 41.60 -4.42
CA VAL B 156 -20.22 42.15 -5.63
C VAL B 156 -21.18 43.28 -5.28
N LYS B 157 -21.76 43.25 -4.08
CA LYS B 157 -22.58 44.36 -3.60
C LYS B 157 -21.72 45.53 -3.14
N TYR B 158 -20.52 45.25 -2.61
CA TYR B 158 -19.62 46.32 -2.21
C TYR B 158 -19.13 47.11 -3.42
N MET B 159 -18.84 46.41 -4.53
CA MET B 159 -18.47 47.09 -5.77
C MET B 159 -19.66 47.84 -6.37
N TYR B 160 -20.89 47.44 -6.01
CA TYR B 160 -22.08 48.15 -6.49
C TYR B 160 -22.39 49.37 -5.63
N ASP B 161 -22.01 49.35 -4.35
CA ASP B 161 -22.24 50.47 -3.45
C ASP B 161 -21.17 51.54 -3.55
N ASN B 162 -20.19 51.38 -4.44
CA ASN B 162 -19.11 52.36 -4.59
C ASN B 162 -18.72 52.55 -6.05
N ARG B 163 -19.68 52.40 -6.96
CA ARG B 163 -19.41 52.58 -8.38
C ARG B 163 -19.26 54.07 -8.70
N GLU B 164 -18.74 54.35 -9.89
CA GLU B 164 -18.48 55.74 -10.30
C GLU B 164 -19.65 56.35 -11.07
N SER B 165 -20.31 55.56 -11.91
CA SER B 165 -21.44 56.02 -12.70
C SER B 165 -22.70 55.29 -12.28
N GLN B 166 -23.85 55.93 -12.55
CA GLN B 166 -25.13 55.37 -12.13
C GLN B 166 -25.48 54.09 -12.89
N ASP B 167 -24.84 53.83 -14.03
CA ASP B 167 -25.15 52.67 -14.85
C ASP B 167 -23.85 51.96 -15.27
N THR B 168 -23.14 51.45 -14.28
CA THR B 168 -21.99 50.59 -14.54
C THR B 168 -22.47 49.20 -14.88
N SER B 169 -22.02 48.66 -16.02
CA SER B 169 -22.50 47.37 -16.48
C SER B 169 -22.29 46.30 -15.42
N PHE B 170 -23.14 45.26 -15.48
CA PHE B 170 -22.99 44.14 -14.56
C PHE B 170 -21.63 43.48 -14.71
N THR B 171 -21.05 43.55 -15.91
CA THR B 171 -19.71 42.99 -16.12
C THR B 171 -18.68 43.72 -15.29
N THR B 172 -18.73 45.06 -15.27
CA THR B 172 -17.76 45.83 -14.52
C THR B 172 -17.80 45.47 -13.03
N LEU B 173 -18.99 45.24 -12.49
CA LEU B 173 -19.10 44.84 -11.09
C LEU B 173 -18.47 43.47 -10.86
N VAL B 174 -18.74 42.51 -11.74
CA VAL B 174 -18.16 41.18 -11.60
C VAL B 174 -16.65 41.24 -11.82
N GLU B 175 -16.20 42.06 -12.76
CA GLU B 175 -14.76 42.16 -13.03
C GLU B 175 -14.01 42.65 -11.80
N ARG B 176 -14.58 43.58 -11.06
CA ARG B 176 -13.93 44.07 -9.84
C ARG B 176 -13.91 43.01 -8.75
N VAL B 177 -14.86 42.08 -8.77
CA VAL B 177 -14.92 41.04 -7.75
C VAL B 177 -13.81 40.02 -7.98
N ILE B 178 -13.78 39.43 -9.18
CA ILE B 178 -12.81 38.37 -9.47
C ILE B 178 -11.39 38.87 -9.28
N GLN B 179 -11.16 40.18 -9.42
CA GLN B 179 -9.83 40.73 -9.18
C GLN B 179 -9.43 40.67 -7.71
N GLN B 180 -10.40 40.55 -6.80
CA GLN B 180 -10.13 40.39 -5.39
C GLN B 180 -10.24 38.94 -4.93
N LEU B 181 -10.70 38.03 -5.78
CA LEU B 181 -10.82 36.62 -5.44
C LEU B 181 -9.55 35.87 -5.82
N GLU B 182 -9.08 35.02 -4.92
CA GLU B 182 -7.95 34.15 -5.16
C GLU B 182 -8.42 32.70 -5.21
N GLY B 183 -7.75 31.90 -6.02
CA GLY B 183 -8.10 30.50 -6.20
C GLY B 183 -8.94 30.27 -7.44
N ALA B 184 -9.63 29.13 -7.44
CA ALA B 184 -10.46 28.73 -8.56
C ALA B 184 -11.93 28.97 -8.23
N PHE B 185 -12.73 29.18 -9.28
CA PHE B 185 -14.15 29.46 -9.09
C PHE B 185 -14.84 29.45 -10.44
N ALA B 186 -16.14 29.11 -10.42
CA ALA B 186 -17.01 29.21 -11.58
C ALA B 186 -18.32 29.82 -11.10
N LEU B 187 -18.61 31.05 -11.51
CA LEU B 187 -19.68 31.84 -10.91
C LEU B 187 -20.77 32.14 -11.94
N VAL B 188 -21.98 32.31 -11.44
CA VAL B 188 -23.14 32.73 -12.23
C VAL B 188 -23.94 33.67 -11.34
N PHE B 189 -24.03 34.94 -11.71
CA PHE B 189 -24.66 35.97 -10.90
C PHE B 189 -26.09 36.25 -11.35
N LYS B 190 -26.87 36.82 -10.42
CA LYS B 190 -28.18 37.35 -10.72
C LYS B 190 -28.47 38.46 -9.74
N SER B 191 -29.06 39.55 -10.23
CA SER B 191 -29.33 40.72 -9.40
C SER B 191 -30.67 41.32 -9.79
N VAL B 192 -31.34 41.94 -8.81
CA VAL B 192 -32.57 42.65 -9.08
C VAL B 192 -32.30 43.92 -9.87
N HIS B 193 -31.15 44.55 -9.64
CA HIS B 193 -30.81 45.78 -10.36
C HIS B 193 -30.62 45.53 -11.84
N PHE B 194 -30.14 44.35 -12.21
CA PHE B 194 -29.96 43.97 -13.60
C PHE B 194 -30.95 42.86 -13.96
N PRO B 195 -32.23 43.18 -14.15
CA PRO B 195 -33.22 42.12 -14.39
C PRO B 195 -32.94 41.37 -15.66
N GLY B 196 -33.03 40.04 -15.58
CA GLY B 196 -32.80 39.17 -16.71
C GLY B 196 -31.35 39.04 -17.13
N GLN B 197 -30.44 39.82 -16.56
CA GLN B 197 -29.04 39.78 -16.95
C GLN B 197 -28.29 38.76 -16.10
N ALA B 198 -27.52 37.90 -16.77
CA ALA B 198 -26.67 36.93 -16.10
C ALA B 198 -25.22 37.18 -16.49
N VAL B 199 -24.30 36.85 -15.58
CA VAL B 199 -22.87 36.99 -15.81
C VAL B 199 -22.20 35.69 -15.40
N GLY B 200 -21.40 35.12 -16.31
CA GLY B 200 -20.71 33.87 -16.04
C GLY B 200 -19.23 33.94 -16.29
N THR B 201 -18.44 33.95 -15.22
CA THR B 201 -16.99 33.97 -15.29
C THR B 201 -16.43 32.72 -14.62
N ARG B 202 -15.27 32.27 -15.11
CA ARG B 202 -14.64 31.07 -14.59
C ARG B 202 -13.14 31.31 -14.43
N ARG B 203 -12.50 30.41 -13.69
CA ARG B 203 -11.06 30.41 -13.53
C ARG B 203 -10.62 29.11 -12.88
N GLY B 204 -10.24 28.12 -13.70
CA GLY B 204 -9.86 26.82 -13.19
C GLY B 204 -11.03 25.92 -12.85
N SER B 205 -12.23 26.25 -13.33
CA SER B 205 -13.40 25.44 -13.09
C SER B 205 -14.30 25.50 -14.32
N PRO B 206 -14.95 24.41 -14.71
CA PRO B 206 -15.74 24.44 -15.94
C PRO B 206 -16.95 25.35 -15.84
N LEU B 207 -17.31 25.95 -16.97
CA LEU B 207 -18.51 26.76 -17.09
C LEU B 207 -18.79 27.09 -18.55
N LEU B 208 -19.81 26.46 -19.12
CA LEU B 208 -20.21 26.69 -20.50
C LEU B 208 -21.57 27.39 -20.54
N ILE B 209 -21.98 27.76 -21.74
CA ILE B 209 -23.25 28.44 -21.96
C ILE B 209 -23.94 27.81 -23.16
N GLY B 210 -25.10 27.20 -22.93
CA GLY B 210 -25.90 26.67 -24.01
C GLY B 210 -26.84 27.70 -24.60
N VAL B 211 -27.28 27.43 -25.83
CA VAL B 211 -28.16 28.35 -26.54
C VAL B 211 -29.10 27.54 -27.42
N ARG B 212 -30.38 27.94 -27.43
CA ARG B 212 -31.38 27.35 -28.30
C ARG B 212 -32.26 28.45 -28.85
N SER B 213 -32.62 28.32 -30.13
CA SER B 213 -33.48 29.30 -30.78
C SER B 213 -33.87 28.82 -32.18
N GLU B 214 -35.16 28.90 -32.51
CA GLU B 214 -35.62 28.50 -33.84
C GLU B 214 -35.13 29.45 -34.92
N HIS B 215 -34.57 30.60 -34.56
CA HIS B 215 -34.05 31.56 -35.52
C HIS B 215 -32.56 31.33 -35.73
N LYS B 216 -32.02 32.00 -36.75
CA LYS B 216 -30.60 31.90 -37.06
C LYS B 216 -29.79 32.73 -36.08
N LEU B 217 -28.59 32.24 -35.75
CA LEU B 217 -27.69 32.94 -34.86
C LEU B 217 -26.79 33.87 -35.66
N SER B 218 -26.46 35.02 -35.06
CA SER B 218 -25.71 36.06 -35.78
C SER B 218 -24.27 35.65 -36.06
N THR B 219 -23.73 34.70 -35.32
CA THR B 219 -22.33 34.30 -35.53
C THR B 219 -22.11 32.94 -34.88
N ASP B 220 -20.91 32.39 -35.11
CA ASP B 220 -20.47 31.17 -34.47
C ASP B 220 -19.07 31.32 -33.87
N HIS B 221 -18.63 32.57 -33.64
CA HIS B 221 -17.31 32.84 -33.06
C HIS B 221 -17.40 34.19 -32.35
N ILE B 222 -17.92 34.16 -31.12
CA ILE B 222 -18.07 35.36 -30.32
C ILE B 222 -16.69 35.95 -30.06
N PRO B 223 -16.41 37.19 -30.46
CA PRO B 223 -15.07 37.75 -30.24
C PRO B 223 -14.90 38.22 -28.81
N ILE B 224 -13.87 37.69 -28.14
CA ILE B 224 -13.55 38.14 -26.79
C ILE B 224 -13.15 39.61 -26.84
N LEU B 225 -13.58 40.36 -25.81
CA LEU B 225 -13.39 41.80 -25.77
C LEU B 225 -12.43 42.18 -24.65
N TYR B 226 -12.08 43.46 -24.61
CA TYR B 226 -11.20 44.00 -23.59
C TYR B 226 -11.69 45.39 -23.20
N ARG B 227 -11.86 45.63 -21.91
CA ARG B 227 -12.33 46.91 -21.42
C ARG B 227 -11.35 48.03 -21.76
N VAL B 241 -19.39 46.34 -28.02
CA VAL B 241 -20.47 45.37 -27.88
C VAL B 241 -21.62 45.75 -28.80
N ASP B 242 -21.43 45.55 -30.11
CA ASP B 242 -22.45 45.88 -31.10
C ASP B 242 -23.03 44.60 -31.71
N SEP B 243 -23.81 44.76 -32.77
CA SEP B 243 -24.51 43.63 -33.40
CB SEP B 243 -25.57 44.15 -34.36
OG SEP B 243 -26.60 44.84 -33.66
C SEP B 243 -23.55 42.69 -34.12
O SEP B 243 -23.96 41.62 -34.56
P SEP B 243 -27.58 45.60 -34.69
O1P SEP B 243 -28.06 44.58 -35.84
O2P SEP B 243 -28.86 46.16 -33.89
O3P SEP B 243 -26.79 46.83 -35.37
H SEP B 243 -23.97 45.52 -33.16
HA SEP B 243 -24.96 43.12 -32.69
HB2 SEP B 243 -25.96 43.41 -34.84
HB3 SEP B 243 -25.15 44.77 -35.00
N THR B 244 -22.30 43.10 -34.26
CA THR B 244 -21.27 42.24 -34.85
C THR B 244 -20.31 41.77 -33.76
N THR B 245 -20.84 41.58 -32.55
CA THR B 245 -20.06 41.13 -31.41
C THR B 245 -20.79 40.15 -30.51
N CYS B 246 -22.11 40.17 -30.43
CA CYS B 246 -22.87 39.33 -29.52
C CYS B 246 -23.55 38.20 -30.29
N LEU B 247 -23.79 37.10 -29.58
CA LEU B 247 -24.53 35.97 -30.12
C LEU B 247 -26.01 36.14 -29.77
N PHE B 248 -26.86 36.20 -30.80
CA PHE B 248 -28.27 36.47 -30.60
C PHE B 248 -29.02 36.10 -31.86
N PRO B 249 -30.33 35.88 -31.77
CA PRO B 249 -31.13 35.63 -32.99
C PRO B 249 -31.24 36.90 -33.83
N VAL B 250 -31.19 36.73 -35.14
CA VAL B 250 -31.09 37.85 -36.08
C VAL B 250 -32.38 38.66 -36.05
N GLU B 251 -33.45 38.11 -36.62
CA GLU B 251 -34.66 38.91 -36.86
C GLU B 251 -35.50 39.08 -35.59
N GLU B 252 -35.64 38.03 -34.80
CA GLU B 252 -36.51 38.05 -33.62
C GLU B 252 -35.67 37.96 -32.35
N LYS B 253 -36.36 37.87 -31.21
CA LYS B 253 -35.73 37.85 -29.90
C LYS B 253 -35.80 36.50 -29.21
N ALA B 254 -36.54 35.53 -29.76
CA ALA B 254 -36.71 34.25 -29.09
C ALA B 254 -35.38 33.53 -28.92
N VAL B 255 -34.93 33.37 -27.67
CA VAL B 255 -33.68 32.69 -27.37
C VAL B 255 -33.77 32.12 -25.97
N GLU B 256 -33.10 30.98 -25.75
CA GLU B 256 -33.02 30.33 -24.45
C GLU B 256 -31.57 29.98 -24.17
N TYR B 257 -31.05 30.48 -23.06
CA TYR B 257 -29.69 30.19 -22.64
C TYR B 257 -29.70 29.13 -21.53
N TYR B 258 -28.56 28.46 -21.37
CA TYR B 258 -28.40 27.41 -20.37
C TYR B 258 -26.97 27.47 -19.82
N PHE B 259 -26.78 28.28 -18.77
CA PHE B 259 -25.53 28.24 -18.03
C PHE B 259 -25.42 26.91 -17.29
N ALA B 260 -24.24 26.32 -17.32
CA ALA B 260 -24.06 25.02 -16.67
C ALA B 260 -22.57 24.72 -16.55
N SER B 261 -22.21 24.03 -15.48
CA SER B 261 -20.84 23.58 -15.27
C SER B 261 -20.54 22.26 -15.96
N ASP B 262 -21.53 21.64 -16.61
CA ASP B 262 -21.32 20.40 -17.34
C ASP B 262 -22.28 20.36 -18.52
N ALA B 263 -21.97 19.50 -19.47
CA ALA B 263 -22.75 19.40 -20.71
C ALA B 263 -23.96 18.50 -20.59
N SER B 264 -24.00 17.60 -19.59
CA SER B 264 -25.14 16.70 -19.45
C SER B 264 -26.42 17.47 -19.12
N ALA B 265 -26.30 18.58 -18.40
CA ALA B 265 -27.48 19.36 -18.03
C ALA B 265 -28.03 20.17 -19.20
N VAL B 266 -27.30 20.28 -20.31
CA VAL B 266 -27.71 21.09 -21.44
C VAL B 266 -28.05 20.25 -22.67
N ILE B 267 -27.52 19.04 -22.79
CA ILE B 267 -27.74 18.24 -24.00
C ILE B 267 -29.23 17.97 -24.21
N GLU B 268 -29.99 17.84 -23.11
CA GLU B 268 -31.41 17.54 -23.24
C GLU B 268 -32.18 18.67 -23.91
N HIS B 269 -31.71 19.91 -23.77
CA HIS B 269 -32.39 21.06 -24.36
C HIS B 269 -31.76 21.54 -25.65
N THR B 270 -30.46 21.38 -25.83
CA THR B 270 -29.79 21.81 -27.05
C THR B 270 -28.35 21.30 -27.02
N ASN B 271 -27.77 21.16 -28.21
CA ASN B 271 -26.38 20.75 -28.36
C ASN B 271 -25.51 21.87 -28.92
N ARG B 272 -25.82 23.12 -28.59
CA ARG B 272 -25.07 24.29 -29.04
C ARG B 272 -24.61 25.05 -27.81
N VAL B 273 -23.35 24.87 -27.43
CA VAL B 273 -22.78 25.49 -26.23
C VAL B 273 -21.56 26.31 -26.64
N ILE B 274 -21.08 27.11 -25.70
CA ILE B 274 -19.91 27.96 -25.88
C ILE B 274 -19.03 27.75 -24.65
N PHE B 275 -18.04 26.87 -24.76
CA PHE B 275 -17.14 26.60 -23.65
C PHE B 275 -16.28 27.84 -23.39
N LEU B 276 -16.46 28.46 -22.22
CA LEU B 276 -15.68 29.63 -21.86
C LEU B 276 -14.25 29.22 -21.53
N GLU B 277 -13.44 30.21 -21.18
CA GLU B 277 -12.05 30.01 -20.83
C GLU B 277 -11.73 30.80 -19.58
N ASP B 278 -10.53 30.58 -19.04
CA ASP B 278 -10.13 31.26 -17.81
C ASP B 278 -10.21 32.77 -17.98
N ASP B 279 -10.90 33.42 -17.05
CA ASP B 279 -11.06 34.87 -16.98
C ASP B 279 -11.97 35.42 -18.08
N ASP B 280 -12.68 34.56 -18.80
CA ASP B 280 -13.71 35.03 -19.74
C ASP B 280 -14.98 35.35 -18.98
N VAL B 281 -15.41 36.61 -19.07
CA VAL B 281 -16.57 37.11 -18.32
C VAL B 281 -17.71 37.22 -19.33
N ALA B 282 -18.46 36.14 -19.48
CA ALA B 282 -19.64 36.16 -20.34
C ALA B 282 -20.76 36.94 -19.66
N ALA B 283 -21.61 37.56 -20.48
CA ALA B 283 -22.70 38.38 -19.97
C ALA B 283 -23.84 38.39 -20.98
N VAL B 284 -25.03 38.00 -20.53
CA VAL B 284 -26.23 38.04 -21.36
C VAL B 284 -26.99 39.31 -21.01
N VAL B 285 -27.10 40.22 -21.97
CA VAL B 285 -27.77 41.50 -21.79
C VAL B 285 -28.72 41.70 -22.97
N ASP B 286 -29.97 42.04 -22.66
CA ASP B 286 -31.01 42.17 -23.69
C ASP B 286 -31.13 40.89 -24.52
N GLY B 287 -30.81 39.76 -23.90
CA GLY B 287 -30.84 38.49 -24.61
C GLY B 287 -29.71 38.31 -25.60
N ARG B 288 -28.57 38.96 -25.37
CA ARG B 288 -27.42 38.89 -26.26
C ARG B 288 -26.20 38.46 -25.46
N LEU B 289 -25.55 37.39 -25.90
CA LEU B 289 -24.39 36.84 -25.22
C LEU B 289 -23.12 37.50 -25.74
N SER B 290 -22.38 38.15 -24.85
CA SER B 290 -21.10 38.78 -25.19
C SER B 290 -20.07 38.38 -24.14
N ILE B 291 -18.84 38.17 -24.60
CA ILE B 291 -17.74 37.76 -23.73
C ILE B 291 -16.81 38.94 -23.54
N HIS B 292 -16.26 39.07 -22.34
CA HIS B 292 -15.37 40.17 -21.99
C HIS B 292 -14.09 39.61 -21.37
N ARG B 293 -13.09 40.47 -21.25
CA ARG B 293 -11.80 40.06 -20.68
C ARG B 293 -10.91 41.27 -20.43
N ARG B 310 -13.96 32.42 -28.26
CA ARG B 310 -15.17 31.63 -28.17
C ARG B 310 -15.49 30.96 -29.49
N ALA B 311 -16.46 30.04 -29.48
CA ALA B 311 -16.85 29.32 -30.68
C ALA B 311 -18.11 28.50 -30.43
N VAL B 312 -19.24 28.94 -30.97
CA VAL B 312 -20.49 28.20 -30.85
C VAL B 312 -20.31 26.89 -31.62
N GLN B 313 -20.33 25.77 -30.89
CA GLN B 313 -20.00 24.48 -31.45
C GLN B 313 -21.07 23.45 -31.10
N THR B 314 -21.04 22.33 -31.82
CA THR B 314 -21.99 21.24 -31.63
C THR B 314 -21.37 20.19 -30.72
N LEU B 315 -22.14 19.75 -29.72
CA LEU B 315 -21.67 18.70 -28.82
C LEU B 315 -21.79 17.34 -29.48
N GLN B 316 -20.79 16.50 -29.25
CA GLN B 316 -20.75 15.14 -29.81
C GLN B 316 -21.26 14.13 -28.80
N MET B 317 -22.46 14.38 -28.27
CA MET B 317 -23.04 13.53 -27.24
C MET B 317 -24.52 13.34 -27.51
N GLU B 318 -24.98 12.09 -27.34
CA GLU B 318 -26.39 11.76 -27.47
C GLU B 318 -27.00 11.58 -26.09
N LEU B 319 -28.27 11.96 -25.96
CA LEU B 319 -28.94 11.89 -24.66
C LEU B 319 -28.93 10.46 -24.12
N GLN B 320 -29.05 9.46 -24.99
CA GLN B 320 -29.07 8.08 -24.55
C GLN B 320 -27.85 7.75 -23.70
N GLN B 321 -26.72 8.41 -23.95
CA GLN B 321 -25.50 8.10 -23.22
C GLN B 321 -25.59 8.44 -21.74
N ILE B 322 -26.50 9.34 -21.35
CA ILE B 322 -26.65 9.74 -19.96
C ILE B 322 -28.01 9.27 -19.40
N MET B 323 -28.63 8.27 -20.04
CA MET B 323 -29.87 7.69 -19.56
C MET B 323 -29.59 6.28 -19.03
N LYS B 324 -30.29 5.91 -17.96
CA LYS B 324 -30.12 4.59 -17.37
C LYS B 324 -30.60 3.49 -18.29
N GLY B 325 -31.37 3.82 -19.32
CA GLY B 325 -31.93 2.78 -20.18
C GLY B 325 -32.93 1.96 -19.41
N ASN B 326 -32.81 0.63 -19.52
CA ASN B 326 -33.69 -0.29 -18.82
C ASN B 326 -33.08 -0.78 -17.50
N PHE B 327 -31.98 -0.20 -17.07
CA PHE B 327 -31.35 -0.58 -15.80
C PHE B 327 -31.86 0.30 -14.67
N SER B 328 -31.91 -0.28 -13.47
CA SER B 328 -32.40 0.44 -12.30
C SER B 328 -31.40 1.45 -11.77
N SER B 329 -30.15 1.38 -12.19
CA SER B 329 -29.12 2.29 -11.70
C SER B 329 -28.10 2.54 -12.79
N PHE B 330 -27.45 3.71 -12.73
CA PHE B 330 -26.38 4.01 -13.68
C PHE B 330 -25.22 3.03 -13.53
N MET B 331 -24.85 2.70 -12.28
CA MET B 331 -23.71 1.83 -12.06
C MET B 331 -23.96 0.45 -12.67
N GLN B 332 -25.17 -0.08 -12.54
CA GLN B 332 -25.48 -1.36 -13.13
C GLN B 332 -25.37 -1.32 -14.64
N LYS B 333 -25.96 -0.29 -15.26
CA LYS B 333 -25.79 -0.09 -16.70
C LYS B 333 -24.31 -0.07 -17.07
N GLU B 334 -23.53 0.75 -16.37
CA GLU B 334 -22.13 0.95 -16.74
C GLU B 334 -21.29 -0.29 -16.52
N ILE B 335 -21.72 -1.21 -15.65
CA ILE B 335 -21.03 -2.49 -15.51
C ILE B 335 -21.39 -3.41 -16.66
N PHE B 336 -22.68 -3.54 -16.96
CA PHE B 336 -23.14 -4.44 -18.00
C PHE B 336 -22.86 -3.90 -19.41
N GLU B 337 -22.55 -2.62 -19.55
CA GLU B 337 -22.18 -2.06 -20.85
C GLU B 337 -20.68 -2.15 -21.13
N GLN B 338 -19.91 -2.72 -20.21
CA GLN B 338 -18.47 -2.82 -20.44
C GLN B 338 -18.12 -3.62 -21.69
N PRO B 339 -18.89 -4.62 -22.13
CA PRO B 339 -18.60 -5.21 -23.45
C PRO B 339 -18.59 -4.17 -24.56
N GLU B 340 -19.47 -3.18 -24.49
CA GLU B 340 -19.54 -2.14 -25.51
C GLU B 340 -18.46 -1.07 -25.30
N SER B 341 -18.31 -0.59 -24.06
CA SER B 341 -17.33 0.46 -23.80
C SER B 341 -15.91 0.00 -24.08
N VAL B 342 -15.62 -1.28 -23.84
CA VAL B 342 -14.33 -1.84 -24.21
C VAL B 342 -14.15 -1.77 -25.73
N VAL B 343 -15.20 -2.10 -26.48
CA VAL B 343 -15.13 -2.03 -27.93
C VAL B 343 -14.93 -0.59 -28.39
N ASN B 344 -15.67 0.35 -27.77
CA ASN B 344 -15.52 1.74 -28.16
C ASN B 344 -14.12 2.26 -27.85
N THR B 345 -13.49 1.74 -26.80
CA THR B 345 -12.12 2.16 -26.48
C THR B 345 -11.14 1.74 -27.57
N MET B 346 -11.38 0.58 -28.21
CA MET B 346 -10.48 0.08 -29.23
C MET B 346 -10.90 0.51 -30.64
N ARG B 347 -12.08 1.09 -30.81
CA ARG B 347 -12.58 1.42 -32.14
C ARG B 347 -11.63 2.33 -32.88
N GLY B 348 -11.37 2.01 -34.14
CA GLY B 348 -10.52 2.82 -34.99
C GLY B 348 -9.08 2.89 -34.53
N ARG B 349 -8.70 2.03 -33.59
CA ARG B 349 -7.35 2.03 -33.03
C ARG B 349 -6.68 0.68 -33.16
N VAL B 350 -7.48 -0.39 -33.13
CA VAL B 350 -6.97 -1.75 -33.17
C VAL B 350 -7.49 -2.40 -34.45
N ASN B 351 -6.56 -2.99 -35.22
CA ASN B 351 -6.89 -3.75 -36.42
C ASN B 351 -6.44 -5.19 -36.20
N PHE B 352 -7.41 -6.11 -36.14
CA PHE B 352 -7.11 -7.50 -35.84
C PHE B 352 -6.72 -8.31 -37.07
N ASP B 353 -7.02 -7.81 -38.27
CA ASP B 353 -6.62 -8.52 -39.48
C ASP B 353 -5.10 -8.51 -39.65
N ASP B 354 -4.46 -7.36 -39.41
CA ASP B 354 -3.02 -7.23 -39.54
C ASP B 354 -2.34 -6.99 -38.19
N TYR B 355 -3.09 -6.99 -37.09
CA TYR B 355 -2.51 -6.90 -35.75
C TYR B 355 -1.70 -5.61 -35.59
N THR B 356 -2.34 -4.47 -35.88
CA THR B 356 -1.72 -3.17 -35.74
C THR B 356 -2.48 -2.34 -34.71
N VAL B 357 -1.74 -1.47 -34.02
CA VAL B 357 -2.30 -0.59 -33.01
C VAL B 357 -1.86 0.83 -33.33
N ASN B 358 -2.83 1.75 -33.41
CA ASN B 358 -2.55 3.14 -33.69
C ASN B 358 -3.43 4.01 -32.81
N LEU B 359 -2.80 4.79 -31.93
CA LEU B 359 -3.49 5.78 -31.11
C LEU B 359 -3.20 7.15 -31.69
N GLY B 360 -4.16 7.70 -32.44
CA GLY B 360 -3.93 8.96 -33.12
C GLY B 360 -3.42 10.05 -32.21
N GLY B 361 -3.88 10.05 -30.95
CA GLY B 361 -3.46 11.07 -30.00
C GLY B 361 -1.98 11.06 -29.69
N LEU B 362 -1.26 10.00 -30.06
CA LEU B 362 0.15 9.86 -29.73
C LEU B 362 1.04 9.76 -30.97
N LYS B 363 0.48 9.92 -32.16
CA LYS B 363 1.27 9.69 -33.37
C LYS B 363 2.46 10.64 -33.45
N ASP B 364 2.26 11.90 -33.07
CA ASP B 364 3.32 12.90 -33.19
C ASP B 364 4.29 12.88 -32.01
N HIS B 365 4.13 11.98 -31.05
CA HIS B 365 5.00 11.92 -29.88
C HIS B 365 5.54 10.54 -29.59
N ILE B 366 5.01 9.48 -30.22
CA ILE B 366 5.42 8.12 -29.88
C ILE B 366 6.93 7.95 -30.06
N LYS B 367 7.48 8.56 -31.11
CA LYS B 367 8.91 8.43 -31.37
C LYS B 367 9.72 8.99 -30.21
N GLU B 368 9.38 10.20 -29.76
CA GLU B 368 10.12 10.82 -28.66
C GLU B 368 9.86 10.12 -27.35
N ILE B 369 8.70 9.51 -27.18
CA ILE B 369 8.41 8.76 -25.95
C ILE B 369 9.38 7.59 -25.80
N GLN B 370 9.74 6.96 -26.93
CA GLN B 370 10.63 5.81 -26.87
C GLN B 370 12.06 6.19 -26.57
N ARG B 371 12.46 7.43 -26.82
CA ARG B 371 13.80 7.88 -26.44
C ARG B 371 13.88 8.29 -24.98
N CYS B 372 12.76 8.31 -24.26
CA CYS B 372 12.78 8.62 -22.84
C CYS B 372 13.21 7.40 -22.04
N ARG B 373 13.41 7.60 -20.73
CA ARG B 373 14.04 6.59 -19.89
C ARG B 373 13.19 6.11 -18.73
N ARG B 374 12.03 6.70 -18.48
CA ARG B 374 11.19 6.23 -17.39
C ARG B 374 9.74 6.62 -17.63
N LEU B 375 8.84 5.75 -17.21
CA LEU B 375 7.40 6.01 -17.23
C LEU B 375 6.92 6.23 -15.80
N ILE B 376 6.15 7.29 -15.60
CA ILE B 376 5.53 7.58 -14.31
C ILE B 376 4.03 7.69 -14.53
N LEU B 377 3.25 6.90 -13.79
CA LEU B 377 1.80 6.94 -13.84
C LEU B 377 1.30 7.60 -12.56
N ILE B 378 0.53 8.68 -12.71
CA ILE B 378 0.05 9.49 -11.60
C ILE B 378 -1.46 9.57 -11.70
N ALA B 379 -2.15 9.25 -10.59
CA ALA B 379 -3.60 9.25 -10.59
C ALA B 379 -4.08 9.06 -9.15
N CYS B 380 -5.41 9.08 -8.98
CA CYS B 380 -6.05 8.90 -7.69
C CYS B 380 -7.06 7.76 -7.75
N GLY B 381 -7.23 7.08 -6.63
CA GLY B 381 -8.33 6.13 -6.49
C GLY B 381 -8.29 5.04 -7.55
N THR B 382 -9.44 4.80 -8.17
CA THR B 382 -9.55 3.72 -9.16
C THR B 382 -8.64 3.96 -10.35
N SER B 383 -8.43 5.22 -10.74
CA SER B 383 -7.50 5.50 -11.83
C SER B 383 -6.07 5.11 -11.46
N TYR B 384 -5.71 5.24 -10.18
CA TYR B 384 -4.41 4.74 -9.73
C TYR B 384 -4.35 3.22 -9.85
N HIS B 385 -5.45 2.54 -9.54
CA HIS B 385 -5.48 1.08 -9.66
C HIS B 385 -5.28 0.63 -11.10
N ALA B 386 -5.78 1.40 -12.06
CA ALA B 386 -5.57 1.05 -13.46
C ALA B 386 -4.09 1.03 -13.81
N GLY B 387 -3.31 1.95 -13.23
CA GLY B 387 -1.87 1.91 -13.42
C GLY B 387 -1.25 0.70 -12.76
N VAL B 388 -1.67 0.38 -11.54
CA VAL B 388 -1.19 -0.83 -10.88
C VAL B 388 -1.54 -2.06 -11.72
N ALA B 389 -2.70 -2.05 -12.38
CA ALA B 389 -3.16 -3.20 -13.13
C ALA B 389 -2.36 -3.42 -14.41
N THR B 390 -1.69 -2.38 -14.92
CA THR B 390 -0.95 -2.48 -16.18
C THR B 390 0.54 -2.23 -16.01
N ARG B 391 1.02 -1.96 -14.80
CA ARG B 391 2.44 -1.70 -14.59
C ARG B 391 3.30 -2.84 -15.13
N GLN B 392 2.90 -4.09 -14.85
CA GLN B 392 3.75 -5.22 -15.22
C GLN B 392 3.91 -5.33 -16.74
N VAL B 393 2.80 -5.23 -17.47
CA VAL B 393 2.89 -5.38 -18.93
C VAL B 393 3.58 -4.17 -19.54
N LEU B 394 3.47 -2.99 -18.90
CA LEU B 394 4.22 -1.84 -19.37
C LEU B 394 5.72 -2.05 -19.20
N GLU B 395 6.13 -2.59 -18.05
CA GLU B 395 7.55 -2.94 -17.87
C GLU B 395 7.99 -3.99 -18.88
N GLU B 396 7.12 -4.96 -19.17
CA GLU B 396 7.50 -6.04 -20.08
C GLU B 396 7.73 -5.51 -21.49
N LEU B 397 6.76 -4.76 -22.02
CA LEU B 397 6.77 -4.41 -23.44
C LEU B 397 7.57 -3.15 -23.74
N THR B 398 7.77 -2.26 -22.77
CA THR B 398 8.64 -1.10 -22.97
C THR B 398 10.06 -1.34 -22.46
N GLU B 399 10.24 -2.25 -21.50
CA GLU B 399 11.51 -2.50 -20.84
C GLU B 399 11.99 -1.31 -20.02
N LEU B 400 11.15 -0.26 -19.88
CA LEU B 400 11.49 0.93 -19.12
C LEU B 400 11.06 0.77 -17.66
N PRO B 401 11.74 1.44 -16.73
CA PRO B 401 11.20 1.54 -15.37
C PRO B 401 9.83 2.19 -15.40
N VAL B 402 8.88 1.60 -14.67
CA VAL B 402 7.53 2.12 -14.57
C VAL B 402 7.22 2.34 -13.09
N MET B 403 6.92 3.58 -12.75
CA MET B 403 6.60 3.97 -11.38
C MET B 403 5.15 4.44 -11.35
N VAL B 404 4.40 3.98 -10.36
CA VAL B 404 2.99 4.32 -10.21
C VAL B 404 2.83 5.06 -8.88
N GLU B 405 2.21 6.24 -8.94
CA GLU B 405 2.19 7.16 -7.81
C GLU B 405 0.77 7.62 -7.54
N LEU B 406 0.39 7.60 -6.26
CA LEU B 406 -0.81 8.31 -5.82
C LEU B 406 -0.54 9.81 -5.85
N ALA B 407 -1.41 10.55 -6.55
CA ALA B 407 -1.13 11.96 -6.81
C ALA B 407 -0.91 12.75 -5.53
N SER B 408 -1.75 12.53 -4.51
CA SER B 408 -1.63 13.30 -3.28
C SER B 408 -0.26 13.10 -2.64
N ASP B 409 0.21 11.85 -2.60
CA ASP B 409 1.52 11.58 -2.01
C ASP B 409 2.64 12.04 -2.93
N PHE B 410 2.44 11.89 -4.24
CA PHE B 410 3.40 12.40 -5.21
C PHE B 410 3.72 13.87 -4.94
N LEU B 411 2.69 14.68 -4.66
CA LEU B 411 2.91 16.09 -4.40
C LEU B 411 3.55 16.31 -3.02
N ASP B 412 3.09 15.58 -2.00
CA ASP B 412 3.61 15.77 -0.65
C ASP B 412 5.12 15.56 -0.59
N ARG B 413 5.66 14.66 -1.39
CA ARG B 413 7.08 14.31 -1.29
C ARG B 413 7.97 15.11 -2.22
N ASN B 414 7.40 15.95 -3.08
CA ASN B 414 8.16 16.64 -4.13
C ASN B 414 9.02 15.64 -4.90
N THR B 415 8.35 14.63 -5.45
CA THR B 415 9.02 13.52 -6.11
C THR B 415 9.96 14.04 -7.19
N PRO B 416 11.19 13.52 -7.27
CA PRO B 416 12.10 13.94 -8.36
C PRO B 416 11.54 13.56 -9.73
N VAL B 417 11.54 14.53 -10.64
CA VAL B 417 11.12 14.34 -12.02
C VAL B 417 12.13 15.02 -12.92
N PHE B 418 12.35 14.44 -14.11
CA PHE B 418 13.40 14.89 -15.01
C PHE B 418 12.86 15.07 -16.41
N ARG B 419 13.70 15.68 -17.26
CA ARG B 419 13.26 16.05 -18.61
C ARG B 419 13.00 14.82 -19.48
N ASP B 420 13.70 13.70 -19.22
CA ASP B 420 13.50 12.48 -19.98
C ASP B 420 12.57 11.50 -19.28
N ASP B 421 11.68 12.02 -18.42
CA ASP B 421 10.58 11.24 -17.87
C ASP B 421 9.35 11.41 -18.74
N VAL B 422 8.63 10.32 -18.96
CA VAL B 422 7.30 10.35 -19.55
C VAL B 422 6.30 10.14 -18.42
N CYS B 423 5.45 11.13 -18.20
CA CYS B 423 4.52 11.12 -17.08
C CYS B 423 3.09 10.99 -17.61
N PHE B 424 2.41 9.93 -17.20
CA PHE B 424 1.03 9.68 -17.57
C PHE B 424 0.11 10.11 -16.43
N PHE B 425 -1.03 10.69 -16.79
CA PHE B 425 -2.00 11.19 -15.83
C PHE B 425 -3.35 10.59 -16.15
N LEU B 426 -3.77 9.64 -15.32
CA LEU B 426 -5.00 8.87 -15.54
C LEU B 426 -6.12 9.54 -14.76
N SER B 427 -7.12 10.05 -15.48
CA SER B 427 -8.21 10.79 -14.86
C SER B 427 -9.44 10.66 -15.74
N GLN B 428 -10.44 9.90 -15.26
CA GLN B 428 -11.71 9.82 -15.96
C GLN B 428 -12.28 11.21 -16.23
N SER B 429 -12.30 12.06 -15.20
CA SER B 429 -12.88 13.39 -15.32
C SER B 429 -11.94 14.38 -15.99
N GLY B 430 -10.63 14.15 -15.89
CA GLY B 430 -9.67 15.11 -16.38
C GLY B 430 -9.61 16.40 -15.59
N GLU B 431 -10.23 16.43 -14.40
CA GLU B 431 -10.26 17.64 -13.58
C GLU B 431 -9.81 17.39 -12.15
N THR B 432 -9.48 16.16 -11.78
CA THR B 432 -9.09 15.84 -10.41
C THR B 432 -7.96 16.76 -9.96
N ALA B 433 -8.14 17.37 -8.79
CA ALA B 433 -7.22 18.41 -8.33
C ALA B 433 -5.79 17.87 -8.19
N ASP B 434 -5.62 16.80 -7.41
CA ASP B 434 -4.27 16.30 -7.15
C ASP B 434 -3.60 15.84 -8.44
N THR B 435 -4.33 15.10 -9.28
CA THR B 435 -3.77 14.67 -10.56
C THR B 435 -3.39 15.87 -11.42
N LEU B 436 -4.20 16.93 -11.40
CA LEU B 436 -3.94 18.10 -12.23
C LEU B 436 -2.74 18.88 -11.72
N MET B 437 -2.59 18.99 -10.39
CA MET B 437 -1.43 19.68 -9.85
C MET B 437 -0.15 18.88 -10.09
N GLY B 438 -0.24 17.55 -10.05
CA GLY B 438 0.89 16.74 -10.45
C GLY B 438 1.31 16.98 -11.88
N LEU B 439 0.33 17.20 -12.76
CA LEU B 439 0.63 17.50 -14.16
C LEU B 439 1.43 18.78 -14.27
N ARG B 440 0.96 19.85 -13.65
CA ARG B 440 1.68 21.12 -13.72
C ARG B 440 3.03 21.03 -13.00
N TYR B 441 3.13 20.18 -11.99
CA TYR B 441 4.42 19.92 -11.36
C TYR B 441 5.39 19.28 -12.34
N CYS B 442 4.93 18.29 -13.11
CA CYS B 442 5.80 17.60 -14.05
C CYS B 442 6.14 18.47 -15.26
N LYS B 443 5.21 19.32 -15.69
CA LYS B 443 5.52 20.23 -16.79
C LYS B 443 6.61 21.22 -16.40
N GLU B 444 6.54 21.74 -15.18
CA GLU B 444 7.56 22.70 -14.74
C GLU B 444 8.95 22.09 -14.78
N ARG B 445 9.06 20.77 -14.65
CA ARG B 445 10.35 20.09 -14.68
C ARG B 445 10.70 19.54 -16.06
N GLY B 446 9.94 19.91 -17.09
CA GLY B 446 10.31 19.58 -18.46
C GLY B 446 9.97 18.17 -18.90
N ALA B 447 9.18 17.44 -18.12
CA ALA B 447 8.84 16.08 -18.50
C ALA B 447 7.84 16.08 -19.66
N LEU B 448 7.84 14.97 -20.41
CA LEU B 448 6.84 14.75 -21.44
C LEU B 448 5.58 14.19 -20.79
N THR B 449 4.47 14.90 -20.94
CA THR B 449 3.24 14.60 -20.22
C THR B 449 2.19 14.02 -21.16
N VAL B 450 1.51 12.97 -20.70
CA VAL B 450 0.52 12.26 -21.49
C VAL B 450 -0.76 12.15 -20.67
N GLY B 451 -1.90 12.45 -21.31
CA GLY B 451 -3.17 12.38 -20.63
C GLY B 451 -4.03 11.22 -21.05
N ILE B 452 -4.47 10.41 -20.09
CA ILE B 452 -5.40 9.32 -20.32
C ILE B 452 -6.71 9.73 -19.67
N THR B 453 -7.63 10.28 -20.47
CA THR B 453 -8.82 10.90 -19.94
C THR B 453 -10.06 10.32 -20.62
N ASN B 454 -11.21 10.57 -19.99
CA ASN B 454 -12.51 10.22 -20.55
C ASN B 454 -13.37 11.45 -20.81
N THR B 455 -12.78 12.64 -20.78
CA THR B 455 -13.52 13.89 -20.92
C THR B 455 -12.75 14.79 -21.88
N VAL B 456 -13.33 15.06 -23.05
CA VAL B 456 -12.68 15.92 -24.01
C VAL B 456 -12.78 17.36 -23.54
N GLY B 457 -11.72 18.14 -23.77
CA GLY B 457 -11.66 19.51 -23.31
C GLY B 457 -11.38 19.68 -21.84
N SER B 458 -11.19 18.59 -21.10
CA SER B 458 -10.85 18.70 -19.69
C SER B 458 -9.46 19.28 -19.52
N SER B 459 -9.19 19.81 -18.32
CA SER B 459 -7.92 20.45 -18.05
C SER B 459 -6.75 19.53 -18.36
N ILE B 460 -6.84 18.27 -17.94
CA ILE B 460 -5.72 17.35 -18.09
C ILE B 460 -5.52 16.99 -19.56
N SER B 461 -6.59 16.90 -20.35
CA SER B 461 -6.44 16.60 -21.76
C SER B 461 -5.85 17.79 -22.52
N ARG B 462 -6.13 19.01 -22.06
CA ARG B 462 -5.63 20.20 -22.74
C ARG B 462 -4.17 20.48 -22.39
N GLU B 463 -3.80 20.35 -21.12
CA GLU B 463 -2.49 20.80 -20.65
C GLU B 463 -1.39 19.77 -20.83
N THR B 464 -1.72 18.55 -21.23
CA THR B 464 -0.70 17.54 -21.51
C THR B 464 -0.20 17.71 -22.95
N ASP B 465 1.06 17.32 -23.17
CA ASP B 465 1.63 17.43 -24.51
C ASP B 465 0.85 16.59 -25.51
N CYS B 466 0.38 15.42 -25.08
CA CYS B 466 -0.46 14.55 -25.89
C CYS B 466 -1.33 13.75 -24.95
N GLY B 467 -2.12 12.84 -25.51
CA GLY B 467 -2.98 12.03 -24.67
C GLY B 467 -3.87 11.14 -25.50
N VAL B 468 -4.70 10.38 -24.78
CA VAL B 468 -5.64 9.45 -25.39
C VAL B 468 -6.98 9.61 -24.67
N HIS B 469 -8.05 9.75 -25.45
CA HIS B 469 -9.41 9.73 -24.91
C HIS B 469 -9.90 8.28 -24.91
N ILE B 470 -10.18 7.74 -23.73
CA ILE B 470 -10.53 6.34 -23.64
C ILE B 470 -11.89 6.05 -24.27
N ASN B 471 -12.73 7.07 -24.44
CA ASN B 471 -13.97 6.96 -25.21
C ASN B 471 -14.87 5.85 -24.65
N ALA B 472 -15.05 5.85 -23.33
CA ALA B 472 -15.94 4.92 -22.67
C ALA B 472 -17.35 5.46 -22.51
N GLY B 473 -17.61 6.67 -22.97
CA GLY B 473 -18.90 7.30 -22.78
C GLY B 473 -18.99 7.94 -21.40
N PRO B 474 -19.98 8.80 -21.20
CA PRO B 474 -20.13 9.44 -19.88
C PRO B 474 -20.34 8.40 -18.79
N GLU B 475 -19.66 8.62 -17.66
CA GLU B 475 -19.81 7.77 -16.49
C GLU B 475 -20.56 8.58 -15.43
N ILE B 476 -21.78 8.16 -15.11
CA ILE B 476 -22.63 8.87 -14.18
C ILE B 476 -22.51 8.32 -12.76
N GLY B 477 -22.35 7.01 -12.64
CA GLY B 477 -22.19 6.42 -11.31
C GLY B 477 -20.96 6.98 -10.62
N VAL B 478 -21.09 7.23 -9.31
CA VAL B 478 -19.97 7.79 -8.56
C VAL B 478 -18.79 6.84 -8.57
N ALA B 479 -19.04 5.54 -8.40
CA ALA B 479 -17.99 4.54 -8.43
C ALA B 479 -17.66 4.19 -9.86
N SER B 480 -16.41 4.41 -10.26
CA SER B 480 -16.01 4.17 -11.65
C SER B 480 -15.96 2.67 -11.93
N THR B 481 -16.60 2.26 -13.02
CA THR B 481 -16.55 0.86 -13.45
C THR B 481 -15.98 0.77 -14.87
N LYS B 482 -16.69 1.27 -15.88
CA LYS B 482 -16.19 1.18 -17.25
C LYS B 482 -14.96 2.06 -17.46
N ALA B 483 -14.83 3.14 -16.69
CA ALA B 483 -13.63 3.97 -16.78
C ALA B 483 -12.38 3.17 -16.44
N TYR B 484 -12.47 2.30 -15.43
CA TYR B 484 -11.32 1.49 -15.04
C TYR B 484 -10.93 0.53 -16.15
N THR B 485 -11.89 -0.28 -16.62
CA THR B 485 -11.58 -1.25 -17.67
C THR B 485 -11.15 -0.57 -18.97
N SER B 486 -11.68 0.62 -19.25
CA SER B 486 -11.27 1.33 -20.46
C SER B 486 -9.86 1.90 -20.33
N GLN B 487 -9.52 2.45 -19.15
CA GLN B 487 -8.15 2.87 -18.90
C GLN B 487 -7.20 1.67 -19.02
N PHE B 488 -7.56 0.56 -18.38
CA PHE B 488 -6.80 -0.68 -18.52
C PHE B 488 -6.48 -0.96 -19.98
N VAL B 489 -7.52 -1.05 -20.81
CA VAL B 489 -7.32 -1.38 -22.22
C VAL B 489 -6.46 -0.31 -22.90
N SER B 490 -6.70 0.96 -22.58
CA SER B 490 -5.96 2.03 -23.23
C SER B 490 -4.46 1.91 -22.97
N LEU B 491 -4.09 1.63 -21.71
CA LEU B 491 -2.68 1.48 -21.39
C LEU B 491 -2.08 0.24 -22.05
N VAL B 492 -2.89 -0.81 -22.25
CA VAL B 492 -2.39 -1.99 -22.95
C VAL B 492 -2.12 -1.65 -24.41
N MET B 493 -3.00 -0.87 -25.04
CA MET B 493 -2.77 -0.47 -26.43
C MET B 493 -1.50 0.35 -26.56
N PHE B 494 -1.27 1.28 -25.62
CA PHE B 494 -0.02 2.04 -25.63
C PHE B 494 1.18 1.08 -25.53
N ALA B 495 1.11 0.11 -24.63
CA ALA B 495 2.18 -0.87 -24.51
C ALA B 495 2.43 -1.57 -25.83
N LEU B 496 1.35 -1.92 -26.55
CA LEU B 496 1.51 -2.61 -27.83
C LEU B 496 2.21 -1.74 -28.87
N MET B 497 1.96 -0.43 -28.85
CA MET B 497 2.67 0.46 -29.76
C MET B 497 4.15 0.51 -29.44
N MET B 498 4.50 0.61 -28.15
CA MET B 498 5.88 0.79 -27.74
C MET B 498 6.79 -0.35 -28.18
N CYS B 499 6.23 -1.52 -28.47
CA CYS B 499 7.03 -2.70 -28.82
C CYS B 499 6.75 -3.20 -30.23
N ASP B 500 6.11 -2.39 -31.08
CA ASP B 500 5.73 -2.85 -32.40
C ASP B 500 6.90 -2.96 -33.36
N ASP B 501 8.12 -2.64 -32.92
CA ASP B 501 9.32 -2.77 -33.76
C ASP B 501 10.28 -3.84 -33.24
N ARG B 502 9.83 -4.66 -32.28
CA ARG B 502 10.65 -5.72 -31.70
C ARG B 502 10.24 -7.06 -32.30
N ILE B 503 11.17 -7.67 -33.06
CA ILE B 503 10.91 -8.99 -33.62
C ILE B 503 10.58 -9.99 -32.52
N SER B 504 11.33 -9.93 -31.41
CA SER B 504 11.20 -10.91 -30.35
C SER B 504 9.84 -10.84 -29.66
N MET B 505 9.13 -9.72 -29.76
CA MET B 505 7.87 -9.53 -29.06
C MET B 505 6.66 -9.64 -29.99
N GLN B 506 6.86 -10.02 -31.25
CA GLN B 506 5.73 -10.07 -32.19
C GLN B 506 4.69 -11.10 -31.74
N GLU B 507 5.12 -12.31 -31.39
CA GLU B 507 4.17 -13.32 -30.94
C GLU B 507 3.45 -12.87 -29.68
N ARG B 508 4.18 -12.26 -28.73
CA ARG B 508 3.54 -11.75 -27.52
C ARG B 508 2.48 -10.70 -27.87
N ARG B 509 2.77 -9.84 -28.84
CA ARG B 509 1.77 -8.86 -29.27
C ARG B 509 0.55 -9.55 -29.85
N LYS B 510 0.77 -10.55 -30.72
CA LYS B 510 -0.35 -11.29 -31.30
C LYS B 510 -1.21 -11.91 -30.20
N GLU B 511 -0.58 -12.61 -29.26
CA GLU B 511 -1.32 -13.21 -28.15
C GLU B 511 -2.22 -12.18 -27.49
N ILE B 512 -1.68 -11.00 -27.19
CA ILE B 512 -2.44 -9.98 -26.48
C ILE B 512 -3.58 -9.46 -27.33
N MET B 513 -3.33 -9.21 -28.62
CA MET B 513 -4.36 -8.63 -29.48
C MET B 513 -5.49 -9.62 -29.73
N LEU B 514 -5.18 -10.91 -29.84
CA LEU B 514 -6.23 -11.91 -29.94
C LEU B 514 -7.08 -11.92 -28.67
N GLY B 515 -6.44 -11.79 -27.51
CA GLY B 515 -7.19 -11.66 -26.28
C GLY B 515 -8.13 -10.47 -26.30
N LEU B 516 -7.66 -9.34 -26.83
CA LEU B 516 -8.50 -8.15 -26.91
C LEU B 516 -9.69 -8.38 -27.84
N LYS B 517 -9.46 -9.12 -28.94
CA LYS B 517 -10.56 -9.42 -29.84
C LYS B 517 -11.63 -10.26 -29.15
N ARG B 518 -11.22 -11.20 -28.31
CA ARG B 518 -12.13 -12.09 -27.60
C ARG B 518 -12.63 -11.49 -26.29
N LEU B 519 -12.07 -10.37 -25.85
CA LEU B 519 -12.41 -9.83 -24.54
C LEU B 519 -13.87 -9.42 -24.42
N PRO B 520 -14.48 -8.72 -25.38
CA PRO B 520 -15.88 -8.33 -25.21
C PRO B 520 -16.81 -9.50 -24.94
N ASP B 521 -16.62 -10.63 -25.64
CA ASP B 521 -17.48 -11.79 -25.42
C ASP B 521 -17.20 -12.45 -24.08
N LEU B 522 -15.94 -12.45 -23.63
CA LEU B 522 -15.65 -13.02 -22.32
C LEU B 522 -16.22 -12.16 -21.20
N ILE B 523 -16.28 -10.85 -21.39
CA ILE B 523 -16.97 -10.00 -20.42
C ILE B 523 -18.45 -10.38 -20.35
N LYS B 524 -19.07 -10.65 -21.51
CA LYS B 524 -20.46 -11.10 -21.51
C LYS B 524 -20.62 -12.38 -20.72
N GLU B 525 -19.65 -13.30 -20.84
CA GLU B 525 -19.73 -14.55 -20.08
C GLU B 525 -19.68 -14.27 -18.58
N VAL B 526 -18.82 -13.34 -18.16
CA VAL B 526 -18.76 -12.99 -16.74
C VAL B 526 -20.07 -12.41 -16.27
N LEU B 527 -20.68 -11.53 -17.07
CA LEU B 527 -21.93 -10.90 -16.68
C LEU B 527 -23.06 -11.91 -16.55
N SER B 528 -22.97 -13.03 -17.28
CA SER B 528 -24.02 -14.04 -17.19
C SER B 528 -24.03 -14.75 -15.85
N MET B 529 -22.96 -14.62 -15.07
CA MET B 529 -22.91 -15.16 -13.71
C MET B 529 -23.46 -14.18 -12.69
N ASP B 530 -24.20 -13.16 -13.12
CA ASP B 530 -24.72 -12.14 -12.21
C ASP B 530 -25.50 -12.77 -11.06
N ASP B 531 -26.38 -13.73 -11.38
CA ASP B 531 -27.19 -14.36 -10.33
C ASP B 531 -26.33 -15.13 -9.35
N GLU B 532 -25.32 -15.85 -9.85
CA GLU B 532 -24.44 -16.60 -8.96
C GLU B 532 -23.70 -15.67 -8.00
N ILE B 533 -23.33 -14.48 -8.47
CA ILE B 533 -22.69 -13.50 -7.59
C ILE B 533 -23.68 -13.01 -6.55
N GLN B 534 -24.92 -12.76 -6.95
CA GLN B 534 -25.92 -12.26 -6.01
C GLN B 534 -26.14 -13.23 -4.87
N LYS B 535 -26.15 -14.54 -5.17
CA LYS B 535 -26.34 -15.54 -4.12
C LYS B 535 -25.23 -15.44 -3.07
N LEU B 536 -23.97 -15.40 -3.51
CA LEU B 536 -22.87 -15.27 -2.58
C LEU B 536 -22.98 -13.99 -1.76
N ALA B 537 -23.50 -12.92 -2.36
CA ALA B 537 -23.69 -11.68 -1.63
C ALA B 537 -24.66 -11.86 -0.47
N THR B 538 -25.68 -12.71 -0.63
CA THR B 538 -26.62 -12.96 0.46
C THR B 538 -25.93 -13.61 1.65
N GLU B 539 -24.78 -14.25 1.44
CA GLU B 539 -24.03 -14.89 2.50
C GLU B 539 -23.06 -13.95 3.21
N LEU B 540 -22.90 -12.72 2.70
CA LEU B 540 -21.89 -11.79 3.24
C LEU B 540 -22.42 -10.44 3.66
N TYR B 541 -23.63 -10.05 3.25
CA TYR B 541 -24.07 -8.68 3.49
C TYR B 541 -24.09 -8.33 4.97
N HIS B 542 -24.24 -9.33 5.84
CA HIS B 542 -24.29 -9.08 7.29
C HIS B 542 -22.91 -8.90 7.91
N GLN B 543 -21.84 -9.22 7.18
CA GLN B 543 -20.49 -9.17 7.74
C GLN B 543 -19.98 -7.73 7.82
N LYS B 544 -19.05 -7.51 8.74
CA LYS B 544 -18.45 -6.19 8.92
C LYS B 544 -17.19 -6.00 8.10
N SER B 545 -16.48 -7.07 7.78
CA SER B 545 -15.21 -6.98 7.08
C SER B 545 -15.10 -8.08 6.04
N VAL B 546 -14.20 -7.88 5.09
CA VAL B 546 -13.83 -8.90 4.11
C VAL B 546 -12.44 -8.56 3.59
N LEU B 547 -11.60 -9.57 3.48
CA LEU B 547 -10.25 -9.43 2.95
C LEU B 547 -10.21 -9.98 1.53
N ILE B 548 -9.62 -9.21 0.61
CA ILE B 548 -9.52 -9.61 -0.79
C ILE B 548 -8.04 -9.74 -1.12
N MET B 549 -7.63 -10.94 -1.48
CA MET B 549 -6.21 -11.30 -1.59
C MET B 549 -5.88 -11.68 -3.03
N GLY B 550 -4.82 -11.07 -3.55
CA GLY B 550 -4.33 -11.38 -4.87
C GLY B 550 -2.91 -10.87 -5.03
N ARG B 551 -2.23 -11.36 -6.07
CA ARG B 551 -0.87 -10.95 -6.34
C ARG B 551 -0.64 -10.87 -7.84
N GLY B 552 0.52 -10.31 -8.21
CA GLY B 552 0.85 -10.18 -9.61
C GLY B 552 -0.14 -9.30 -10.34
N TYR B 553 -0.65 -9.79 -11.46
CA TYR B 553 -1.60 -9.04 -12.27
C TYR B 553 -2.87 -8.70 -11.50
N HIS B 554 -3.16 -9.42 -10.41
CA HIS B 554 -4.41 -9.27 -9.69
C HIS B 554 -4.21 -8.58 -8.33
N TYR B 555 -3.04 -7.98 -8.11
CA TYR B 555 -2.89 -7.04 -7.01
C TYR B 555 -3.86 -5.88 -7.17
N ALA B 556 -3.87 -5.26 -8.35
CA ALA B 556 -4.81 -4.18 -8.62
C ALA B 556 -6.26 -4.65 -8.46
N THR B 557 -6.54 -5.89 -8.87
CA THR B 557 -7.90 -6.42 -8.78
C THR B 557 -8.39 -6.40 -7.33
N CYS B 558 -7.55 -6.86 -6.40
CA CYS B 558 -7.99 -6.93 -5.01
C CYS B 558 -8.03 -5.54 -4.37
N LEU B 559 -7.22 -4.60 -4.86
CA LEU B 559 -7.28 -3.23 -4.37
C LEU B 559 -8.53 -2.53 -4.89
N GLU B 560 -8.83 -2.69 -6.18
CA GLU B 560 -10.01 -2.06 -6.75
C GLU B 560 -11.29 -2.67 -6.20
N GLY B 561 -11.32 -3.99 -6.07
CA GLY B 561 -12.49 -4.62 -5.47
C GLY B 561 -12.72 -4.18 -4.05
N ALA B 562 -11.65 -4.04 -3.27
CA ALA B 562 -11.79 -3.58 -1.88
C ALA B 562 -12.30 -2.15 -1.83
N LEU B 563 -11.88 -1.31 -2.78
CA LEU B 563 -12.34 0.07 -2.80
C LEU B 563 -13.80 0.16 -3.18
N LYS B 564 -14.24 -0.65 -4.15
CA LYS B 564 -15.64 -0.64 -4.55
C LYS B 564 -16.54 -1.05 -3.38
N ILE B 565 -16.19 -2.14 -2.69
CA ILE B 565 -17.00 -2.61 -1.58
C ILE B 565 -17.00 -1.57 -0.46
N LYS B 566 -15.87 -0.90 -0.24
CA LYS B 566 -15.85 0.22 0.69
C LYS B 566 -16.85 1.30 0.29
N GLU B 567 -16.83 1.67 -1.00
CA GLU B 567 -17.45 2.92 -1.41
C GLU B 567 -18.97 2.86 -1.38
N ILE B 568 -19.57 1.76 -1.84
CA ILE B 568 -21.01 1.69 -1.99
C ILE B 568 -21.69 0.76 -0.99
N THR B 569 -20.97 -0.19 -0.39
CA THR B 569 -21.56 -1.08 0.60
C THR B 569 -21.22 -0.66 2.02
N TYR B 570 -20.12 0.04 2.23
CA TYR B 570 -19.67 0.53 3.53
C TYR B 570 -19.14 -0.59 4.42
N MET B 571 -18.99 -1.79 3.88
CA MET B 571 -18.28 -2.83 4.59
C MET B 571 -16.79 -2.50 4.63
N HIS B 572 -16.12 -3.00 5.67
CA HIS B 572 -14.68 -2.77 5.82
C HIS B 572 -13.93 -3.83 5.01
N SER B 573 -13.76 -3.54 3.72
CA SER B 573 -13.05 -4.42 2.82
C SER B 573 -11.66 -3.87 2.54
N GLU B 574 -10.66 -4.75 2.56
CA GLU B 574 -9.27 -4.35 2.39
C GLU B 574 -8.58 -5.30 1.42
N GLY B 575 -7.77 -4.74 0.53
CA GLY B 575 -6.97 -5.54 -0.38
C GLY B 575 -5.63 -5.85 0.25
N ILE B 576 -5.24 -7.13 0.19
CA ILE B 576 -4.01 -7.60 0.80
C ILE B 576 -3.20 -8.32 -0.26
N LEU B 577 -1.98 -7.87 -0.49
CA LEU B 577 -1.06 -8.55 -1.38
C LEU B 577 -0.80 -9.96 -0.86
N ALA B 578 -1.07 -10.96 -1.68
CA ALA B 578 -1.03 -12.35 -1.21
C ALA B 578 0.35 -12.71 -0.67
N GLY B 579 1.41 -12.28 -1.37
CA GLY B 579 2.75 -12.56 -0.89
C GLY B 579 3.08 -11.96 0.46
N GLU B 580 2.27 -11.02 0.94
CA GLU B 580 2.51 -10.36 2.22
C GLU B 580 1.77 -11.00 3.38
N LEU B 581 0.91 -11.99 3.13
CA LEU B 581 0.15 -12.61 4.20
C LEU B 581 1.06 -13.10 5.33
N LYS B 582 2.11 -13.84 4.98
CA LYS B 582 2.96 -14.46 5.99
C LYS B 582 3.67 -13.42 6.86
N HIS B 583 3.69 -12.16 6.46
CA HIS B 583 4.43 -11.14 7.17
C HIS B 583 3.55 -10.35 8.14
N GLY B 584 2.37 -10.86 8.48
CA GLY B 584 1.56 -10.26 9.52
C GLY B 584 0.07 -10.36 9.31
N PRO B 585 -0.41 -9.86 8.16
CA PRO B 585 -1.86 -9.81 7.94
C PRO B 585 -2.58 -11.15 8.06
N LEU B 586 -1.87 -12.28 7.87
CA LEU B 586 -2.52 -13.58 7.97
C LEU B 586 -3.09 -13.83 9.37
N ALA B 587 -2.55 -13.18 10.40
CA ALA B 587 -3.06 -13.37 11.74
C ALA B 587 -4.52 -12.99 11.88
N LEU B 588 -5.02 -12.13 10.99
CA LEU B 588 -6.39 -11.67 11.05
C LEU B 588 -7.38 -12.68 10.49
N VAL B 589 -6.90 -13.80 9.96
CA VAL B 589 -7.76 -14.79 9.30
C VAL B 589 -8.17 -15.85 10.32
N ASP B 590 -9.47 -16.10 10.41
CA ASP B 590 -10.02 -17.22 11.17
C ASP B 590 -11.25 -17.72 10.44
N LYS B 591 -11.97 -18.66 11.06
CA LYS B 591 -13.17 -19.20 10.43
C LYS B 591 -14.26 -18.15 10.27
N LEU B 592 -14.19 -17.05 11.01
CA LEU B 592 -15.22 -16.03 10.96
C LEU B 592 -14.93 -14.92 9.95
N MET B 593 -13.66 -14.67 9.64
CA MET B 593 -13.29 -13.55 8.79
C MET B 593 -13.58 -13.89 7.33
N PRO B 594 -14.46 -13.18 6.64
CA PRO B 594 -14.68 -13.45 5.21
C PRO B 594 -13.44 -13.12 4.39
N VAL B 595 -13.18 -13.95 3.39
CA VAL B 595 -11.99 -13.83 2.56
C VAL B 595 -12.37 -14.13 1.11
N ILE B 596 -11.85 -13.33 0.20
CA ILE B 596 -11.96 -13.57 -1.23
C ILE B 596 -10.55 -13.62 -1.80
N MET B 597 -10.24 -14.70 -2.52
CA MET B 597 -8.93 -14.88 -3.12
C MET B 597 -9.06 -14.96 -4.63
N ILE B 598 -8.06 -14.44 -5.33
CA ILE B 598 -7.98 -14.48 -6.78
C ILE B 598 -6.81 -15.39 -7.15
N ILE B 599 -7.11 -16.48 -7.86
CA ILE B 599 -6.12 -17.47 -8.25
C ILE B 599 -6.35 -17.76 -9.73
N MET B 600 -5.54 -17.14 -10.58
CA MET B 600 -5.66 -17.31 -12.02
C MET B 600 -4.49 -18.13 -12.55
N ARG B 601 -4.68 -18.66 -13.76
CA ARG B 601 -3.67 -19.52 -14.38
C ARG B 601 -2.66 -18.64 -15.11
N ASP B 602 -1.76 -18.05 -14.32
CA ASP B 602 -0.59 -17.36 -14.84
C ASP B 602 0.64 -17.86 -14.09
N HIS B 603 1.76 -17.18 -14.23
CA HIS B 603 3.01 -17.68 -13.67
C HIS B 603 3.04 -17.65 -12.14
N THR B 604 2.08 -17.00 -11.48
CA THR B 604 2.02 -16.96 -10.03
C THR B 604 1.05 -17.98 -9.46
N TYR B 605 0.53 -18.90 -10.29
CA TYR B 605 -0.49 -19.84 -9.84
C TYR B 605 -0.02 -20.61 -8.62
N ALA B 606 1.18 -21.20 -8.68
CA ALA B 606 1.68 -21.99 -7.57
C ALA B 606 1.76 -21.17 -6.29
N LYS B 607 2.29 -19.93 -6.39
CA LYS B 607 2.37 -19.07 -5.21
C LYS B 607 0.98 -18.75 -4.67
N CYS B 608 0.01 -18.53 -5.56
CA CYS B 608 -1.35 -18.28 -5.12
C CYS B 608 -1.93 -19.49 -4.39
N GLN B 609 -1.58 -20.69 -4.84
CA GLN B 609 -2.04 -21.90 -4.16
C GLN B 609 -1.46 -22.00 -2.75
N ASN B 610 -0.20 -21.58 -2.58
CA ASN B 610 0.39 -21.59 -1.25
C ASN B 610 -0.33 -20.62 -0.32
N ALA B 611 -0.61 -19.41 -0.82
CA ALA B 611 -1.40 -18.46 -0.03
C ALA B 611 -2.75 -19.04 0.34
N LEU B 612 -3.39 -19.74 -0.58
CA LEU B 612 -4.68 -20.37 -0.29
C LEU B 612 -4.54 -21.44 0.78
N GLN B 613 -3.51 -22.28 0.69
CA GLN B 613 -3.28 -23.29 1.71
C GLN B 613 -3.04 -22.64 3.07
N GLN B 614 -2.35 -21.51 3.10
CA GLN B 614 -2.13 -20.81 4.36
C GLN B 614 -3.44 -20.29 4.94
N VAL B 615 -4.32 -19.75 4.10
CA VAL B 615 -5.61 -19.26 4.57
C VAL B 615 -6.43 -20.41 5.15
N VAL B 616 -6.43 -21.57 4.48
CA VAL B 616 -7.20 -22.71 4.95
C VAL B 616 -6.64 -23.23 6.27
N ALA B 617 -5.31 -23.25 6.40
CA ALA B 617 -4.70 -23.71 7.65
C ALA B 617 -5.18 -22.87 8.82
N ARG B 618 -5.41 -21.57 8.59
CA ARG B 618 -5.97 -20.69 9.61
C ARG B 618 -7.49 -20.80 9.70
N GLN B 619 -8.08 -21.88 9.21
CA GLN B 619 -9.52 -22.15 9.25
C GLN B 619 -10.32 -21.21 8.37
N GLY B 620 -9.69 -20.48 7.47
CA GLY B 620 -10.43 -19.63 6.57
C GLY B 620 -11.22 -20.43 5.54
N ARG B 621 -12.39 -19.90 5.16
CA ARG B 621 -13.28 -20.51 4.19
C ARG B 621 -13.51 -19.51 3.07
N PRO B 622 -12.53 -19.32 2.19
CA PRO B 622 -12.59 -18.22 1.24
C PRO B 622 -13.38 -18.52 -0.02
N VAL B 623 -13.92 -17.44 -0.60
CA VAL B 623 -14.41 -17.47 -1.96
C VAL B 623 -13.24 -17.25 -2.90
N VAL B 624 -13.07 -18.14 -3.87
CA VAL B 624 -11.93 -18.10 -4.77
C VAL B 624 -12.44 -17.74 -6.17
N ILE B 625 -11.94 -16.64 -6.71
CA ILE B 625 -12.14 -16.29 -8.10
C ILE B 625 -11.04 -16.99 -8.89
N CYS B 626 -11.42 -17.94 -9.75
CA CYS B 626 -10.46 -18.77 -10.45
C CYS B 626 -10.93 -18.98 -11.88
N ASP B 627 -10.10 -19.68 -12.65
CA ASP B 627 -10.41 -20.01 -14.04
C ASP B 627 -11.36 -21.21 -14.09
N LYS B 628 -12.12 -21.29 -15.19
CA LYS B 628 -13.08 -22.38 -15.34
C LYS B 628 -12.38 -23.73 -15.39
N GLU B 629 -11.21 -23.80 -16.04
CA GLU B 629 -10.51 -25.07 -16.18
C GLU B 629 -9.72 -25.45 -14.94
N ASP B 630 -9.58 -24.55 -13.97
CA ASP B 630 -8.82 -24.84 -12.76
C ASP B 630 -9.55 -25.88 -11.92
N THR B 631 -9.55 -27.14 -12.39
CA THR B 631 -10.35 -28.17 -11.73
C THR B 631 -9.87 -28.42 -10.30
N GLU B 632 -8.56 -28.35 -10.06
CA GLU B 632 -8.03 -28.59 -8.72
C GLU B 632 -8.63 -27.61 -7.72
N THR B 633 -8.60 -26.31 -8.06
CA THR B 633 -9.15 -25.30 -7.16
C THR B 633 -10.65 -25.48 -6.97
N ILE B 634 -11.35 -25.84 -8.06
CA ILE B 634 -12.81 -25.92 -8.00
C ILE B 634 -13.25 -27.09 -7.13
N LYS B 635 -12.51 -28.19 -7.13
CA LYS B 635 -12.89 -29.34 -6.32
C LYS B 635 -12.68 -29.09 -4.84
N ASN B 636 -11.58 -28.44 -4.48
CA ASN B 636 -11.20 -28.27 -3.09
C ASN B 636 -11.75 -27.01 -2.45
N THR B 637 -12.58 -26.25 -3.15
CA THR B 637 -13.15 -25.02 -2.62
C THR B 637 -14.66 -25.04 -2.84
N LYS B 638 -15.41 -24.75 -1.78
CA LYS B 638 -16.87 -24.75 -1.86
C LYS B 638 -17.35 -23.64 -2.80
N ARG B 639 -17.09 -22.39 -2.44
CA ARG B 639 -17.54 -21.25 -3.23
C ARG B 639 -16.43 -20.83 -4.18
N THR B 640 -16.67 -20.95 -5.48
CA THR B 640 -15.74 -20.50 -6.50
C THR B 640 -16.50 -19.72 -7.57
N ILE B 641 -15.90 -18.61 -8.01
CA ILE B 641 -16.42 -17.83 -9.12
C ILE B 641 -15.52 -18.14 -10.32
N LYS B 642 -16.05 -18.90 -11.27
CA LYS B 642 -15.28 -19.45 -12.37
C LYS B 642 -15.39 -18.51 -13.57
N VAL B 643 -14.31 -17.79 -13.86
CA VAL B 643 -14.28 -16.85 -14.97
C VAL B 643 -13.52 -17.49 -16.13
N PRO B 644 -13.78 -17.10 -17.37
CA PRO B 644 -13.05 -17.69 -18.50
C PRO B 644 -11.63 -17.18 -18.57
N HIS B 645 -10.77 -17.98 -19.19
CA HIS B 645 -9.35 -17.66 -19.28
C HIS B 645 -9.09 -16.67 -20.40
N SER B 646 -8.23 -15.68 -20.12
CA SER B 646 -7.75 -14.76 -21.13
C SER B 646 -6.24 -14.67 -21.01
N VAL B 647 -5.62 -13.77 -21.77
CA VAL B 647 -4.19 -13.57 -21.63
C VAL B 647 -3.90 -13.04 -20.23
N ASP B 648 -2.75 -13.44 -19.68
CA ASP B 648 -2.43 -13.10 -18.30
C ASP B 648 -2.53 -11.60 -18.04
N CYS B 649 -2.04 -10.78 -18.98
CA CYS B 649 -2.03 -9.34 -18.79
C CYS B 649 -3.38 -8.69 -19.09
N LEU B 650 -4.38 -9.47 -19.50
CA LEU B 650 -5.75 -8.98 -19.61
C LEU B 650 -6.69 -9.56 -18.58
N GLN B 651 -6.29 -10.63 -17.89
CA GLN B 651 -7.18 -11.32 -16.97
C GLN B 651 -7.71 -10.39 -15.89
N GLY B 652 -6.96 -9.35 -15.53
CA GLY B 652 -7.42 -8.42 -14.52
C GLY B 652 -8.75 -7.78 -14.85
N ILE B 653 -9.05 -7.61 -16.14
CA ILE B 653 -10.33 -7.05 -16.54
C ILE B 653 -11.46 -8.00 -16.20
N LEU B 654 -11.25 -9.30 -16.44
CA LEU B 654 -12.29 -10.29 -16.15
C LEU B 654 -12.42 -10.59 -14.67
N SER B 655 -11.33 -10.54 -13.92
CA SER B 655 -11.36 -10.86 -12.50
C SER B 655 -11.93 -9.74 -11.64
N VAL B 656 -11.95 -8.50 -12.15
CA VAL B 656 -12.47 -7.40 -11.36
C VAL B 656 -13.98 -7.28 -11.51
N ILE B 657 -14.53 -7.74 -12.63
CA ILE B 657 -15.96 -7.55 -12.86
C ILE B 657 -16.79 -8.27 -11.81
N PRO B 658 -16.49 -9.51 -11.42
CA PRO B 658 -17.25 -10.12 -10.33
C PRO B 658 -17.25 -9.28 -9.05
N LEU B 659 -16.14 -8.61 -8.75
CA LEU B 659 -16.09 -7.76 -7.57
C LEU B 659 -16.89 -6.48 -7.75
N GLN B 660 -16.98 -5.97 -8.98
CA GLN B 660 -17.93 -4.91 -9.27
C GLN B 660 -19.34 -5.38 -8.98
N LEU B 661 -19.72 -6.53 -9.52
CA LEU B 661 -21.06 -7.05 -9.31
C LEU B 661 -21.32 -7.34 -7.84
N LEU B 662 -20.33 -7.92 -7.15
CA LEU B 662 -20.51 -8.23 -5.74
C LEU B 662 -20.79 -6.97 -4.93
N ALA B 663 -19.97 -5.93 -5.14
CA ALA B 663 -20.20 -4.66 -4.45
C ALA B 663 -21.62 -4.15 -4.69
N PHE B 664 -22.09 -4.24 -5.94
CA PHE B 664 -23.44 -3.80 -6.27
C PHE B 664 -24.47 -4.57 -5.45
N HIS B 665 -24.43 -5.91 -5.50
CA HIS B 665 -25.43 -6.71 -4.82
C HIS B 665 -25.36 -6.52 -3.32
N LEU B 666 -24.16 -6.44 -2.75
CA LEU B 666 -24.03 -6.19 -1.32
C LEU B 666 -24.70 -4.89 -0.93
N ALA B 667 -24.53 -3.84 -1.74
CA ALA B 667 -25.15 -2.56 -1.44
C ALA B 667 -26.67 -2.67 -1.45
N VAL B 668 -27.22 -3.38 -2.44
CA VAL B 668 -28.67 -3.54 -2.52
C VAL B 668 -29.18 -4.29 -1.30
N LEU B 669 -28.51 -5.38 -0.93
CA LEU B 669 -28.92 -6.15 0.23
C LEU B 669 -28.92 -5.31 1.50
N ARG B 670 -27.94 -4.40 1.62
CA ARG B 670 -27.82 -3.55 2.80
C ARG B 670 -28.67 -2.29 2.71
N GLY B 671 -29.51 -2.18 1.68
CA GLY B 671 -30.43 -1.06 1.58
C GLY B 671 -29.80 0.26 1.22
N TYR B 672 -28.65 0.25 0.55
CA TYR B 672 -27.96 1.47 0.16
C TYR B 672 -28.13 1.73 -1.33
N ASP B 673 -27.87 2.98 -1.71
CA ASP B 673 -27.97 3.41 -3.10
C ASP B 673 -26.60 3.32 -3.76
N VAL B 674 -26.53 2.61 -4.88
CA VAL B 674 -25.25 2.36 -5.54
C VAL B 674 -24.76 3.57 -6.33
N ASP B 675 -25.65 4.48 -6.70
CA ASP B 675 -25.25 5.65 -7.47
C ASP B 675 -24.90 6.85 -6.60
N PHE B 676 -25.37 6.89 -5.35
CA PHE B 676 -25.16 8.03 -4.46
C PHE B 676 -24.65 7.53 -3.11
N PRO B 677 -23.42 7.02 -3.07
CA PRO B 677 -22.85 6.60 -1.79
C PRO B 677 -22.64 7.78 -0.86
N ARG B 678 -22.83 7.52 0.43
CA ARG B 678 -22.72 8.56 1.44
C ARG B 678 -21.31 9.13 1.48
N ASN B 679 -21.22 10.37 1.98
CA ASN B 679 -19.98 11.02 2.38
C ASN B 679 -19.12 11.49 1.22
N LEU B 680 -19.63 11.53 -0.01
CA LEU B 680 -18.80 11.95 -1.13
C LEU B 680 -19.66 12.07 -2.39
N ALA B 681 -19.01 12.44 -3.49
CA ALA B 681 -19.62 12.51 -4.80
C ALA B 681 -18.56 12.09 -5.81
N LYS B 682 -18.78 12.39 -7.09
CA LYS B 682 -17.89 11.98 -8.16
C LYS B 682 -16.94 13.10 -8.54
N SER B 683 -15.69 12.75 -8.82
CA SER B 683 -14.67 13.70 -9.27
C SER B 683 -14.30 14.69 -8.18
N VAL B 684 -13.07 14.58 -7.66
CA VAL B 684 -12.59 15.46 -6.60
C VAL B 684 -11.84 16.60 -7.26
N THR B 685 -12.52 17.73 -7.47
CA THR B 685 -11.96 18.87 -8.17
C THR B 685 -11.46 19.96 -7.24
N VAL B 686 -11.64 19.81 -5.92
CA VAL B 686 -11.12 20.77 -4.95
C VAL B 686 -10.24 20.03 -3.95
N GLU B 687 -9.75 20.74 -2.94
CA GLU B 687 -8.90 20.13 -1.92
C GLU B 687 -9.62 18.96 -1.26
C1 AGP C . 6.49 -7.10 11.39
O1 AGP C . 5.67 -7.13 12.52
C2 AGP C . 7.00 -8.52 11.11
N2 AGP C . 8.24 -8.68 11.84
C3 AGP C . 7.19 -8.79 9.61
O3 AGP C . 6.35 -7.97 8.84
C4 AGP C . 8.63 -8.55 9.14
O4 AGP C . 8.89 -7.18 9.06
C5 AGP C . 8.75 -9.18 7.75
O5 AGP C . 8.51 -10.55 7.86
C6 AGP C . 10.17 -8.95 7.23
O6 AGP C . 11.07 -9.67 8.00
P AGP C . 12.65 -9.25 7.95
O1P AGP C . 13.43 -10.15 8.89
O2P AGP C . 13.16 -9.40 6.54
O3P AGP C . 12.79 -7.81 8.39
H11 AGP C . 7.24 -6.51 11.55
H12 AGP C . 5.97 -6.78 10.64
HO1 AGP C . 4.88 -7.33 12.29
H2 AGP C . 6.35 -9.15 11.45
HN21 AGP C . 8.13 -8.45 12.69
HN22 AGP C . 8.50 -9.53 11.80
H3 AGP C . 6.96 -9.72 9.43
HO3 AGP C . 5.62 -8.38 8.70
H4 AGP C . 9.26 -8.97 9.72
HO4 AGP C . 8.75 -6.90 8.27
H5 AGP C . 8.10 -8.78 7.15
HO5 AGP C . 9.17 -10.98 7.54
H61 AGP C . 10.22 -9.23 6.29
H62 AGP C . 10.38 -8.00 7.28
N GLU D . 11.26 -31.18 8.17
CA GLU D . 11.68 -31.60 9.53
C GLU D . 10.50 -32.16 10.31
O GLU D . 10.67 -32.98 11.22
CB GLU D . 12.32 -30.44 10.29
CG GLU D . 11.45 -29.19 10.34
CD GLU D . 12.06 -28.10 11.21
OE1 GLU D . 11.98 -28.19 12.44
OE2 GLU D . 12.63 -27.15 10.63
OXT GLU D . 9.35 -31.80 10.06
H1 GLU D . 11.60 -30.37 7.99
H2 GLU D . 11.54 -31.76 7.57
H3 GLU D . 10.37 -31.13 8.14
HA GLU D . 12.34 -32.31 9.45
HB2 GLU D . 12.49 -30.71 11.20
HB3 GLU D . 13.15 -30.20 9.85
HG2 GLU D . 11.34 -28.84 9.45
HG3 GLU D . 10.58 -29.42 10.73
C1 AGP E . -13.68 5.15 -7.08
O1 AGP E . -14.75 4.30 -7.40
C2 AGP E . -13.84 6.48 -7.83
N2 AGP E . -13.88 6.21 -9.26
C3 AGP E . -12.67 7.41 -7.49
O3 AGP E . -11.68 6.69 -6.82
C4 AGP E . -12.07 8.03 -8.74
O4 AGP E . -11.35 7.06 -9.44
C5 AGP E . -11.12 9.14 -8.30
O5 AGP E . -11.87 10.18 -7.73
C6 AGP E . -10.34 9.66 -9.49
O6 AGP E . -11.19 10.33 -10.38
P AGP E . -10.67 10.59 -11.93
O1P AGP E . -10.48 9.27 -12.63
O2P AGP E . -9.36 11.33 -11.89
O3P AGP E . -11.70 11.42 -12.66
H11 AGP E . -13.68 5.32 -6.13
H12 AGP E . -12.85 4.74 -7.33
HO1 AGP E . -15.37 4.40 -6.84
H2 AGP E . -14.67 6.90 -7.56
HN21 AGP E . -14.70 6.33 -9.56
HN22 AGP E . -13.63 5.37 -9.41
H3 AGP E . -13.00 8.12 -6.91
HO3 AGP E . -11.76 6.81 -5.98
H4 AGP E . -12.76 8.40 -9.30
HO4 AGP E . -11.60 7.05 -10.26
H5 AGP E . -10.50 8.79 -7.63
HO5 AGP E . -11.87 10.85 -8.26
H61 AGP E . -9.89 8.93 -9.95
H62 AGP E . -9.66 10.29 -9.18
#